data_7PAE
# 
_entry.id   7PAE 
# 
_audit_conform.dict_name       mmcif_pdbx.dic 
_audit_conform.dict_version    5.384 
_audit_conform.dict_location   http://mmcif.pdb.org/dictionaries/ascii/mmcif_pdbx.dic 
# 
loop_
_database_2.database_id 
_database_2.database_code 
_database_2.pdbx_database_accession 
_database_2.pdbx_DOI 
PDB   7PAE         pdb_00007pae 10.2210/pdb7pae/pdb 
WWPDB D_1292117357 ?            ?                   
# 
loop_
_pdbx_audit_revision_history.ordinal 
_pdbx_audit_revision_history.data_content_type 
_pdbx_audit_revision_history.major_revision 
_pdbx_audit_revision_history.minor_revision 
_pdbx_audit_revision_history.revision_date 
1 'Structure model' 1 0 2022-06-08 
2 'Structure model' 1 1 2024-01-31 
# 
_pdbx_audit_revision_details.ordinal             1 
_pdbx_audit_revision_details.revision_ordinal    1 
_pdbx_audit_revision_details.data_content_type   'Structure model' 
_pdbx_audit_revision_details.provider            repository 
_pdbx_audit_revision_details.type                'Initial release' 
_pdbx_audit_revision_details.description         ? 
_pdbx_audit_revision_details.details             ? 
# 
loop_
_pdbx_audit_revision_group.ordinal 
_pdbx_audit_revision_group.revision_ordinal 
_pdbx_audit_revision_group.data_content_type 
_pdbx_audit_revision_group.group 
1 2 'Structure model' 'Data collection'        
2 2 'Structure model' 'Refinement description' 
# 
loop_
_pdbx_audit_revision_category.ordinal 
_pdbx_audit_revision_category.revision_ordinal 
_pdbx_audit_revision_category.data_content_type 
_pdbx_audit_revision_category.category 
1 2 'Structure model' chem_comp_atom                
2 2 'Structure model' chem_comp_bond                
3 2 'Structure model' pdbx_initial_refinement_model 
# 
_pdbx_database_status.status_code                     REL 
_pdbx_database_status.status_code_sf                  REL 
_pdbx_database_status.status_code_mr                  ? 
_pdbx_database_status.entry_id                        7PAE 
_pdbx_database_status.recvd_initial_deposition_date   2021-07-29 
_pdbx_database_status.SG_entry                        N 
_pdbx_database_status.deposit_site                    PDBE 
_pdbx_database_status.process_site                    PDBE 
_pdbx_database_status.status_code_cs                  ? 
_pdbx_database_status.status_code_nmr_data            ? 
_pdbx_database_status.methods_development_category    ? 
_pdbx_database_status.pdb_format_compatible           Y 
# 
loop_
_audit_author.name 
_audit_author.pdbx_ordinal 
_audit_author.identifier_ORCID 
'Beaumont, E.' 1 0000-0003-4813-1141 
'Williams, D.' 2 0000-0001-7057-6863 
# 
_citation.abstract                  ? 
_citation.abstract_id_CAS           ? 
_citation.book_id_ISBN              ? 
_citation.book_publisher            ? 
_citation.book_publisher_city       ? 
_citation.book_title                ? 
_citation.coordinate_linkage        ? 
_citation.country                   ? 
_citation.database_id_Medline       ? 
_citation.details                   ? 
_citation.id                        primary 
_citation.journal_abbrev            'Blood Cancer J' 
_citation.journal_id_ASTM           ? 
_citation.journal_id_CSD            ? 
_citation.journal_id_ISSN           2044-5385 
_citation.journal_full              ? 
_citation.journal_issue             ? 
_citation.journal_volume            12 
_citation.language                  ? 
_citation.page_first                64 
_citation.page_last                 64 
_citation.title                     
'Validation of a small molecule inhibitor of PDE6D-RAS interaction with favorable anti-leukemic effects.' 
_citation.year                      2022 
_citation.database_id_CSD           ? 
_citation.pdbx_database_id_DOI      10.1038/s41408-022-00663-z 
_citation.pdbx_database_id_PubMed   35422065 
_citation.pdbx_database_id_patent   ? 
_citation.unpublished_flag          ? 
# 
loop_
_citation_author.citation_id 
_citation_author.name 
_citation_author.ordinal 
_citation_author.identifier_ORCID 
primary 'Canovas Nunes, S.' 1  0000-0002-5582-0773 
primary 'De Vita, S.'       2  ?                   
primary 'Anighoro, A.'      3  ?                   
primary 'Autelitano, F.'    4  0000-0001-6269-2629 
primary 'Beaumont, E.'      5  ?                   
primary 'Klingbeil, P.'     6  ?                   
primary 'McGuinness, M.'    7  ?                   
primary 'Duvert, B.'        8  ?                   
primary 'Harris, C.'        9  ?                   
primary 'Yang, L.'          10 ?                   
primary 'Pokharel, S.P.'    11 ?                   
primary 'Chen, C.W.'        12 0000-0002-8737-6830 
primary 'Ermann, M.'        13 ?                   
primary 'Williams, D.A.'    14 0000-0001-7057-6863 
primary 'Xu, H.'            15 ?                   
# 
loop_
_entity.id 
_entity.type 
_entity.src_method 
_entity.pdbx_description 
_entity.formula_weight 
_entity.pdbx_number_of_molecules 
_entity.pdbx_ec 
_entity.pdbx_mutation 
_entity.pdbx_fragment 
_entity.details 
1 polymer     man 
;Retinal rod rhodopsin-sensitive cGMP 3',5'-cyclic phosphodiesterase subunit delta
;
19352.996 1   ? ? ? ? 
2 non-polymer syn deltarasin                                                                          603.755   1   ? ? ? ? 
3 non-polymer syn 'ACETIC ACID'                                                                       60.052    1   ? ? ? ? 
4 water       nat water                                                                               18.015    127 ? ? ? ? 
# 
_entity_name_com.entity_id   1 
_entity_name_com.name        'GMP-PDE delta,Protein p17' 
# 
_entity_poly.entity_id                      1 
_entity_poly.type                           'polypeptide(L)' 
_entity_poly.nstd_linkage                   no 
_entity_poly.nstd_monomer                   no 
_entity_poly.pdbx_seq_one_letter_code       
;MGSHHHHHHGSENLYFQSAKDERAREILRGFKLNWMNLRDAETGKILWQGTEDLSVPGVEHEARVPKKILKCKAVSRELN
FSSTEQMEKFRLEQKVYFKGQCLEEWFFEFGFVIPNSTNTWQSLIEAAPESQMMPASVLTGNVIIETKFFDDDLLVSTSR
VRLFYV
;
_entity_poly.pdbx_seq_one_letter_code_can   
;MGSHHHHHHGSENLYFQSAKDERAREILRGFKLNWMNLRDAETGKILWQGTEDLSVPGVEHEARVPKKILKCKAVSRELN
FSSTEQMEKFRLEQKVYFKGQCLEEWFFEFGFVIPNSTNTWQSLIEAAPESQMMPASVLTGNVIIETKFFDDDLLVSTSR
VRLFYV
;
_entity_poly.pdbx_strand_id                 B 
_entity_poly.pdbx_target_identifier         ? 
# 
loop_
_pdbx_entity_nonpoly.entity_id 
_pdbx_entity_nonpoly.name 
_pdbx_entity_nonpoly.comp_id 
2 deltarasin    O7T 
3 'ACETIC ACID' ACY 
4 water         HOH 
# 
loop_
_entity_poly_seq.entity_id 
_entity_poly_seq.num 
_entity_poly_seq.mon_id 
_entity_poly_seq.hetero 
1 1   MET n 
1 2   GLY n 
1 3   SER n 
1 4   HIS n 
1 5   HIS n 
1 6   HIS n 
1 7   HIS n 
1 8   HIS n 
1 9   HIS n 
1 10  GLY n 
1 11  SER n 
1 12  GLU n 
1 13  ASN n 
1 14  LEU n 
1 15  TYR n 
1 16  PHE n 
1 17  GLN n 
1 18  SER n 
1 19  ALA n 
1 20  LYS n 
1 21  ASP n 
1 22  GLU n 
1 23  ARG n 
1 24  ALA n 
1 25  ARG n 
1 26  GLU n 
1 27  ILE n 
1 28  LEU n 
1 29  ARG n 
1 30  GLY n 
1 31  PHE n 
1 32  LYS n 
1 33  LEU n 
1 34  ASN n 
1 35  TRP n 
1 36  MET n 
1 37  ASN n 
1 38  LEU n 
1 39  ARG n 
1 40  ASP n 
1 41  ALA n 
1 42  GLU n 
1 43  THR n 
1 44  GLY n 
1 45  LYS n 
1 46  ILE n 
1 47  LEU n 
1 48  TRP n 
1 49  GLN n 
1 50  GLY n 
1 51  THR n 
1 52  GLU n 
1 53  ASP n 
1 54  LEU n 
1 55  SER n 
1 56  VAL n 
1 57  PRO n 
1 58  GLY n 
1 59  VAL n 
1 60  GLU n 
1 61  HIS n 
1 62  GLU n 
1 63  ALA n 
1 64  ARG n 
1 65  VAL n 
1 66  PRO n 
1 67  LYS n 
1 68  LYS n 
1 69  ILE n 
1 70  LEU n 
1 71  LYS n 
1 72  CYS n 
1 73  LYS n 
1 74  ALA n 
1 75  VAL n 
1 76  SER n 
1 77  ARG n 
1 78  GLU n 
1 79  LEU n 
1 80  ASN n 
1 81  PHE n 
1 82  SER n 
1 83  SER n 
1 84  THR n 
1 85  GLU n 
1 86  GLN n 
1 87  MET n 
1 88  GLU n 
1 89  LYS n 
1 90  PHE n 
1 91  ARG n 
1 92  LEU n 
1 93  GLU n 
1 94  GLN n 
1 95  LYS n 
1 96  VAL n 
1 97  TYR n 
1 98  PHE n 
1 99  LYS n 
1 100 GLY n 
1 101 GLN n 
1 102 CYS n 
1 103 LEU n 
1 104 GLU n 
1 105 GLU n 
1 106 TRP n 
1 107 PHE n 
1 108 PHE n 
1 109 GLU n 
1 110 PHE n 
1 111 GLY n 
1 112 PHE n 
1 113 VAL n 
1 114 ILE n 
1 115 PRO n 
1 116 ASN n 
1 117 SER n 
1 118 THR n 
1 119 ASN n 
1 120 THR n 
1 121 TRP n 
1 122 GLN n 
1 123 SER n 
1 124 LEU n 
1 125 ILE n 
1 126 GLU n 
1 127 ALA n 
1 128 ALA n 
1 129 PRO n 
1 130 GLU n 
1 131 SER n 
1 132 GLN n 
1 133 MET n 
1 134 MET n 
1 135 PRO n 
1 136 ALA n 
1 137 SER n 
1 138 VAL n 
1 139 LEU n 
1 140 THR n 
1 141 GLY n 
1 142 ASN n 
1 143 VAL n 
1 144 ILE n 
1 145 ILE n 
1 146 GLU n 
1 147 THR n 
1 148 LYS n 
1 149 PHE n 
1 150 PHE n 
1 151 ASP n 
1 152 ASP n 
1 153 ASP n 
1 154 LEU n 
1 155 LEU n 
1 156 VAL n 
1 157 SER n 
1 158 THR n 
1 159 SER n 
1 160 ARG n 
1 161 VAL n 
1 162 ARG n 
1 163 LEU n 
1 164 PHE n 
1 165 TYR n 
1 166 VAL n 
# 
_entity_src_gen.entity_id                          1 
_entity_src_gen.pdbx_src_id                        1 
_entity_src_gen.pdbx_alt_source_flag               sample 
_entity_src_gen.pdbx_seq_type                      'Biological sequence' 
_entity_src_gen.pdbx_beg_seq_num                   1 
_entity_src_gen.pdbx_end_seq_num                   166 
_entity_src_gen.gene_src_common_name               Human 
_entity_src_gen.gene_src_genus                     ? 
_entity_src_gen.pdbx_gene_src_gene                 'PDE6D, PDED' 
_entity_src_gen.gene_src_species                   ? 
_entity_src_gen.gene_src_strain                    ? 
_entity_src_gen.gene_src_tissue                    ? 
_entity_src_gen.gene_src_tissue_fraction           ? 
_entity_src_gen.gene_src_details                   ? 
_entity_src_gen.pdbx_gene_src_fragment             ? 
_entity_src_gen.pdbx_gene_src_scientific_name      'Homo sapiens' 
_entity_src_gen.pdbx_gene_src_ncbi_taxonomy_id     9606 
_entity_src_gen.pdbx_gene_src_variant              ? 
_entity_src_gen.pdbx_gene_src_cell_line            ? 
_entity_src_gen.pdbx_gene_src_atcc                 ? 
_entity_src_gen.pdbx_gene_src_organ                ? 
_entity_src_gen.pdbx_gene_src_organelle            ? 
_entity_src_gen.pdbx_gene_src_cell                 ? 
_entity_src_gen.pdbx_gene_src_cellular_location    ? 
_entity_src_gen.host_org_common_name               ? 
_entity_src_gen.pdbx_host_org_scientific_name      'Escherichia coli BL21(DE3)' 
_entity_src_gen.pdbx_host_org_ncbi_taxonomy_id     469008 
_entity_src_gen.host_org_genus                     ? 
_entity_src_gen.pdbx_host_org_gene                 ? 
_entity_src_gen.pdbx_host_org_organ                ? 
_entity_src_gen.host_org_species                   ? 
_entity_src_gen.pdbx_host_org_tissue               ? 
_entity_src_gen.pdbx_host_org_tissue_fraction      ? 
_entity_src_gen.pdbx_host_org_strain               ? 
_entity_src_gen.pdbx_host_org_variant              ? 
_entity_src_gen.pdbx_host_org_cell_line            ? 
_entity_src_gen.pdbx_host_org_atcc                 ? 
_entity_src_gen.pdbx_host_org_culture_collection   ? 
_entity_src_gen.pdbx_host_org_cell                 ? 
_entity_src_gen.pdbx_host_org_organelle            ? 
_entity_src_gen.pdbx_host_org_cellular_location    ? 
_entity_src_gen.pdbx_host_org_vector_type          ? 
_entity_src_gen.pdbx_host_org_vector               ? 
_entity_src_gen.host_org_details                   ? 
_entity_src_gen.expression_system_id               ? 
_entity_src_gen.plasmid_name                       ? 
_entity_src_gen.plasmid_details                    ? 
_entity_src_gen.pdbx_description                   ? 
# 
loop_
_chem_comp.id 
_chem_comp.type 
_chem_comp.mon_nstd_flag 
_chem_comp.name 
_chem_comp.pdbx_synonyms 
_chem_comp.formula 
_chem_comp.formula_weight 
ACY non-polymer         . 'ACETIC ACID'   ? 'C2 H4 O2'       60.052  
ALA 'L-peptide linking' y ALANINE         ? 'C3 H7 N O2'     89.093  
ARG 'L-peptide linking' y ARGININE        ? 'C6 H15 N4 O2 1' 175.209 
ASN 'L-peptide linking' y ASPARAGINE      ? 'C4 H8 N2 O3'    132.118 
ASP 'L-peptide linking' y 'ASPARTIC ACID' ? 'C4 H7 N O4'     133.103 
CYS 'L-peptide linking' y CYSTEINE        ? 'C3 H7 N O2 S'   121.158 
GLN 'L-peptide linking' y GLUTAMINE       ? 'C5 H10 N2 O3'   146.144 
GLU 'L-peptide linking' y 'GLUTAMIC ACID' ? 'C5 H9 N O4'     147.129 
GLY 'peptide linking'   y GLYCINE         ? 'C2 H5 N O2'     75.067  
HIS 'L-peptide linking' y HISTIDINE       ? 'C6 H10 N3 O2 1' 156.162 
HOH non-polymer         . WATER           ? 'H2 O'           18.015  
ILE 'L-peptide linking' y ISOLEUCINE      ? 'C6 H13 N O2'    131.173 
LEU 'L-peptide linking' y LEUCINE         ? 'C6 H13 N O2'    131.173 
LYS 'L-peptide linking' y LYSINE          ? 'C6 H15 N2 O2 1' 147.195 
MET 'L-peptide linking' y METHIONINE      ? 'C5 H11 N O2 S'  149.211 
O7T non-polymer         . deltarasin      
'2-phenyl-1-[(1~{S})-2-[4-[1-(phenylmethyl)benzimidazol-2-yl]phenoxy]-1-piperidin-4-yl-ethyl]benzimidazole' 'C40 H37 N5 O'   
603.755 
PHE 'L-peptide linking' y PHENYLALANINE   ? 'C9 H11 N O2'    165.189 
PRO 'L-peptide linking' y PROLINE         ? 'C5 H9 N O2'     115.130 
SER 'L-peptide linking' y SERINE          ? 'C3 H7 N O3'     105.093 
THR 'L-peptide linking' y THREONINE       ? 'C4 H9 N O3'     119.119 
TRP 'L-peptide linking' y TRYPTOPHAN      ? 'C11 H12 N2 O2'  204.225 
TYR 'L-peptide linking' y TYROSINE        ? 'C9 H11 N O3'    181.189 
VAL 'L-peptide linking' y VALINE          ? 'C5 H11 N O2'    117.146 
# 
loop_
_pdbx_poly_seq_scheme.asym_id 
_pdbx_poly_seq_scheme.entity_id 
_pdbx_poly_seq_scheme.seq_id 
_pdbx_poly_seq_scheme.mon_id 
_pdbx_poly_seq_scheme.ndb_seq_num 
_pdbx_poly_seq_scheme.pdb_seq_num 
_pdbx_poly_seq_scheme.auth_seq_num 
_pdbx_poly_seq_scheme.pdb_mon_id 
_pdbx_poly_seq_scheme.auth_mon_id 
_pdbx_poly_seq_scheme.pdb_strand_id 
_pdbx_poly_seq_scheme.pdb_ins_code 
_pdbx_poly_seq_scheme.hetero 
A 1 1   MET 1   -15 ?   ?   ?   B . n 
A 1 2   GLY 2   -14 ?   ?   ?   B . n 
A 1 3   SER 3   -13 ?   ?   ?   B . n 
A 1 4   HIS 4   -12 ?   ?   ?   B . n 
A 1 5   HIS 5   -11 ?   ?   ?   B . n 
A 1 6   HIS 6   -10 ?   ?   ?   B . n 
A 1 7   HIS 7   -9  ?   ?   ?   B . n 
A 1 8   HIS 8   -8  ?   ?   ?   B . n 
A 1 9   HIS 9   -7  ?   ?   ?   B . n 
A 1 10  GLY 10  -6  ?   ?   ?   B . n 
A 1 11  SER 11  -5  ?   ?   ?   B . n 
A 1 12  GLU 12  -4  ?   ?   ?   B . n 
A 1 13  ASN 13  -3  ?   ?   ?   B . n 
A 1 14  LEU 14  -2  ?   ?   ?   B . n 
A 1 15  TYR 15  -1  ?   ?   ?   B . n 
A 1 16  PHE 16  0   ?   ?   ?   B . n 
A 1 17  GLN 17  1   ?   ?   ?   B . n 
A 1 18  SER 18  2   2   SER SER B . n 
A 1 19  ALA 19  3   3   ALA ALA B . n 
A 1 20  LYS 20  4   4   LYS LYS B . n 
A 1 21  ASP 21  5   5   ASP ASP B . n 
A 1 22  GLU 22  6   6   GLU GLU B . n 
A 1 23  ARG 23  7   7   ARG ARG B . n 
A 1 24  ALA 24  8   8   ALA ALA B . n 
A 1 25  ARG 25  9   9   ARG ARG B . n 
A 1 26  GLU 26  10  10  GLU GLU B . n 
A 1 27  ILE 27  11  11  ILE ILE B . n 
A 1 28  LEU 28  12  12  LEU LEU B . n 
A 1 29  ARG 29  13  13  ARG ARG B . n 
A 1 30  GLY 30  14  14  GLY GLY B . n 
A 1 31  PHE 31  15  15  PHE PHE B . n 
A 1 32  LYS 32  16  16  LYS LYS B . n 
A 1 33  LEU 33  17  17  LEU LEU B . n 
A 1 34  ASN 34  18  18  ASN ASN B . n 
A 1 35  TRP 35  19  19  TRP TRP B . n 
A 1 36  MET 36  20  20  MET MET B . n 
A 1 37  ASN 37  21  21  ASN ASN B . n 
A 1 38  LEU 38  22  22  LEU LEU B . n 
A 1 39  ARG 39  23  23  ARG ARG B . n 
A 1 40  ASP 40  24  24  ASP ASP B . n 
A 1 41  ALA 41  25  25  ALA ALA B . n 
A 1 42  GLU 42  26  26  GLU GLU B . n 
A 1 43  THR 43  27  27  THR THR B . n 
A 1 44  GLY 44  28  28  GLY GLY B . n 
A 1 45  LYS 45  29  29  LYS LYS B . n 
A 1 46  ILE 46  30  30  ILE ILE B . n 
A 1 47  LEU 47  31  31  LEU LEU B . n 
A 1 48  TRP 48  32  32  TRP TRP B . n 
A 1 49  GLN 49  33  33  GLN GLN B . n 
A 1 50  GLY 50  34  34  GLY GLY B . n 
A 1 51  THR 51  35  35  THR THR B . n 
A 1 52  GLU 52  36  36  GLU GLU B . n 
A 1 53  ASP 53  37  37  ASP ASP B . n 
A 1 54  LEU 54  38  38  LEU LEU B . n 
A 1 55  SER 55  39  39  SER SER B . n 
A 1 56  VAL 56  40  40  VAL VAL B . n 
A 1 57  PRO 57  41  41  PRO PRO B . n 
A 1 58  GLY 58  42  42  GLY GLY B . n 
A 1 59  VAL 59  43  43  VAL VAL B . n 
A 1 60  GLU 60  44  44  GLU GLU B . n 
A 1 61  HIS 61  45  45  HIS HIS B . n 
A 1 62  GLU 62  46  46  GLU GLU B . n 
A 1 63  ALA 63  47  47  ALA ALA B . n 
A 1 64  ARG 64  48  48  ARG ARG B . n 
A 1 65  VAL 65  49  49  VAL VAL B . n 
A 1 66  PRO 66  50  50  PRO PRO B . n 
A 1 67  LYS 67  51  51  LYS LYS B . n 
A 1 68  LYS 68  52  52  LYS LYS B . n 
A 1 69  ILE 69  53  53  ILE ILE B . n 
A 1 70  LEU 70  54  54  LEU LEU B . n 
A 1 71  LYS 71  55  55  LYS LYS B . n 
A 1 72  CYS 72  56  56  CYS CYS B . n 
A 1 73  LYS 73  57  57  LYS LYS B . n 
A 1 74  ALA 74  58  58  ALA ALA B . n 
A 1 75  VAL 75  59  59  VAL VAL B . n 
A 1 76  SER 76  60  60  SER SER B . n 
A 1 77  ARG 77  61  61  ARG ARG B . n 
A 1 78  GLU 78  62  62  GLU GLU B . n 
A 1 79  LEU 79  63  63  LEU LEU B . n 
A 1 80  ASN 80  64  64  ASN ASN B . n 
A 1 81  PHE 81  65  65  PHE PHE B . n 
A 1 82  SER 82  66  66  SER SER B . n 
A 1 83  SER 83  67  67  SER SER B . n 
A 1 84  THR 84  68  68  THR THR B . n 
A 1 85  GLU 85  69  69  GLU GLU B . n 
A 1 86  GLN 86  70  70  GLN GLN B . n 
A 1 87  MET 87  71  71  MET MET B . n 
A 1 88  GLU 88  72  72  GLU GLU B . n 
A 1 89  LYS 89  73  73  LYS LYS B . n 
A 1 90  PHE 90  74  74  PHE PHE B . n 
A 1 91  ARG 91  75  75  ARG ARG B . n 
A 1 92  LEU 92  76  76  LEU LEU B . n 
A 1 93  GLU 93  77  77  GLU GLU B . n 
A 1 94  GLN 94  78  78  GLN GLN B . n 
A 1 95  LYS 95  79  79  LYS LYS B . n 
A 1 96  VAL 96  80  80  VAL VAL B . n 
A 1 97  TYR 97  81  81  TYR TYR B . n 
A 1 98  PHE 98  82  82  PHE PHE B . n 
A 1 99  LYS 99  83  83  LYS LYS B . n 
A 1 100 GLY 100 84  84  GLY GLY B . n 
A 1 101 GLN 101 85  85  GLN GLN B . n 
A 1 102 CYS 102 86  86  CYS CYS B . n 
A 1 103 LEU 103 87  87  LEU LEU B . n 
A 1 104 GLU 104 88  88  GLU GLU B . n 
A 1 105 GLU 105 89  89  GLU GLU B . n 
A 1 106 TRP 106 90  90  TRP TRP B . n 
A 1 107 PHE 107 91  91  PHE PHE B . n 
A 1 108 PHE 108 92  92  PHE PHE B . n 
A 1 109 GLU 109 93  93  GLU GLU B . n 
A 1 110 PHE 110 94  94  PHE PHE B . n 
A 1 111 GLY 111 95  95  GLY GLY B . n 
A 1 112 PHE 112 96  96  PHE PHE B . n 
A 1 113 VAL 113 97  97  VAL VAL B . n 
A 1 114 ILE 114 98  98  ILE ILE B . n 
A 1 115 PRO 115 99  99  PRO PRO B . n 
A 1 116 ASN 116 100 100 ASN ASN B . n 
A 1 117 SER 117 101 101 SER SER B . n 
A 1 118 THR 118 102 102 THR THR B . n 
A 1 119 ASN 119 103 103 ASN ASN B . n 
A 1 120 THR 120 104 104 THR THR B . n 
A 1 121 TRP 121 105 105 TRP TRP B . n 
A 1 122 GLN 122 106 106 GLN GLN B . n 
A 1 123 SER 123 107 107 SER SER B . n 
A 1 124 LEU 124 108 108 LEU LEU B . n 
A 1 125 ILE 125 109 109 ILE ILE B . n 
A 1 126 GLU 126 110 110 GLU GLU B . n 
A 1 127 ALA 127 111 111 ALA ALA B . n 
A 1 128 ALA 128 112 112 ALA ALA B . n 
A 1 129 PRO 129 113 113 PRO PRO B . n 
A 1 130 GLU 130 114 114 GLU GLU B . n 
A 1 131 SER 131 115 115 SER SER B . n 
A 1 132 GLN 132 116 116 GLN GLN B . n 
A 1 133 MET 133 117 117 MET MET B . n 
A 1 134 MET 134 118 118 MET MET B . n 
A 1 135 PRO 135 119 119 PRO PRO B . n 
A 1 136 ALA 136 120 120 ALA ALA B . n 
A 1 137 SER 137 121 121 SER SER B . n 
A 1 138 VAL 138 122 122 VAL VAL B . n 
A 1 139 LEU 139 123 123 LEU LEU B . n 
A 1 140 THR 140 124 124 THR THR B . n 
A 1 141 GLY 141 125 125 GLY GLY B . n 
A 1 142 ASN 142 126 126 ASN ASN B . n 
A 1 143 VAL 143 127 127 VAL VAL B . n 
A 1 144 ILE 144 128 128 ILE ILE B . n 
A 1 145 ILE 145 129 129 ILE ILE B . n 
A 1 146 GLU 146 130 130 GLU GLU B . n 
A 1 147 THR 147 131 131 THR THR B . n 
A 1 148 LYS 148 132 132 LYS LYS B . n 
A 1 149 PHE 149 133 133 PHE PHE B . n 
A 1 150 PHE 150 134 134 PHE PHE B . n 
A 1 151 ASP 151 135 135 ASP ASP B . n 
A 1 152 ASP 152 136 136 ASP ASP B . n 
A 1 153 ASP 153 137 137 ASP ASP B . n 
A 1 154 LEU 154 138 138 LEU LEU B . n 
A 1 155 LEU 155 139 139 LEU LEU B . n 
A 1 156 VAL 156 140 140 VAL VAL B . n 
A 1 157 SER 157 141 141 SER SER B . n 
A 1 158 THR 158 142 142 THR THR B . n 
A 1 159 SER 159 143 143 SER SER B . n 
A 1 160 ARG 160 144 144 ARG ARG B . n 
A 1 161 VAL 161 145 145 VAL VAL B . n 
A 1 162 ARG 162 146 146 ARG ARG B . n 
A 1 163 LEU 163 147 147 LEU LEU B . n 
A 1 164 PHE 164 148 148 PHE PHE B . n 
A 1 165 TYR 165 149 149 TYR TYR B . n 
A 1 166 VAL 166 150 150 VAL VAL B . n 
# 
loop_
_pdbx_nonpoly_scheme.asym_id 
_pdbx_nonpoly_scheme.entity_id 
_pdbx_nonpoly_scheme.mon_id 
_pdbx_nonpoly_scheme.ndb_seq_num 
_pdbx_nonpoly_scheme.pdb_seq_num 
_pdbx_nonpoly_scheme.auth_seq_num 
_pdbx_nonpoly_scheme.pdb_mon_id 
_pdbx_nonpoly_scheme.auth_mon_id 
_pdbx_nonpoly_scheme.pdb_strand_id 
_pdbx_nonpoly_scheme.pdb_ins_code 
B 2 O7T 1   201 201 O7T O7T B . 
C 3 ACY 1   202 202 ACY ACY B . 
D 4 HOH 1   301 301 HOH HOH B . 
D 4 HOH 2   302 302 HOH HOH B . 
D 4 HOH 3   303 303 HOH HOH B . 
D 4 HOH 4   304 304 HOH HOH B . 
D 4 HOH 5   305 305 HOH HOH B . 
D 4 HOH 6   306 306 HOH HOH B . 
D 4 HOH 7   307 307 HOH HOH B . 
D 4 HOH 8   308 308 HOH HOH B . 
D 4 HOH 9   309 309 HOH HOH B . 
D 4 HOH 10  310 310 HOH HOH B . 
D 4 HOH 11  311 311 HOH HOH B . 
D 4 HOH 12  312 312 HOH HOH B . 
D 4 HOH 13  313 313 HOH HOH B . 
D 4 HOH 14  314 314 HOH HOH B . 
D 4 HOH 15  315 315 HOH HOH B . 
D 4 HOH 16  316 316 HOH HOH B . 
D 4 HOH 17  317 317 HOH HOH B . 
D 4 HOH 18  318 318 HOH HOH B . 
D 4 HOH 19  319 319 HOH HOH B . 
D 4 HOH 20  320 320 HOH HOH B . 
D 4 HOH 21  321 321 HOH HOH B . 
D 4 HOH 22  322 322 HOH HOH B . 
D 4 HOH 23  323 323 HOH HOH B . 
D 4 HOH 24  324 324 HOH HOH B . 
D 4 HOH 25  325 325 HOH HOH B . 
D 4 HOH 26  326 326 HOH HOH B . 
D 4 HOH 27  327 327 HOH HOH B . 
D 4 HOH 28  328 329 HOH HOH B . 
D 4 HOH 29  329 328 HOH HOH B . 
D 4 HOH 30  330 330 HOH HOH B . 
D 4 HOH 31  331 331 HOH HOH B . 
D 4 HOH 32  332 332 HOH HOH B . 
D 4 HOH 33  333 333 HOH HOH B . 
D 4 HOH 34  334 334 HOH HOH B . 
D 4 HOH 35  335 335 HOH HOH B . 
D 4 HOH 36  336 336 HOH HOH B . 
D 4 HOH 37  337 337 HOH HOH B . 
D 4 HOH 38  338 338 HOH HOH B . 
D 4 HOH 39  339 339 HOH HOH B . 
D 4 HOH 40  340 340 HOH HOH B . 
D 4 HOH 41  341 341 HOH HOH B . 
D 4 HOH 42  342 342 HOH HOH B . 
D 4 HOH 43  343 343 HOH HOH B . 
D 4 HOH 44  344 344 HOH HOH B . 
D 4 HOH 45  345 345 HOH HOH B . 
D 4 HOH 46  346 346 HOH HOH B . 
D 4 HOH 47  347 347 HOH HOH B . 
D 4 HOH 48  348 348 HOH HOH B . 
D 4 HOH 49  349 349 HOH HOH B . 
D 4 HOH 50  350 350 HOH HOH B . 
D 4 HOH 51  351 351 HOH HOH B . 
D 4 HOH 52  352 352 HOH HOH B . 
D 4 HOH 53  353 353 HOH HOH B . 
D 4 HOH 54  354 354 HOH HOH B . 
D 4 HOH 55  355 355 HOH HOH B . 
D 4 HOH 56  356 356 HOH HOH B . 
D 4 HOH 57  357 357 HOH HOH B . 
D 4 HOH 58  358 358 HOH HOH B . 
D 4 HOH 59  359 359 HOH HOH B . 
D 4 HOH 60  360 360 HOH HOH B . 
D 4 HOH 61  361 361 HOH HOH B . 
D 4 HOH 62  362 362 HOH HOH B . 
D 4 HOH 63  363 363 HOH HOH B . 
D 4 HOH 64  364 364 HOH HOH B . 
D 4 HOH 65  365 365 HOH HOH B . 
D 4 HOH 66  366 366 HOH HOH B . 
D 4 HOH 67  367 367 HOH HOH B . 
D 4 HOH 68  368 368 HOH HOH B . 
D 4 HOH 69  369 369 HOH HOH B . 
D 4 HOH 70  370 370 HOH HOH B . 
D 4 HOH 71  371 371 HOH HOH B . 
D 4 HOH 72  372 372 HOH HOH B . 
D 4 HOH 73  373 373 HOH HOH B . 
D 4 HOH 74  374 374 HOH HOH B . 
D 4 HOH 75  375 375 HOH HOH B . 
D 4 HOH 76  376 376 HOH HOH B . 
D 4 HOH 77  377 377 HOH HOH B . 
D 4 HOH 78  378 378 HOH HOH B . 
D 4 HOH 79  379 379 HOH HOH B . 
D 4 HOH 80  380 380 HOH HOH B . 
D 4 HOH 81  381 381 HOH HOH B . 
D 4 HOH 82  382 382 HOH HOH B . 
D 4 HOH 83  383 383 HOH HOH B . 
D 4 HOH 84  384 384 HOH HOH B . 
D 4 HOH 85  385 385 HOH HOH B . 
D 4 HOH 86  386 386 HOH HOH B . 
D 4 HOH 87  387 387 HOH HOH B . 
D 4 HOH 88  388 388 HOH HOH B . 
D 4 HOH 89  389 389 HOH HOH B . 
D 4 HOH 90  390 390 HOH HOH B . 
D 4 HOH 91  391 391 HOH HOH B . 
D 4 HOH 92  392 392 HOH HOH B . 
D 4 HOH 93  393 393 HOH HOH B . 
D 4 HOH 94  394 394 HOH HOH B . 
D 4 HOH 95  395 395 HOH HOH B . 
D 4 HOH 96  396 396 HOH HOH B . 
D 4 HOH 97  397 397 HOH HOH B . 
D 4 HOH 98  398 398 HOH HOH B . 
D 4 HOH 99  399 399 HOH HOH B . 
D 4 HOH 100 400 400 HOH HOH B . 
D 4 HOH 101 401 401 HOH HOH B . 
D 4 HOH 102 402 402 HOH HOH B . 
D 4 HOH 103 403 403 HOH HOH B . 
D 4 HOH 104 404 404 HOH HOH B . 
D 4 HOH 105 405 405 HOH HOH B . 
D 4 HOH 106 406 406 HOH HOH B . 
D 4 HOH 107 407 407 HOH HOH B . 
D 4 HOH 108 408 408 HOH HOH B . 
D 4 HOH 109 409 409 HOH HOH B . 
D 4 HOH 110 410 410 HOH HOH B . 
D 4 HOH 111 411 411 HOH HOH B . 
D 4 HOH 112 412 412 HOH HOH B . 
D 4 HOH 113 413 413 HOH HOH B . 
D 4 HOH 114 414 414 HOH HOH B . 
D 4 HOH 115 415 415 HOH HOH B . 
D 4 HOH 116 416 416 HOH HOH B . 
D 4 HOH 117 417 417 HOH HOH B . 
D 4 HOH 118 418 418 HOH HOH B . 
D 4 HOH 119 419 419 HOH HOH B . 
D 4 HOH 120 420 420 HOH HOH B . 
D 4 HOH 121 421 421 HOH HOH B . 
D 4 HOH 122 422 422 HOH HOH B . 
D 4 HOH 123 423 423 HOH HOH B . 
D 4 HOH 124 424 424 HOH HOH B . 
D 4 HOH 125 425 425 HOH HOH B . 
D 4 HOH 126 426 426 HOH HOH B . 
D 4 HOH 127 427 427 HOH HOH B . 
# 
loop_
_software.citation_id 
_software.classification 
_software.compiler_name 
_software.compiler_version 
_software.contact_author 
_software.contact_author_email 
_software.date 
_software.description 
_software.dependencies 
_software.hardware 
_software.language 
_software.location 
_software.mods 
_software.name 
_software.os 
_software.os_version 
_software.type 
_software.version 
_software.pdbx_ordinal 
? refinement        ? ? ? ? ? ? ? ? ? ? ? BUSTER      ? ? ? 2.11.7 1 
? 'data extraction' ? ? ? ? ? ? ? ? ? ? ? PDB_EXTRACT ? ? ? 3.25   2 
? 'data reduction'  ? ? ? ? ? ? ? ? ? ? ? DIALS       ? ? ? .      3 
? 'data scaling'    ? ? ? ? ? ? ? ? ? ? ? DIALS       ? ? ? .      4 
? phasing           ? ? ? ? ? ? ? ? ? ? ? DIMPLE      ? ? ? .      5 
# 
_cell.angle_alpha                  90.000 
_cell.angle_alpha_esd              ? 
_cell.angle_beta                   90.000 
_cell.angle_beta_esd               ? 
_cell.angle_gamma                  120.000 
_cell.angle_gamma_esd              ? 
_cell.entry_id                     7PAE 
_cell.details                      ? 
_cell.formula_units_Z              ? 
_cell.length_a                     55.843 
_cell.length_a_esd                 ? 
_cell.length_b                     55.843 
_cell.length_b_esd                 ? 
_cell.length_c                     116.524 
_cell.length_c_esd                 ? 
_cell.volume                       ? 
_cell.volume_esd                   ? 
_cell.Z_PDB                        6 
_cell.reciprocal_angle_alpha       ? 
_cell.reciprocal_angle_beta        ? 
_cell.reciprocal_angle_gamma       ? 
_cell.reciprocal_angle_alpha_esd   ? 
_cell.reciprocal_angle_beta_esd    ? 
_cell.reciprocal_angle_gamma_esd   ? 
_cell.reciprocal_length_a          ? 
_cell.reciprocal_length_b          ? 
_cell.reciprocal_length_c          ? 
_cell.reciprocal_length_a_esd      ? 
_cell.reciprocal_length_b_esd      ? 
_cell.reciprocal_length_c_esd      ? 
_cell.pdbx_unique_axis             ? 
# 
_symmetry.entry_id                         7PAE 
_symmetry.cell_setting                     ? 
_symmetry.Int_Tables_number                154 
_symmetry.space_group_name_Hall            ? 
_symmetry.space_group_name_H-M             'P 32 2 1' 
_symmetry.pdbx_full_space_group_name_H-M   ? 
# 
_exptl.absorpt_coefficient_mu     ? 
_exptl.absorpt_correction_T_max   ? 
_exptl.absorpt_correction_T_min   ? 
_exptl.absorpt_correction_type    ? 
_exptl.absorpt_process_details    ? 
_exptl.entry_id                   7PAE 
_exptl.crystals_number            1 
_exptl.details                    ? 
_exptl.method                     'X-RAY DIFFRACTION' 
_exptl.method_details             ? 
# 
_exptl_crystal.colour                      ? 
_exptl_crystal.density_diffrn              ? 
_exptl_crystal.density_Matthews            2.71 
_exptl_crystal.density_method              ? 
_exptl_crystal.density_percent_sol         54.61 
_exptl_crystal.description                 'hexagonal rods' 
_exptl_crystal.F_000                       ? 
_exptl_crystal.id                          1 
_exptl_crystal.preparation                 ? 
_exptl_crystal.size_max                    ? 
_exptl_crystal.size_mid                    ? 
_exptl_crystal.size_min                    ? 
_exptl_crystal.size_rad                    ? 
_exptl_crystal.colour_lustre               ? 
_exptl_crystal.colour_modifier             ? 
_exptl_crystal.colour_primary              ? 
_exptl_crystal.density_meas                ? 
_exptl_crystal.density_meas_esd            ? 
_exptl_crystal.density_meas_gt             ? 
_exptl_crystal.density_meas_lt             ? 
_exptl_crystal.density_meas_temp           ? 
_exptl_crystal.density_meas_temp_esd       ? 
_exptl_crystal.density_meas_temp_gt        ? 
_exptl_crystal.density_meas_temp_lt        ? 
_exptl_crystal.pdbx_crystal_image_url      ? 
_exptl_crystal.pdbx_crystal_image_format   ? 
_exptl_crystal.pdbx_mosaicity              ? 
_exptl_crystal.pdbx_mosaicity_esd          ? 
# 
_exptl_crystal_grow.apparatus       ? 
_exptl_crystal_grow.atmosphere      ? 
_exptl_crystal_grow.crystal_id      1 
_exptl_crystal_grow.details         ? 
_exptl_crystal_grow.method          'VAPOR DIFFUSION, SITTING DROP' 
_exptl_crystal_grow.method_ref      ? 
_exptl_crystal_grow.pH              3.8 
_exptl_crystal_grow.pressure        ? 
_exptl_crystal_grow.pressure_esd    ? 
_exptl_crystal_grow.seeding         ? 
_exptl_crystal_grow.seeding_ref     ? 
_exptl_crystal_grow.temp            295 
_exptl_crystal_grow.temp_details    ? 
_exptl_crystal_grow.temp_esd        ? 
_exptl_crystal_grow.time            ? 
_exptl_crystal_grow.pdbx_details    '0.1M Na acetate pH3.8, PEG300 29.50%' 
_exptl_crystal_grow.pdbx_pH_range   3.6-4.6 
# 
_diffrn.ambient_environment              ? 
_diffrn.ambient_temp                     100 
_diffrn.ambient_temp_details             ? 
_diffrn.ambient_temp_esd                 ? 
_diffrn.crystal_id                       1 
_diffrn.crystal_support                  ? 
_diffrn.crystal_treatment                ? 
_diffrn.details                          ? 
_diffrn.id                               1 
_diffrn.ambient_pressure                 ? 
_diffrn.ambient_pressure_esd             ? 
_diffrn.ambient_pressure_gt              ? 
_diffrn.ambient_pressure_lt              ? 
_diffrn.ambient_temp_gt                  ? 
_diffrn.ambient_temp_lt                  ? 
_diffrn.pdbx_serial_crystal_experiment   N 
# 
_diffrn_detector.details                      ? 
_diffrn_detector.detector                     PIXEL 
_diffrn_detector.diffrn_id                    1 
_diffrn_detector.type                         'DECTRIS EIGER2 XE 16M' 
_diffrn_detector.area_resol_mean              ? 
_diffrn_detector.dtime                        ? 
_diffrn_detector.pdbx_frames_total            ? 
_diffrn_detector.pdbx_collection_time_total   ? 
_diffrn_detector.pdbx_collection_date         2019-09-26 
_diffrn_detector.pdbx_frequency               ? 
# 
_diffrn_radiation.collimation                      ? 
_diffrn_radiation.diffrn_id                        1 
_diffrn_radiation.filter_edge                      ? 
_diffrn_radiation.inhomogeneity                    ? 
_diffrn_radiation.monochromator                    ? 
_diffrn_radiation.polarisn_norm                    ? 
_diffrn_radiation.polarisn_ratio                   ? 
_diffrn_radiation.probe                            ? 
_diffrn_radiation.type                             ? 
_diffrn_radiation.xray_symbol                      ? 
_diffrn_radiation.wavelength_id                    1 
_diffrn_radiation.pdbx_monochromatic_or_laue_m_l   M 
_diffrn_radiation.pdbx_wavelength_list             ? 
_diffrn_radiation.pdbx_wavelength                  ? 
_diffrn_radiation.pdbx_diffrn_protocol             'SINGLE WAVELENGTH' 
_diffrn_radiation.pdbx_analyzer                    ? 
_diffrn_radiation.pdbx_scattering_type             x-ray 
# 
_diffrn_radiation_wavelength.id           1 
_diffrn_radiation_wavelength.wavelength   0.9795 
_diffrn_radiation_wavelength.wt           1.0 
# 
_diffrn_source.current                     ? 
_diffrn_source.details                     ? 
_diffrn_source.diffrn_id                   1 
_diffrn_source.power                       ? 
_diffrn_source.size                        ? 
_diffrn_source.source                      SYNCHROTRON 
_diffrn_source.target                      ? 
_diffrn_source.type                        'DIAMOND BEAMLINE I04' 
_diffrn_source.voltage                     ? 
_diffrn_source.take-off_angle              ? 
_diffrn_source.pdbx_wavelength_list        0.9795 
_diffrn_source.pdbx_wavelength             ? 
_diffrn_source.pdbx_synchrotron_beamline   I04 
_diffrn_source.pdbx_synchrotron_site       Diamond 
# 
_reflns.B_iso_Wilson_estimate                          ? 
_reflns.entry_id                                       7PAE 
_reflns.data_reduction_details                         ? 
_reflns.data_reduction_method                          ? 
_reflns.d_resolution_high                              1.85 
_reflns.d_resolution_low                               48.36 
_reflns.details                                        ? 
_reflns.limit_h_max                                    ? 
_reflns.limit_h_min                                    ? 
_reflns.limit_k_max                                    ? 
_reflns.limit_k_min                                    ? 
_reflns.limit_l_max                                    ? 
_reflns.limit_l_min                                    ? 
_reflns.number_all                                     ? 
_reflns.number_obs                                     18659 
_reflns.observed_criterion                             ? 
_reflns.observed_criterion_F_max                       ? 
_reflns.observed_criterion_F_min                       ? 
_reflns.observed_criterion_I_max                       ? 
_reflns.observed_criterion_I_min                       ? 
_reflns.observed_criterion_sigma_F                     ? 
_reflns.observed_criterion_sigma_I                     ? 
_reflns.percent_possible_obs                           99.8 
_reflns.R_free_details                                 ? 
_reflns.Rmerge_F_all                                   ? 
_reflns.Rmerge_F_obs                                   ? 
_reflns.Friedel_coverage                               ? 
_reflns.number_gt                                      ? 
_reflns.threshold_expression                           ? 
_reflns.pdbx_redundancy                                9 
_reflns.pdbx_Rmerge_I_obs                              0.081 
_reflns.pdbx_Rmerge_I_all                              ? 
_reflns.pdbx_Rsym_value                                ? 
_reflns.pdbx_netI_over_av_sigmaI                       ? 
_reflns.pdbx_netI_over_sigmaI                          11.8 
_reflns.pdbx_res_netI_over_av_sigmaI_2                 ? 
_reflns.pdbx_res_netI_over_sigmaI_2                    ? 
_reflns.pdbx_chi_squared                               ? 
_reflns.pdbx_scaling_rejects                           ? 
_reflns.pdbx_d_res_high_opt                            ? 
_reflns.pdbx_d_res_low_opt                             ? 
_reflns.pdbx_d_res_opt_method                          ? 
_reflns.phase_calculation_details                      ? 
_reflns.pdbx_Rrim_I_all                                0.086 
_reflns.pdbx_Rpim_I_all                                0.039 
_reflns.pdbx_d_opt                                     ? 
_reflns.pdbx_number_measured_all                       ? 
_reflns.pdbx_diffrn_id                                 1 
_reflns.pdbx_ordinal                                   1 
_reflns.pdbx_CC_half                                   0.995 
_reflns.pdbx_CC_star                                   ? 
_reflns.pdbx_R_split                                   ? 
_reflns.pdbx_aniso_diffraction_limit_axis_1_ortho[1]   ? 
_reflns.pdbx_aniso_diffraction_limit_axis_1_ortho[2]   ? 
_reflns.pdbx_aniso_diffraction_limit_axis_1_ortho[3]   ? 
_reflns.pdbx_aniso_diffraction_limit_axis_2_ortho[1]   ? 
_reflns.pdbx_aniso_diffraction_limit_axis_2_ortho[2]   ? 
_reflns.pdbx_aniso_diffraction_limit_axis_2_ortho[3]   ? 
_reflns.pdbx_aniso_diffraction_limit_axis_3_ortho[1]   ? 
_reflns.pdbx_aniso_diffraction_limit_axis_3_ortho[2]   ? 
_reflns.pdbx_aniso_diffraction_limit_axis_3_ortho[3]   ? 
_reflns.pdbx_aniso_diffraction_limit_1                 ? 
_reflns.pdbx_aniso_diffraction_limit_2                 ? 
_reflns.pdbx_aniso_diffraction_limit_3                 ? 
_reflns.pdbx_aniso_B_tensor_eigenvector_1_ortho[1]     ? 
_reflns.pdbx_aniso_B_tensor_eigenvector_1_ortho[2]     ? 
_reflns.pdbx_aniso_B_tensor_eigenvector_1_ortho[3]     ? 
_reflns.pdbx_aniso_B_tensor_eigenvector_2_ortho[1]     ? 
_reflns.pdbx_aniso_B_tensor_eigenvector_2_ortho[2]     ? 
_reflns.pdbx_aniso_B_tensor_eigenvector_2_ortho[3]     ? 
_reflns.pdbx_aniso_B_tensor_eigenvector_3_ortho[1]     ? 
_reflns.pdbx_aniso_B_tensor_eigenvector_3_ortho[2]     ? 
_reflns.pdbx_aniso_B_tensor_eigenvector_3_ortho[3]     ? 
_reflns.pdbx_aniso_B_tensor_eigenvalue_1               ? 
_reflns.pdbx_aniso_B_tensor_eigenvalue_2               ? 
_reflns.pdbx_aniso_B_tensor_eigenvalue_3               ? 
_reflns.pdbx_orthogonalization_convention              ? 
_reflns.pdbx_percent_possible_ellipsoidal              ? 
_reflns.pdbx_percent_possible_spherical                ? 
_reflns.pdbx_percent_possible_ellipsoidal_anomalous    ? 
_reflns.pdbx_percent_possible_spherical_anomalous      ? 
_reflns.pdbx_redundancy_anomalous                      ? 
_reflns.pdbx_CC_half_anomalous                         ? 
_reflns.pdbx_absDiff_over_sigma_anomalous              ? 
_reflns.pdbx_percent_possible_anomalous                ? 
_reflns.pdbx_observed_signal_threshold                 ? 
_reflns.pdbx_signal_type                               ? 
_reflns.pdbx_signal_details                            ? 
_reflns.pdbx_signal_software_id                        ? 
# 
_reflns_shell.d_res_high                                    1.85 
_reflns_shell.d_res_low                                     1.88 
_reflns_shell.meanI_over_sigI_all                           ? 
_reflns_shell.meanI_over_sigI_obs                           1.1 
_reflns_shell.number_measured_all                           ? 
_reflns_shell.number_measured_obs                           ? 
_reflns_shell.number_possible                               ? 
_reflns_shell.number_unique_all                             ? 
_reflns_shell.number_unique_obs                             4623 
_reflns_shell.percent_possible_all                          99.1 
_reflns_shell.percent_possible_obs                          ? 
_reflns_shell.Rmerge_F_all                                  ? 
_reflns_shell.Rmerge_F_obs                                  ? 
_reflns_shell.Rmerge_I_all                                  ? 
_reflns_shell.Rmerge_I_obs                                  1.022 
_reflns_shell.meanI_over_sigI_gt                            ? 
_reflns_shell.meanI_over_uI_all                             ? 
_reflns_shell.meanI_over_uI_gt                              ? 
_reflns_shell.number_measured_gt                            ? 
_reflns_shell.number_unique_gt                              ? 
_reflns_shell.percent_possible_gt                           ? 
_reflns_shell.Rmerge_F_gt                                   ? 
_reflns_shell.Rmerge_I_gt                                   ? 
_reflns_shell.pdbx_redundancy                               5.2 
_reflns_shell.pdbx_Rsym_value                               ? 
_reflns_shell.pdbx_chi_squared                              ? 
_reflns_shell.pdbx_netI_over_sigmaI_all                     ? 
_reflns_shell.pdbx_netI_over_sigmaI_obs                     ? 
_reflns_shell.pdbx_Rrim_I_all                               ? 
_reflns_shell.pdbx_Rpim_I_all                               0.484 
_reflns_shell.pdbx_rejects                                  ? 
_reflns_shell.pdbx_ordinal                                  1 
_reflns_shell.pdbx_diffrn_id                                1 
_reflns_shell.pdbx_CC_half                                  0.725 
_reflns_shell.pdbx_CC_star                                  ? 
_reflns_shell.pdbx_R_split                                  ? 
_reflns_shell.pdbx_percent_possible_ellipsoidal             ? 
_reflns_shell.pdbx_percent_possible_spherical               ? 
_reflns_shell.pdbx_percent_possible_ellipsoidal_anomalous   ? 
_reflns_shell.pdbx_percent_possible_spherical_anomalous     ? 
_reflns_shell.pdbx_redundancy_anomalous                     ? 
_reflns_shell.pdbx_CC_half_anomalous                        ? 
_reflns_shell.pdbx_absDiff_over_sigma_anomalous             ? 
_reflns_shell.pdbx_percent_possible_anomalous               ? 
# 
_refine.aniso_B[1][1]                            -5.5835 
_refine.aniso_B[1][2]                            0.0000 
_refine.aniso_B[1][3]                            0.0000 
_refine.aniso_B[2][2]                            -5.5835 
_refine.aniso_B[2][3]                            0.0000 
_refine.aniso_B[3][3]                            11.1669 
_refine.B_iso_max                                110.660 
_refine.B_iso_mean                               38.1300 
_refine.B_iso_min                                21.640 
_refine.correlation_coeff_Fo_to_Fc               0.9400 
_refine.correlation_coeff_Fo_to_Fc_free          0.9270 
_refine.details                                  ? 
_refine.diff_density_max                         ? 
_refine.diff_density_max_esd                     ? 
_refine.diff_density_min                         ? 
_refine.diff_density_min_esd                     ? 
_refine.diff_density_rms                         ? 
_refine.diff_density_rms_esd                     ? 
_refine.entry_id                                 7PAE 
_refine.pdbx_refine_id                           'X-RAY DIFFRACTION' 
_refine.ls_abs_structure_details                 ? 
_refine.ls_abs_structure_Flack                   ? 
_refine.ls_abs_structure_Flack_esd               ? 
_refine.ls_abs_structure_Rogers                  ? 
_refine.ls_abs_structure_Rogers_esd              ? 
_refine.ls_d_res_high                            1.8500 
_refine.ls_d_res_low                             48.3600 
_refine.ls_extinction_coef                       ? 
_refine.ls_extinction_coef_esd                   ? 
_refine.ls_extinction_expression                 ? 
_refine.ls_extinction_method                     ? 
_refine.ls_goodness_of_fit_all                   ? 
_refine.ls_goodness_of_fit_all_esd               ? 
_refine.ls_goodness_of_fit_obs                   ? 
_refine.ls_goodness_of_fit_obs_esd               ? 
_refine.ls_hydrogen_treatment                    ? 
_refine.ls_matrix_type                           ? 
_refine.ls_number_constraints                    ? 
_refine.ls_number_parameters                     ? 
_refine.ls_number_reflns_all                     ? 
_refine.ls_number_reflns_obs                     18615 
_refine.ls_number_reflns_R_free                  943 
_refine.ls_number_reflns_R_work                  ? 
_refine.ls_number_restraints                     ? 
_refine.ls_percent_reflns_obs                    100.0000 
_refine.ls_percent_reflns_R_free                 5.0700 
_refine.ls_R_factor_all                          ? 
_refine.ls_R_factor_obs                          0.2030 
_refine.ls_R_factor_R_free                       0.2160 
_refine.ls_R_factor_R_free_error                 ? 
_refine.ls_R_factor_R_free_error_details         ? 
_refine.ls_R_factor_R_work                       0.2030 
_refine.ls_R_Fsqd_factor_obs                     ? 
_refine.ls_R_I_factor_obs                        ? 
_refine.ls_redundancy_reflns_all                 ? 
_refine.ls_redundancy_reflns_obs                 ? 
_refine.ls_restrained_S_all                      ? 
_refine.ls_restrained_S_obs                      ? 
_refine.ls_shift_over_esd_max                    ? 
_refine.ls_shift_over_esd_mean                   ? 
_refine.ls_structure_factor_coef                 ? 
_refine.ls_weighting_details                     ? 
_refine.ls_weighting_scheme                      ? 
_refine.ls_wR_factor_all                         ? 
_refine.ls_wR_factor_obs                         ? 
_refine.ls_wR_factor_R_free                      ? 
_refine.ls_wR_factor_R_work                      ? 
_refine.occupancy_max                            ? 
_refine.occupancy_min                            ? 
_refine.solvent_model_details                    ? 
_refine.solvent_model_param_bsol                 ? 
_refine.solvent_model_param_ksol                 ? 
_refine.pdbx_R_complete                          ? 
_refine.ls_R_factor_gt                           ? 
_refine.ls_goodness_of_fit_gt                    ? 
_refine.ls_goodness_of_fit_ref                   ? 
_refine.ls_shift_over_su_max                     ? 
_refine.ls_shift_over_su_max_lt                  ? 
_refine.ls_shift_over_su_mean                    ? 
_refine.ls_shift_over_su_mean_lt                 ? 
_refine.pdbx_ls_sigma_I                          ? 
_refine.pdbx_ls_sigma_F                          0.000 
_refine.pdbx_ls_sigma_Fsqd                       ? 
_refine.pdbx_data_cutoff_high_absF               ? 
_refine.pdbx_data_cutoff_high_rms_absF           ? 
_refine.pdbx_data_cutoff_low_absF                ? 
_refine.pdbx_isotropic_thermal_model             ? 
_refine.pdbx_ls_cross_valid_method               THROUGHOUT 
_refine.pdbx_method_to_determine_struct          'MOLECULAR REPLACEMENT' 
_refine.pdbx_starting_model                      5NAL 
_refine.pdbx_stereochemistry_target_values       ? 
_refine.pdbx_R_Free_selection_details            RANDOM 
_refine.pdbx_stereochem_target_val_spec_case     ? 
_refine.pdbx_overall_ESU_R                       ? 
_refine.pdbx_overall_ESU_R_Free                  ? 
_refine.pdbx_solvent_vdw_probe_radii             ? 
_refine.pdbx_solvent_ion_probe_radii             ? 
_refine.pdbx_solvent_shrinkage_radii             ? 
_refine.pdbx_real_space_R                        ? 
_refine.pdbx_density_correlation                 ? 
_refine.pdbx_pd_number_of_powder_patterns        ? 
_refine.pdbx_pd_number_of_points                 ? 
_refine.pdbx_pd_meas_number_of_points            ? 
_refine.pdbx_pd_proc_ls_prof_R_factor            ? 
_refine.pdbx_pd_proc_ls_prof_wR_factor           ? 
_refine.pdbx_pd_Marquardt_correlation_coeff      ? 
_refine.pdbx_pd_Fsqrd_R_factor                   ? 
_refine.pdbx_pd_ls_matrix_band_width             ? 
_refine.pdbx_overall_phase_error                 ? 
_refine.pdbx_overall_SU_R_free_Cruickshank_DPI   0.1100 
_refine.pdbx_overall_SU_R_free_Blow_DPI          0.1140 
_refine.pdbx_overall_SU_R_Blow_DPI               0.1320 
_refine.pdbx_TLS_residual_ADP_flag               ? 
_refine.pdbx_diffrn_id                           1 
_refine.overall_SU_B                             ? 
_refine.overall_SU_ML                            ? 
_refine.overall_SU_R_Cruickshank_DPI             0.1240 
_refine.overall_SU_R_free                        ? 
_refine.overall_FOM_free_R_set                   ? 
_refine.overall_FOM_work_R_set                   ? 
_refine.pdbx_average_fsc_overall                 ? 
_refine.pdbx_average_fsc_work                    ? 
_refine.pdbx_average_fsc_free                    ? 
# 
_refine_analyze.entry_id                        7PAE 
_refine_analyze.pdbx_refine_id                  'X-RAY DIFFRACTION' 
_refine_analyze.Luzzati_coordinate_error_free   ? 
_refine_analyze.Luzzati_coordinate_error_obs    0.240 
_refine_analyze.Luzzati_d_res_low_free          ? 
_refine_analyze.Luzzati_d_res_low_obs           ? 
_refine_analyze.Luzzati_sigma_a_free            ? 
_refine_analyze.Luzzati_sigma_a_free_details    ? 
_refine_analyze.Luzzati_sigma_a_obs             ? 
_refine_analyze.Luzzati_sigma_a_obs_details     ? 
_refine_analyze.number_disordered_residues      ? 
_refine_analyze.occupancy_sum_hydrogen          ? 
_refine_analyze.occupancy_sum_non_hydrogen      ? 
_refine_analyze.RG_d_res_high                   ? 
_refine_analyze.RG_d_res_low                    ? 
_refine_analyze.RG_free                         ? 
_refine_analyze.RG_work                         ? 
_refine_analyze.RG_free_work_ratio              ? 
_refine_analyze.pdbx_Luzzati_d_res_high_obs     ? 
# 
_refine_hist.pdbx_refine_id                   'X-RAY DIFFRACTION' 
_refine_hist.cycle_id                         final 
_refine_hist.details                          ? 
_refine_hist.d_res_high                       1.8500 
_refine_hist.d_res_low                        48.3600 
_refine_hist.number_atoms_solvent             127 
_refine_hist.number_atoms_total               1395 
_refine_hist.number_reflns_all                ? 
_refine_hist.number_reflns_obs                ? 
_refine_hist.number_reflns_R_free             ? 
_refine_hist.number_reflns_R_work             ? 
_refine_hist.R_factor_all                     ? 
_refine_hist.R_factor_obs                     ? 
_refine_hist.R_factor_R_free                  ? 
_refine_hist.R_factor_R_work                  ? 
_refine_hist.pdbx_number_residues_total       149 
_refine_hist.pdbx_B_iso_mean_ligand           37.77 
_refine_hist.pdbx_B_iso_mean_solvent          45.88 
_refine_hist.pdbx_number_atoms_protein        1218 
_refine_hist.pdbx_number_atoms_nucleic_acid   0 
_refine_hist.pdbx_number_atoms_ligand         50 
_refine_hist.pdbx_number_atoms_lipid          ? 
_refine_hist.pdbx_number_atoms_carb           ? 
_refine_hist.pdbx_pseudo_atom_details         ? 
# 
loop_
_refine_ls_restr.pdbx_refine_id 
_refine_ls_restr.criterion 
_refine_ls_restr.dev_ideal 
_refine_ls_restr.dev_ideal_target 
_refine_ls_restr.number 
_refine_ls_restr.rejects 
_refine_ls_restr.type 
_refine_ls_restr.weight 
_refine_ls_restr.pdbx_restraint_function 
'X-RAY DIFFRACTION' ? ?      ? 460  ? t_dihedral_angle_d        2.000  SINUSOIDAL   
'X-RAY DIFFRACTION' ? ?      ? ?    ? t_trig_c_planes           ?      ?            
'X-RAY DIFFRACTION' ? ?      ? 238  ? t_gen_planes              5.000  HARMONIC     
'X-RAY DIFFRACTION' ? ?      ? 1317 ? t_it                      20.000 HARMONIC     
'X-RAY DIFFRACTION' ? ?      ? ?    ? t_nbd                     ?      ?            
'X-RAY DIFFRACTION' ? ?      ? ?    ? t_improper_torsion        ?      ?            
'X-RAY DIFFRACTION' ? ?      ? ?    ? t_pseud_angle             ?      ?            
'X-RAY DIFFRACTION' ? ?      ? 159  ? t_chiral_improper_torsion 5.000  SEMIHARMONIC 
'X-RAY DIFFRACTION' ? ?      ? ?    ? t_sum_occupancies         ?      ?            
'X-RAY DIFFRACTION' ? ?      ? ?    ? t_utility_distance        ?      ?            
'X-RAY DIFFRACTION' ? ?      ? ?    ? t_utility_angle           ?      ?            
'X-RAY DIFFRACTION' ? ?      ? ?    ? t_utility_torsion         ?      ?            
'X-RAY DIFFRACTION' ? ?      ? 1500 ? t_ideal_dist_contact      4.000  SEMIHARMONIC 
'X-RAY DIFFRACTION' ? 0.010  ? 1317 ? t_bond_d                  2.000  HARMONIC     
'X-RAY DIFFRACTION' ? 1.070  ? 1780 ? t_angle_deg               2.000  HARMONIC     
'X-RAY DIFFRACTION' ? 3.790  ? ?    ? t_omega_torsion           ?      ?            
'X-RAY DIFFRACTION' ? 16.450 ? ?    ? t_other_torsion           ?      ?            
# 
_refine_ls_shell.pdbx_refine_id                   'X-RAY DIFFRACTION' 
_refine_ls_shell.d_res_high                       1.8500 
_refine_ls_shell.d_res_low                        1.8600 
_refine_ls_shell.number_reflns_all                397 
_refine_ls_shell.number_reflns_obs                ? 
_refine_ls_shell.number_reflns_R_free             14 
_refine_ls_shell.number_reflns_R_work             383 
_refine_ls_shell.percent_reflns_obs               98.9700 
_refine_ls_shell.percent_reflns_R_free            3.5300 
_refine_ls_shell.R_factor_all                     0.2259 
_refine_ls_shell.R_factor_obs                     ? 
_refine_ls_shell.R_factor_R_free                  0.2831 
_refine_ls_shell.R_factor_R_free_error            0.0000 
_refine_ls_shell.R_factor_R_work                  0.2241 
_refine_ls_shell.redundancy_reflns_all            ? 
_refine_ls_shell.redundancy_reflns_obs            ? 
_refine_ls_shell.wR_factor_all                    ? 
_refine_ls_shell.wR_factor_obs                    ? 
_refine_ls_shell.wR_factor_R_free                 ? 
_refine_ls_shell.wR_factor_R_work                 ? 
_refine_ls_shell.pdbx_R_complete                  ? 
_refine_ls_shell.pdbx_total_number_of_bins_used   47 
_refine_ls_shell.pdbx_phase_error                 ? 
_refine_ls_shell.pdbx_fsc_work                    ? 
_refine_ls_shell.pdbx_fsc_free                    ? 
# 
_struct.entry_id                     7PAE 
_struct.title                        'The crystal structure of Deltarasin in complex with PDE6D' 
_struct.pdbx_model_details           ? 
_struct.pdbx_formula_weight          ? 
_struct.pdbx_formula_weight_method   ? 
_struct.pdbx_model_type_details      ? 
_struct.pdbx_CASP_flag               N 
# 
_struct_keywords.entry_id        7PAE 
_struct_keywords.text            'inhibitor, complex, PROTEIN BINDING' 
_struct_keywords.pdbx_keywords   'PROTEIN BINDING' 
# 
loop_
_struct_asym.id 
_struct_asym.pdbx_blank_PDB_chainid_flag 
_struct_asym.pdbx_modified 
_struct_asym.entity_id 
_struct_asym.details 
A N N 1 ? 
B N N 2 ? 
C N N 3 ? 
D N N 4 ? 
# 
_struct_ref.id                         1 
_struct_ref.db_name                    UNP 
_struct_ref.db_code                    PDE6D_HUMAN 
_struct_ref.pdbx_db_accession          O43924 
_struct_ref.pdbx_db_isoform            ? 
_struct_ref.entity_id                  1 
_struct_ref.pdbx_seq_one_letter_code   
;SAKDERAREILRGFKLNWMNLRDAETGKILWQGTEDLSVPGVEHEARVPKKILKCKAVSRELNFSSTEQMEKFRLEQKVY
FKGQCLEEWFFEFGFVIPNSTNTWQSLIEAAPESQMMPASVLTGNVIIETKFFDDDLLVSTSRVRLFYV
;
_struct_ref.pdbx_align_begin           2 
# 
_struct_ref_seq.align_id                      1 
_struct_ref_seq.ref_id                        1 
_struct_ref_seq.pdbx_PDB_id_code              7PAE 
_struct_ref_seq.pdbx_strand_id                B 
_struct_ref_seq.seq_align_beg                 18 
_struct_ref_seq.pdbx_seq_align_beg_ins_code   ? 
_struct_ref_seq.seq_align_end                 166 
_struct_ref_seq.pdbx_seq_align_end_ins_code   ? 
_struct_ref_seq.pdbx_db_accession             O43924 
_struct_ref_seq.db_align_beg                  2 
_struct_ref_seq.pdbx_db_align_beg_ins_code    ? 
_struct_ref_seq.db_align_end                  150 
_struct_ref_seq.pdbx_db_align_end_ins_code    ? 
_struct_ref_seq.pdbx_auth_seq_align_beg       2 
_struct_ref_seq.pdbx_auth_seq_align_end       150 
# 
loop_
_struct_ref_seq_dif.align_id 
_struct_ref_seq_dif.pdbx_pdb_id_code 
_struct_ref_seq_dif.mon_id 
_struct_ref_seq_dif.pdbx_pdb_strand_id 
_struct_ref_seq_dif.seq_num 
_struct_ref_seq_dif.pdbx_pdb_ins_code 
_struct_ref_seq_dif.pdbx_seq_db_name 
_struct_ref_seq_dif.pdbx_seq_db_accession_code 
_struct_ref_seq_dif.db_mon_id 
_struct_ref_seq_dif.pdbx_seq_db_seq_num 
_struct_ref_seq_dif.details 
_struct_ref_seq_dif.pdbx_auth_seq_num 
_struct_ref_seq_dif.pdbx_ordinal 
1 7PAE MET B 1  ? UNP O43924 ? ? 'initiating methionine' -15 1  
1 7PAE GLY B 2  ? UNP O43924 ? ? 'expression tag'        -14 2  
1 7PAE SER B 3  ? UNP O43924 ? ? 'expression tag'        -13 3  
1 7PAE HIS B 4  ? UNP O43924 ? ? 'expression tag'        -12 4  
1 7PAE HIS B 5  ? UNP O43924 ? ? 'expression tag'        -11 5  
1 7PAE HIS B 6  ? UNP O43924 ? ? 'expression tag'        -10 6  
1 7PAE HIS B 7  ? UNP O43924 ? ? 'expression tag'        -9  7  
1 7PAE HIS B 8  ? UNP O43924 ? ? 'expression tag'        -8  8  
1 7PAE HIS B 9  ? UNP O43924 ? ? 'expression tag'        -7  9  
1 7PAE GLY B 10 ? UNP O43924 ? ? 'expression tag'        -6  10 
1 7PAE SER B 11 ? UNP O43924 ? ? 'expression tag'        -5  11 
1 7PAE GLU B 12 ? UNP O43924 ? ? 'expression tag'        -4  12 
1 7PAE ASN B 13 ? UNP O43924 ? ? 'expression tag'        -3  13 
1 7PAE LEU B 14 ? UNP O43924 ? ? 'expression tag'        -2  14 
1 7PAE TYR B 15 ? UNP O43924 ? ? 'expression tag'        -1  15 
1 7PAE PHE B 16 ? UNP O43924 ? ? 'expression tag'        0   16 
1 7PAE GLN B 17 ? UNP O43924 ? ? 'expression tag'        1   17 
# 
_pdbx_struct_assembly.id                   1 
_pdbx_struct_assembly.details              author_and_software_defined_assembly 
_pdbx_struct_assembly.method_details       PISA 
_pdbx_struct_assembly.oligomeric_details   monomeric 
_pdbx_struct_assembly.oligomeric_count     1 
# 
loop_
_pdbx_struct_assembly_prop.biol_id 
_pdbx_struct_assembly_prop.type 
_pdbx_struct_assembly_prop.value 
_pdbx_struct_assembly_prop.details 
1 'ABSA (A^2)' 0    ? 
1 MORE         0    ? 
1 'SSA (A^2)'  8260 ? 
# 
_pdbx_struct_assembly_gen.assembly_id       1 
_pdbx_struct_assembly_gen.oper_expression   1 
_pdbx_struct_assembly_gen.asym_id_list      A,B,C,D 
# 
_pdbx_struct_assembly_auth_evidence.id                     1 
_pdbx_struct_assembly_auth_evidence.assembly_id            1 
_pdbx_struct_assembly_auth_evidence.experimental_support   'isothermal titration calorimetry' 
_pdbx_struct_assembly_auth_evidence.details                ? 
# 
_pdbx_struct_oper_list.id                   1 
_pdbx_struct_oper_list.type                 'identity operation' 
_pdbx_struct_oper_list.name                 1_555 
_pdbx_struct_oper_list.symmetry_operation   x,y,z 
_pdbx_struct_oper_list.matrix[1][1]         1.0000000000 
_pdbx_struct_oper_list.matrix[1][2]         0.0000000000 
_pdbx_struct_oper_list.matrix[1][3]         0.0000000000 
_pdbx_struct_oper_list.vector[1]            0.0000000000 
_pdbx_struct_oper_list.matrix[2][1]         0.0000000000 
_pdbx_struct_oper_list.matrix[2][2]         1.0000000000 
_pdbx_struct_oper_list.matrix[2][3]         0.0000000000 
_pdbx_struct_oper_list.vector[2]            0.0000000000 
_pdbx_struct_oper_list.matrix[3][1]         0.0000000000 
_pdbx_struct_oper_list.matrix[3][2]         0.0000000000 
_pdbx_struct_oper_list.matrix[3][3]         1.0000000000 
_pdbx_struct_oper_list.vector[3]            0.0000000000 
# 
loop_
_struct_conf.conf_type_id 
_struct_conf.id 
_struct_conf.pdbx_PDB_helix_id 
_struct_conf.beg_label_comp_id 
_struct_conf.beg_label_asym_id 
_struct_conf.beg_label_seq_id 
_struct_conf.pdbx_beg_PDB_ins_code 
_struct_conf.end_label_comp_id 
_struct_conf.end_label_asym_id 
_struct_conf.end_label_seq_id 
_struct_conf.pdbx_end_PDB_ins_code 
_struct_conf.beg_auth_comp_id 
_struct_conf.beg_auth_asym_id 
_struct_conf.beg_auth_seq_id 
_struct_conf.end_auth_comp_id 
_struct_conf.end_auth_asym_id 
_struct_conf.end_auth_seq_id 
_struct_conf.pdbx_PDB_helix_class 
_struct_conf.details 
_struct_conf.pdbx_PDB_helix_length 
HELX_P HELX_P1 AA1 SER A 18  ? GLY A 30  ? SER B 2   GLY B 14  1 ? 13 
HELX_P HELX_P2 AA2 LYS A 68  ? CYS A 72  ? LYS B 52  CYS B 56  5 ? 5  
HELX_P HELX_P3 AA3 PRO A 135 ? THR A 140 ? PRO B 119 THR B 124 1 ? 6  
# 
_struct_conf_type.id          HELX_P 
_struct_conf_type.criteria    ? 
_struct_conf_type.reference   ? 
# 
loop_
_struct_sheet.id 
_struct_sheet.type 
_struct_sheet.number_strands 
_struct_sheet.details 
AA1 ? 4 ? 
AA2 ? 5 ? 
# 
loop_
_struct_sheet_order.sheet_id 
_struct_sheet_order.range_id_1 
_struct_sheet_order.range_id_2 
_struct_sheet_order.offset 
_struct_sheet_order.sense 
AA1 1 2 ? anti-parallel 
AA1 2 3 ? anti-parallel 
AA1 3 4 ? anti-parallel 
AA2 1 2 ? parallel      
AA2 2 3 ? anti-parallel 
AA2 3 4 ? anti-parallel 
AA2 4 5 ? anti-parallel 
# 
loop_
_struct_sheet_range.sheet_id 
_struct_sheet_range.id 
_struct_sheet_range.beg_label_comp_id 
_struct_sheet_range.beg_label_asym_id 
_struct_sheet_range.beg_label_seq_id 
_struct_sheet_range.pdbx_beg_PDB_ins_code 
_struct_sheet_range.end_label_comp_id 
_struct_sheet_range.end_label_asym_id 
_struct_sheet_range.end_label_seq_id 
_struct_sheet_range.pdbx_end_PDB_ins_code 
_struct_sheet_range.beg_auth_comp_id 
_struct_sheet_range.beg_auth_asym_id 
_struct_sheet_range.beg_auth_seq_id 
_struct_sheet_range.end_auth_comp_id 
_struct_sheet_range.end_auth_asym_id 
_struct_sheet_range.end_auth_seq_id 
AA1 1 ILE A 46  ? GLY A 50  ? ILE B 30  GLY B 34  
AA1 2 PHE A 31  ? ASP A 40  ? PHE B 15  ASP B 24  
AA1 3 ALA A 74  ? SER A 83  ? ALA B 58  SER B 67  
AA1 4 SER A 117 ? GLU A 126 ? SER B 101 GLU B 110 
AA2 1 GLU A 60  ? PRO A 66  ? GLU B 44  PRO B 50  
AA2 2 LEU A 154 ? VAL A 166 ? LEU B 138 VAL B 150 
AA2 3 VAL A 143 ? ASP A 151 ? VAL B 127 ASP B 135 
AA2 4 MET A 87  ? PHE A 98  ? MET B 71  PHE B 82  
AA2 5 GLN A 101 ? VAL A 113 ? GLN B 85  VAL B 97  
# 
loop_
_pdbx_struct_sheet_hbond.sheet_id 
_pdbx_struct_sheet_hbond.range_id_1 
_pdbx_struct_sheet_hbond.range_id_2 
_pdbx_struct_sheet_hbond.range_1_label_atom_id 
_pdbx_struct_sheet_hbond.range_1_label_comp_id 
_pdbx_struct_sheet_hbond.range_1_label_asym_id 
_pdbx_struct_sheet_hbond.range_1_label_seq_id 
_pdbx_struct_sheet_hbond.range_1_PDB_ins_code 
_pdbx_struct_sheet_hbond.range_1_auth_atom_id 
_pdbx_struct_sheet_hbond.range_1_auth_comp_id 
_pdbx_struct_sheet_hbond.range_1_auth_asym_id 
_pdbx_struct_sheet_hbond.range_1_auth_seq_id 
_pdbx_struct_sheet_hbond.range_2_label_atom_id 
_pdbx_struct_sheet_hbond.range_2_label_comp_id 
_pdbx_struct_sheet_hbond.range_2_label_asym_id 
_pdbx_struct_sheet_hbond.range_2_label_seq_id 
_pdbx_struct_sheet_hbond.range_2_PDB_ins_code 
_pdbx_struct_sheet_hbond.range_2_auth_atom_id 
_pdbx_struct_sheet_hbond.range_2_auth_comp_id 
_pdbx_struct_sheet_hbond.range_2_auth_asym_id 
_pdbx_struct_sheet_hbond.range_2_auth_seq_id 
AA1 1 2 O LEU A 47  ? O LEU B 31  N LEU A 38  ? N LEU B 22  
AA1 2 3 N TRP A 35  ? N TRP B 19  O ASN A 80  ? O ASN B 64  
AA1 3 4 N VAL A 75  ? N VAL B 59  O ILE A 125 ? O ILE B 109 
AA2 1 2 N HIS A 61  ? N HIS B 45  O ARG A 162 ? O ARG B 146 
AA2 2 3 O VAL A 156 ? O VAL B 140 N PHE A 149 ? N PHE B 133 
AA2 3 4 O ILE A 144 ? O ILE B 128 N TYR A 97  ? N TYR B 81  
AA2 4 5 N PHE A 90  ? N PHE B 74  O PHE A 110 ? O PHE B 94  
# 
loop_
_struct_site.id 
_struct_site.pdbx_evidence_code 
_struct_site.pdbx_auth_asym_id 
_struct_site.pdbx_auth_comp_id 
_struct_site.pdbx_auth_seq_id 
_struct_site.pdbx_auth_ins_code 
_struct_site.pdbx_num_residues 
_struct_site.details 
AC1 Software B O7T 201 ? 13 'binding site for residue O7T B 201' 
AC2 Software B ACY 202 ? 5  'binding site for residue ACY B 202' 
# 
loop_
_struct_site_gen.id 
_struct_site_gen.site_id 
_struct_site_gen.pdbx_num_res 
_struct_site_gen.label_comp_id 
_struct_site_gen.label_asym_id 
_struct_site_gen.label_seq_id 
_struct_site_gen.pdbx_auth_ins_code 
_struct_site_gen.auth_comp_id 
_struct_site_gen.auth_asym_id 
_struct_site_gen.auth_seq_id 
_struct_site_gen.label_atom_id 
_struct_site_gen.label_alt_id 
_struct_site_gen.symmetry 
_struct_site_gen.details 
1  AC1 13 LEU A 38  ? LEU B 22  . ? 1_555 ? 
2  AC1 13 LEU A 54  ? LEU B 38  . ? 1_555 ? 
3  AC1 13 ILE A 69  ? ILE B 53  . ? 1_555 ? 
4  AC1 13 CYS A 72  ? CYS B 56  . ? 1_555 ? 
5  AC1 13 LYS A 73  ? LYS B 57  . ? 1_555 ? 
6  AC1 13 ARG A 77  ? ARG B 61  . ? 1_555 ? 
7  AC1 13 GLN A 94  ? GLN B 78  . ? 1_555 ? 
8  AC1 13 GLU A 104 ? GLU B 88  . ? 1_555 ? 
9  AC1 13 TRP A 106 ? TRP B 90  . ? 1_555 ? 
10 AC1 13 ILE A 125 ? ILE B 109 . ? 1_555 ? 
11 AC1 13 ILE A 145 ? ILE B 129 . ? 1_555 ? 
12 AC1 13 TYR A 165 ? TYR B 149 . ? 1_555 ? 
13 AC1 13 ACY C .   ? ACY B 202 . ? 1_555 ? 
14 AC2 5  GLU A 104 ? GLU B 88  . ? 1_555 ? 
15 AC2 5  ALA A 127 ? ALA B 111 . ? 1_555 ? 
16 AC2 5  SER A 131 ? SER B 115 . ? 1_555 ? 
17 AC2 5  MET A 133 ? MET B 117 . ? 1_555 ? 
18 AC2 5  O7T B .   ? O7T B 201 . ? 1_555 ? 
# 
_pdbx_validate_torsion.id              1 
_pdbx_validate_torsion.PDB_model_num   1 
_pdbx_validate_torsion.auth_comp_id    ASP 
_pdbx_validate_torsion.auth_asym_id    B 
_pdbx_validate_torsion.auth_seq_id     136 
_pdbx_validate_torsion.PDB_ins_code    ? 
_pdbx_validate_torsion.label_alt_id    ? 
_pdbx_validate_torsion.phi             63.68 
_pdbx_validate_torsion.psi             -112.64 
# 
_pdbx_struct_special_symmetry.id              1 
_pdbx_struct_special_symmetry.PDB_model_num   1 
_pdbx_struct_special_symmetry.auth_asym_id    B 
_pdbx_struct_special_symmetry.auth_comp_id    HOH 
_pdbx_struct_special_symmetry.auth_seq_id     419 
_pdbx_struct_special_symmetry.PDB_ins_code    ? 
_pdbx_struct_special_symmetry.label_asym_id   D 
_pdbx_struct_special_symmetry.label_comp_id   HOH 
_pdbx_struct_special_symmetry.label_seq_id    . 
# 
_pdbx_entry_details.entry_id                 7PAE 
_pdbx_entry_details.nonpolymer_details       ? 
_pdbx_entry_details.sequence_details         ? 
_pdbx_entry_details.compound_details         ? 
_pdbx_entry_details.source_details           ? 
_pdbx_entry_details.has_ligand_of_interest   Y 
# 
loop_
_pdbx_unobs_or_zero_occ_residues.id 
_pdbx_unobs_or_zero_occ_residues.PDB_model_num 
_pdbx_unobs_or_zero_occ_residues.polymer_flag 
_pdbx_unobs_or_zero_occ_residues.occupancy_flag 
_pdbx_unobs_or_zero_occ_residues.auth_asym_id 
_pdbx_unobs_or_zero_occ_residues.auth_comp_id 
_pdbx_unobs_or_zero_occ_residues.auth_seq_id 
_pdbx_unobs_or_zero_occ_residues.PDB_ins_code 
_pdbx_unobs_or_zero_occ_residues.label_asym_id 
_pdbx_unobs_or_zero_occ_residues.label_comp_id 
_pdbx_unobs_or_zero_occ_residues.label_seq_id 
1  1 Y 1 B MET -15 ? A MET 1  
2  1 Y 1 B GLY -14 ? A GLY 2  
3  1 Y 1 B SER -13 ? A SER 3  
4  1 Y 1 B HIS -12 ? A HIS 4  
5  1 Y 1 B HIS -11 ? A HIS 5  
6  1 Y 1 B HIS -10 ? A HIS 6  
7  1 Y 1 B HIS -9  ? A HIS 7  
8  1 Y 1 B HIS -8  ? A HIS 8  
9  1 Y 1 B HIS -7  ? A HIS 9  
10 1 Y 1 B GLY -6  ? A GLY 10 
11 1 Y 1 B SER -5  ? A SER 11 
12 1 Y 1 B GLU -4  ? A GLU 12 
13 1 Y 1 B ASN -3  ? A ASN 13 
14 1 Y 1 B LEU -2  ? A LEU 14 
15 1 Y 1 B TYR -1  ? A TYR 15 
16 1 Y 1 B PHE 0   ? A PHE 16 
17 1 Y 1 B GLN 1   ? A GLN 17 
# 
loop_
_chem_comp_atom.comp_id 
_chem_comp_atom.atom_id 
_chem_comp_atom.type_symbol 
_chem_comp_atom.pdbx_aromatic_flag 
_chem_comp_atom.pdbx_stereo_config 
_chem_comp_atom.pdbx_ordinal 
ACY C    C N N 1   
ACY O    O N N 2   
ACY OXT  O N N 3   
ACY CH3  C N N 4   
ACY HXT  H N N 5   
ACY H1   H N N 6   
ACY H2   H N N 7   
ACY H3   H N N 8   
ALA N    N N N 9   
ALA CA   C N S 10  
ALA C    C N N 11  
ALA O    O N N 12  
ALA CB   C N N 13  
ALA OXT  O N N 14  
ALA H    H N N 15  
ALA H2   H N N 16  
ALA HA   H N N 17  
ALA HB1  H N N 18  
ALA HB2  H N N 19  
ALA HB3  H N N 20  
ALA HXT  H N N 21  
ARG N    N N N 22  
ARG CA   C N S 23  
ARG C    C N N 24  
ARG O    O N N 25  
ARG CB   C N N 26  
ARG CG   C N N 27  
ARG CD   C N N 28  
ARG NE   N N N 29  
ARG CZ   C N N 30  
ARG NH1  N N N 31  
ARG NH2  N N N 32  
ARG OXT  O N N 33  
ARG H    H N N 34  
ARG H2   H N N 35  
ARG HA   H N N 36  
ARG HB2  H N N 37  
ARG HB3  H N N 38  
ARG HG2  H N N 39  
ARG HG3  H N N 40  
ARG HD2  H N N 41  
ARG HD3  H N N 42  
ARG HE   H N N 43  
ARG HH11 H N N 44  
ARG HH12 H N N 45  
ARG HH21 H N N 46  
ARG HH22 H N N 47  
ARG HXT  H N N 48  
ASN N    N N N 49  
ASN CA   C N S 50  
ASN C    C N N 51  
ASN O    O N N 52  
ASN CB   C N N 53  
ASN CG   C N N 54  
ASN OD1  O N N 55  
ASN ND2  N N N 56  
ASN OXT  O N N 57  
ASN H    H N N 58  
ASN H2   H N N 59  
ASN HA   H N N 60  
ASN HB2  H N N 61  
ASN HB3  H N N 62  
ASN HD21 H N N 63  
ASN HD22 H N N 64  
ASN HXT  H N N 65  
ASP N    N N N 66  
ASP CA   C N S 67  
ASP C    C N N 68  
ASP O    O N N 69  
ASP CB   C N N 70  
ASP CG   C N N 71  
ASP OD1  O N N 72  
ASP OD2  O N N 73  
ASP OXT  O N N 74  
ASP H    H N N 75  
ASP H2   H N N 76  
ASP HA   H N N 77  
ASP HB2  H N N 78  
ASP HB3  H N N 79  
ASP HD2  H N N 80  
ASP HXT  H N N 81  
CYS N    N N N 82  
CYS CA   C N R 83  
CYS C    C N N 84  
CYS O    O N N 85  
CYS CB   C N N 86  
CYS SG   S N N 87  
CYS OXT  O N N 88  
CYS H    H N N 89  
CYS H2   H N N 90  
CYS HA   H N N 91  
CYS HB2  H N N 92  
CYS HB3  H N N 93  
CYS HG   H N N 94  
CYS HXT  H N N 95  
GLN N    N N N 96  
GLN CA   C N S 97  
GLN C    C N N 98  
GLN O    O N N 99  
GLN CB   C N N 100 
GLN CG   C N N 101 
GLN CD   C N N 102 
GLN OE1  O N N 103 
GLN NE2  N N N 104 
GLN OXT  O N N 105 
GLN H    H N N 106 
GLN H2   H N N 107 
GLN HA   H N N 108 
GLN HB2  H N N 109 
GLN HB3  H N N 110 
GLN HG2  H N N 111 
GLN HG3  H N N 112 
GLN HE21 H N N 113 
GLN HE22 H N N 114 
GLN HXT  H N N 115 
GLU N    N N N 116 
GLU CA   C N S 117 
GLU C    C N N 118 
GLU O    O N N 119 
GLU CB   C N N 120 
GLU CG   C N N 121 
GLU CD   C N N 122 
GLU OE1  O N N 123 
GLU OE2  O N N 124 
GLU OXT  O N N 125 
GLU H    H N N 126 
GLU H2   H N N 127 
GLU HA   H N N 128 
GLU HB2  H N N 129 
GLU HB3  H N N 130 
GLU HG2  H N N 131 
GLU HG3  H N N 132 
GLU HE2  H N N 133 
GLU HXT  H N N 134 
GLY N    N N N 135 
GLY CA   C N N 136 
GLY C    C N N 137 
GLY O    O N N 138 
GLY OXT  O N N 139 
GLY H    H N N 140 
GLY H2   H N N 141 
GLY HA2  H N N 142 
GLY HA3  H N N 143 
GLY HXT  H N N 144 
HIS N    N N N 145 
HIS CA   C N S 146 
HIS C    C N N 147 
HIS O    O N N 148 
HIS CB   C N N 149 
HIS CG   C Y N 150 
HIS ND1  N Y N 151 
HIS CD2  C Y N 152 
HIS CE1  C Y N 153 
HIS NE2  N Y N 154 
HIS OXT  O N N 155 
HIS H    H N N 156 
HIS H2   H N N 157 
HIS HA   H N N 158 
HIS HB2  H N N 159 
HIS HB3  H N N 160 
HIS HD1  H N N 161 
HIS HD2  H N N 162 
HIS HE1  H N N 163 
HIS HE2  H N N 164 
HIS HXT  H N N 165 
HOH O    O N N 166 
HOH H1   H N N 167 
HOH H2   H N N 168 
ILE N    N N N 169 
ILE CA   C N S 170 
ILE C    C N N 171 
ILE O    O N N 172 
ILE CB   C N S 173 
ILE CG1  C N N 174 
ILE CG2  C N N 175 
ILE CD1  C N N 176 
ILE OXT  O N N 177 
ILE H    H N N 178 
ILE H2   H N N 179 
ILE HA   H N N 180 
ILE HB   H N N 181 
ILE HG12 H N N 182 
ILE HG13 H N N 183 
ILE HG21 H N N 184 
ILE HG22 H N N 185 
ILE HG23 H N N 186 
ILE HD11 H N N 187 
ILE HD12 H N N 188 
ILE HD13 H N N 189 
ILE HXT  H N N 190 
LEU N    N N N 191 
LEU CA   C N S 192 
LEU C    C N N 193 
LEU O    O N N 194 
LEU CB   C N N 195 
LEU CG   C N N 196 
LEU CD1  C N N 197 
LEU CD2  C N N 198 
LEU OXT  O N N 199 
LEU H    H N N 200 
LEU H2   H N N 201 
LEU HA   H N N 202 
LEU HB2  H N N 203 
LEU HB3  H N N 204 
LEU HG   H N N 205 
LEU HD11 H N N 206 
LEU HD12 H N N 207 
LEU HD13 H N N 208 
LEU HD21 H N N 209 
LEU HD22 H N N 210 
LEU HD23 H N N 211 
LEU HXT  H N N 212 
LYS N    N N N 213 
LYS CA   C N S 214 
LYS C    C N N 215 
LYS O    O N N 216 
LYS CB   C N N 217 
LYS CG   C N N 218 
LYS CD   C N N 219 
LYS CE   C N N 220 
LYS NZ   N N N 221 
LYS OXT  O N N 222 
LYS H    H N N 223 
LYS H2   H N N 224 
LYS HA   H N N 225 
LYS HB2  H N N 226 
LYS HB3  H N N 227 
LYS HG2  H N N 228 
LYS HG3  H N N 229 
LYS HD2  H N N 230 
LYS HD3  H N N 231 
LYS HE2  H N N 232 
LYS HE3  H N N 233 
LYS HZ1  H N N 234 
LYS HZ2  H N N 235 
LYS HZ3  H N N 236 
LYS HXT  H N N 237 
MET N    N N N 238 
MET CA   C N S 239 
MET C    C N N 240 
MET O    O N N 241 
MET CB   C N N 242 
MET CG   C N N 243 
MET SD   S N N 244 
MET CE   C N N 245 
MET OXT  O N N 246 
MET H    H N N 247 
MET H2   H N N 248 
MET HA   H N N 249 
MET HB2  H N N 250 
MET HB3  H N N 251 
MET HG2  H N N 252 
MET HG3  H N N 253 
MET HE1  H N N 254 
MET HE2  H N N 255 
MET HE3  H N N 256 
MET HXT  H N N 257 
O7T C45  C Y N 258 
O7T C22  C Y N 259 
O7T C44  C Y N 260 
O7T C46  C Y N 261 
O7T C21  C Y N 262 
O7T C23  C Y N 263 
O7T C13  C Y N 264 
O7T C37  C Y N 265 
O7T C14  C Y N 266 
O7T C38  C Y N 267 
O7T C43  C Y N 268 
O7T C47  C Y N 269 
O7T C5   C Y N 270 
O7T C7   C Y N 271 
O7T C20  C Y N 272 
O7T C24  C Y N 273 
O7T C12  C Y N 274 
O7T C36  C Y N 275 
O7T C15  C Y N 276 
O7T C39  C Y N 277 
O7T C4   C Y N 278 
O7T C8   C Y N 279 
O7T C42  C Y N 280 
O7T C6   C Y N 281 
O7T C19  C Y N 282 
O7T C11  C Y N 283 
O7T C35  C Y N 284 
O7T C16  C Y N 285 
O7T C34  C Y N 286 
O7T C3   C Y N 287 
O7T C9   C Y N 288 
O7T C41  C Y N 289 
O7T C28  C N N 290 
O7T C32  C N N 291 
O7T C29  C N N 292 
O7T C31  C N N 293 
O7T C27  C N N 294 
O7T C18  C N N 295 
O7T C1   C N N 296 
O7T C25  C N S 297 
O7T N10  N Y N 298 
O7T N40  N Y N 299 
O7T N17  N Y N 300 
O7T N33  N Y N 301 
O7T N30  N N N 302 
O7T O2   O N N 303 
O7T H1   H N N 304 
O7T H2   H N N 305 
O7T H3   H N N 306 
O7T H4   H N N 307 
O7T H5   H N N 308 
O7T H6   H N N 309 
O7T H7   H N N 310 
O7T H8   H N N 311 
O7T H9   H N N 312 
O7T H10  H N N 313 
O7T H11  H N N 314 
O7T H12  H N N 315 
O7T H13  H N N 316 
O7T H14  H N N 317 
O7T H15  H N N 318 
O7T H16  H N N 319 
O7T H17  H N N 320 
O7T H18  H N N 321 
O7T H19  H N N 322 
O7T H20  H N N 323 
O7T H21  H N N 324 
O7T H22  H N N 325 
O7T H23  H N N 326 
O7T H24  H N N 327 
O7T H25  H N N 328 
O7T H26  H N N 329 
O7T H27  H N N 330 
O7T H28  H N N 331 
O7T H29  H N N 332 
O7T H30  H N N 333 
O7T H31  H N N 334 
O7T H32  H N N 335 
O7T H33  H N N 336 
O7T H34  H N N 337 
O7T H35  H N N 338 
O7T H36  H N N 339 
O7T H37  H N N 340 
PHE N    N N N 341 
PHE CA   C N S 342 
PHE C    C N N 343 
PHE O    O N N 344 
PHE CB   C N N 345 
PHE CG   C Y N 346 
PHE CD1  C Y N 347 
PHE CD2  C Y N 348 
PHE CE1  C Y N 349 
PHE CE2  C Y N 350 
PHE CZ   C Y N 351 
PHE OXT  O N N 352 
PHE H    H N N 353 
PHE H2   H N N 354 
PHE HA   H N N 355 
PHE HB2  H N N 356 
PHE HB3  H N N 357 
PHE HD1  H N N 358 
PHE HD2  H N N 359 
PHE HE1  H N N 360 
PHE HE2  H N N 361 
PHE HZ   H N N 362 
PHE HXT  H N N 363 
PRO N    N N N 364 
PRO CA   C N S 365 
PRO C    C N N 366 
PRO O    O N N 367 
PRO CB   C N N 368 
PRO CG   C N N 369 
PRO CD   C N N 370 
PRO OXT  O N N 371 
PRO H    H N N 372 
PRO HA   H N N 373 
PRO HB2  H N N 374 
PRO HB3  H N N 375 
PRO HG2  H N N 376 
PRO HG3  H N N 377 
PRO HD2  H N N 378 
PRO HD3  H N N 379 
PRO HXT  H N N 380 
SER N    N N N 381 
SER CA   C N S 382 
SER C    C N N 383 
SER O    O N N 384 
SER CB   C N N 385 
SER OG   O N N 386 
SER OXT  O N N 387 
SER H    H N N 388 
SER H2   H N N 389 
SER HA   H N N 390 
SER HB2  H N N 391 
SER HB3  H N N 392 
SER HG   H N N 393 
SER HXT  H N N 394 
THR N    N N N 395 
THR CA   C N S 396 
THR C    C N N 397 
THR O    O N N 398 
THR CB   C N R 399 
THR OG1  O N N 400 
THR CG2  C N N 401 
THR OXT  O N N 402 
THR H    H N N 403 
THR H2   H N N 404 
THR HA   H N N 405 
THR HB   H N N 406 
THR HG1  H N N 407 
THR HG21 H N N 408 
THR HG22 H N N 409 
THR HG23 H N N 410 
THR HXT  H N N 411 
TRP N    N N N 412 
TRP CA   C N S 413 
TRP C    C N N 414 
TRP O    O N N 415 
TRP CB   C N N 416 
TRP CG   C Y N 417 
TRP CD1  C Y N 418 
TRP CD2  C Y N 419 
TRP NE1  N Y N 420 
TRP CE2  C Y N 421 
TRP CE3  C Y N 422 
TRP CZ2  C Y N 423 
TRP CZ3  C Y N 424 
TRP CH2  C Y N 425 
TRP OXT  O N N 426 
TRP H    H N N 427 
TRP H2   H N N 428 
TRP HA   H N N 429 
TRP HB2  H N N 430 
TRP HB3  H N N 431 
TRP HD1  H N N 432 
TRP HE1  H N N 433 
TRP HE3  H N N 434 
TRP HZ2  H N N 435 
TRP HZ3  H N N 436 
TRP HH2  H N N 437 
TRP HXT  H N N 438 
TYR N    N N N 439 
TYR CA   C N S 440 
TYR C    C N N 441 
TYR O    O N N 442 
TYR CB   C N N 443 
TYR CG   C Y N 444 
TYR CD1  C Y N 445 
TYR CD2  C Y N 446 
TYR CE1  C Y N 447 
TYR CE2  C Y N 448 
TYR CZ   C Y N 449 
TYR OH   O N N 450 
TYR OXT  O N N 451 
TYR H    H N N 452 
TYR H2   H N N 453 
TYR HA   H N N 454 
TYR HB2  H N N 455 
TYR HB3  H N N 456 
TYR HD1  H N N 457 
TYR HD2  H N N 458 
TYR HE1  H N N 459 
TYR HE2  H N N 460 
TYR HH   H N N 461 
TYR HXT  H N N 462 
VAL N    N N N 463 
VAL CA   C N S 464 
VAL C    C N N 465 
VAL O    O N N 466 
VAL CB   C N N 467 
VAL CG1  C N N 468 
VAL CG2  C N N 469 
VAL OXT  O N N 470 
VAL H    H N N 471 
VAL H2   H N N 472 
VAL HA   H N N 473 
VAL HB   H N N 474 
VAL HG11 H N N 475 
VAL HG12 H N N 476 
VAL HG13 H N N 477 
VAL HG21 H N N 478 
VAL HG22 H N N 479 
VAL HG23 H N N 480 
VAL HXT  H N N 481 
# 
loop_
_chem_comp_bond.comp_id 
_chem_comp_bond.atom_id_1 
_chem_comp_bond.atom_id_2 
_chem_comp_bond.value_order 
_chem_comp_bond.pdbx_aromatic_flag 
_chem_comp_bond.pdbx_stereo_config 
_chem_comp_bond.pdbx_ordinal 
ACY C   O    doub N N 1   
ACY C   OXT  sing N N 2   
ACY C   CH3  sing N N 3   
ACY OXT HXT  sing N N 4   
ACY CH3 H1   sing N N 5   
ACY CH3 H2   sing N N 6   
ACY CH3 H3   sing N N 7   
ALA N   CA   sing N N 8   
ALA N   H    sing N N 9   
ALA N   H2   sing N N 10  
ALA CA  C    sing N N 11  
ALA CA  CB   sing N N 12  
ALA CA  HA   sing N N 13  
ALA C   O    doub N N 14  
ALA C   OXT  sing N N 15  
ALA CB  HB1  sing N N 16  
ALA CB  HB2  sing N N 17  
ALA CB  HB3  sing N N 18  
ALA OXT HXT  sing N N 19  
ARG N   CA   sing N N 20  
ARG N   H    sing N N 21  
ARG N   H2   sing N N 22  
ARG CA  C    sing N N 23  
ARG CA  CB   sing N N 24  
ARG CA  HA   sing N N 25  
ARG C   O    doub N N 26  
ARG C   OXT  sing N N 27  
ARG CB  CG   sing N N 28  
ARG CB  HB2  sing N N 29  
ARG CB  HB3  sing N N 30  
ARG CG  CD   sing N N 31  
ARG CG  HG2  sing N N 32  
ARG CG  HG3  sing N N 33  
ARG CD  NE   sing N N 34  
ARG CD  HD2  sing N N 35  
ARG CD  HD3  sing N N 36  
ARG NE  CZ   sing N N 37  
ARG NE  HE   sing N N 38  
ARG CZ  NH1  sing N N 39  
ARG CZ  NH2  doub N N 40  
ARG NH1 HH11 sing N N 41  
ARG NH1 HH12 sing N N 42  
ARG NH2 HH21 sing N N 43  
ARG NH2 HH22 sing N N 44  
ARG OXT HXT  sing N N 45  
ASN N   CA   sing N N 46  
ASN N   H    sing N N 47  
ASN N   H2   sing N N 48  
ASN CA  C    sing N N 49  
ASN CA  CB   sing N N 50  
ASN CA  HA   sing N N 51  
ASN C   O    doub N N 52  
ASN C   OXT  sing N N 53  
ASN CB  CG   sing N N 54  
ASN CB  HB2  sing N N 55  
ASN CB  HB3  sing N N 56  
ASN CG  OD1  doub N N 57  
ASN CG  ND2  sing N N 58  
ASN ND2 HD21 sing N N 59  
ASN ND2 HD22 sing N N 60  
ASN OXT HXT  sing N N 61  
ASP N   CA   sing N N 62  
ASP N   H    sing N N 63  
ASP N   H2   sing N N 64  
ASP CA  C    sing N N 65  
ASP CA  CB   sing N N 66  
ASP CA  HA   sing N N 67  
ASP C   O    doub N N 68  
ASP C   OXT  sing N N 69  
ASP CB  CG   sing N N 70  
ASP CB  HB2  sing N N 71  
ASP CB  HB3  sing N N 72  
ASP CG  OD1  doub N N 73  
ASP CG  OD2  sing N N 74  
ASP OD2 HD2  sing N N 75  
ASP OXT HXT  sing N N 76  
CYS N   CA   sing N N 77  
CYS N   H    sing N N 78  
CYS N   H2   sing N N 79  
CYS CA  C    sing N N 80  
CYS CA  CB   sing N N 81  
CYS CA  HA   sing N N 82  
CYS C   O    doub N N 83  
CYS C   OXT  sing N N 84  
CYS CB  SG   sing N N 85  
CYS CB  HB2  sing N N 86  
CYS CB  HB3  sing N N 87  
CYS SG  HG   sing N N 88  
CYS OXT HXT  sing N N 89  
GLN N   CA   sing N N 90  
GLN N   H    sing N N 91  
GLN N   H2   sing N N 92  
GLN CA  C    sing N N 93  
GLN CA  CB   sing N N 94  
GLN CA  HA   sing N N 95  
GLN C   O    doub N N 96  
GLN C   OXT  sing N N 97  
GLN CB  CG   sing N N 98  
GLN CB  HB2  sing N N 99  
GLN CB  HB3  sing N N 100 
GLN CG  CD   sing N N 101 
GLN CG  HG2  sing N N 102 
GLN CG  HG3  sing N N 103 
GLN CD  OE1  doub N N 104 
GLN CD  NE2  sing N N 105 
GLN NE2 HE21 sing N N 106 
GLN NE2 HE22 sing N N 107 
GLN OXT HXT  sing N N 108 
GLU N   CA   sing N N 109 
GLU N   H    sing N N 110 
GLU N   H2   sing N N 111 
GLU CA  C    sing N N 112 
GLU CA  CB   sing N N 113 
GLU CA  HA   sing N N 114 
GLU C   O    doub N N 115 
GLU C   OXT  sing N N 116 
GLU CB  CG   sing N N 117 
GLU CB  HB2  sing N N 118 
GLU CB  HB3  sing N N 119 
GLU CG  CD   sing N N 120 
GLU CG  HG2  sing N N 121 
GLU CG  HG3  sing N N 122 
GLU CD  OE1  doub N N 123 
GLU CD  OE2  sing N N 124 
GLU OE2 HE2  sing N N 125 
GLU OXT HXT  sing N N 126 
GLY N   CA   sing N N 127 
GLY N   H    sing N N 128 
GLY N   H2   sing N N 129 
GLY CA  C    sing N N 130 
GLY CA  HA2  sing N N 131 
GLY CA  HA3  sing N N 132 
GLY C   O    doub N N 133 
GLY C   OXT  sing N N 134 
GLY OXT HXT  sing N N 135 
HIS N   CA   sing N N 136 
HIS N   H    sing N N 137 
HIS N   H2   sing N N 138 
HIS CA  C    sing N N 139 
HIS CA  CB   sing N N 140 
HIS CA  HA   sing N N 141 
HIS C   O    doub N N 142 
HIS C   OXT  sing N N 143 
HIS CB  CG   sing N N 144 
HIS CB  HB2  sing N N 145 
HIS CB  HB3  sing N N 146 
HIS CG  ND1  sing Y N 147 
HIS CG  CD2  doub Y N 148 
HIS ND1 CE1  doub Y N 149 
HIS ND1 HD1  sing N N 150 
HIS CD2 NE2  sing Y N 151 
HIS CD2 HD2  sing N N 152 
HIS CE1 NE2  sing Y N 153 
HIS CE1 HE1  sing N N 154 
HIS NE2 HE2  sing N N 155 
HIS OXT HXT  sing N N 156 
HOH O   H1   sing N N 157 
HOH O   H2   sing N N 158 
ILE N   CA   sing N N 159 
ILE N   H    sing N N 160 
ILE N   H2   sing N N 161 
ILE CA  C    sing N N 162 
ILE CA  CB   sing N N 163 
ILE CA  HA   sing N N 164 
ILE C   O    doub N N 165 
ILE C   OXT  sing N N 166 
ILE CB  CG1  sing N N 167 
ILE CB  CG2  sing N N 168 
ILE CB  HB   sing N N 169 
ILE CG1 CD1  sing N N 170 
ILE CG1 HG12 sing N N 171 
ILE CG1 HG13 sing N N 172 
ILE CG2 HG21 sing N N 173 
ILE CG2 HG22 sing N N 174 
ILE CG2 HG23 sing N N 175 
ILE CD1 HD11 sing N N 176 
ILE CD1 HD12 sing N N 177 
ILE CD1 HD13 sing N N 178 
ILE OXT HXT  sing N N 179 
LEU N   CA   sing N N 180 
LEU N   H    sing N N 181 
LEU N   H2   sing N N 182 
LEU CA  C    sing N N 183 
LEU CA  CB   sing N N 184 
LEU CA  HA   sing N N 185 
LEU C   O    doub N N 186 
LEU C   OXT  sing N N 187 
LEU CB  CG   sing N N 188 
LEU CB  HB2  sing N N 189 
LEU CB  HB3  sing N N 190 
LEU CG  CD1  sing N N 191 
LEU CG  CD2  sing N N 192 
LEU CG  HG   sing N N 193 
LEU CD1 HD11 sing N N 194 
LEU CD1 HD12 sing N N 195 
LEU CD1 HD13 sing N N 196 
LEU CD2 HD21 sing N N 197 
LEU CD2 HD22 sing N N 198 
LEU CD2 HD23 sing N N 199 
LEU OXT HXT  sing N N 200 
LYS N   CA   sing N N 201 
LYS N   H    sing N N 202 
LYS N   H2   sing N N 203 
LYS CA  C    sing N N 204 
LYS CA  CB   sing N N 205 
LYS CA  HA   sing N N 206 
LYS C   O    doub N N 207 
LYS C   OXT  sing N N 208 
LYS CB  CG   sing N N 209 
LYS CB  HB2  sing N N 210 
LYS CB  HB3  sing N N 211 
LYS CG  CD   sing N N 212 
LYS CG  HG2  sing N N 213 
LYS CG  HG3  sing N N 214 
LYS CD  CE   sing N N 215 
LYS CD  HD2  sing N N 216 
LYS CD  HD3  sing N N 217 
LYS CE  NZ   sing N N 218 
LYS CE  HE2  sing N N 219 
LYS CE  HE3  sing N N 220 
LYS NZ  HZ1  sing N N 221 
LYS NZ  HZ2  sing N N 222 
LYS NZ  HZ3  sing N N 223 
LYS OXT HXT  sing N N 224 
MET N   CA   sing N N 225 
MET N   H    sing N N 226 
MET N   H2   sing N N 227 
MET CA  C    sing N N 228 
MET CA  CB   sing N N 229 
MET CA  HA   sing N N 230 
MET C   O    doub N N 231 
MET C   OXT  sing N N 232 
MET CB  CG   sing N N 233 
MET CB  HB2  sing N N 234 
MET CB  HB3  sing N N 235 
MET CG  SD   sing N N 236 
MET CG  HG2  sing N N 237 
MET CG  HG3  sing N N 238 
MET SD  CE   sing N N 239 
MET CE  HE1  sing N N 240 
MET CE  HE2  sing N N 241 
MET CE  HE3  sing N N 242 
MET OXT HXT  sing N N 243 
O7T C46 C47  doub Y N 244 
O7T C46 C45  sing Y N 245 
O7T C47 C42  sing Y N 246 
O7T C45 C44  doub Y N 247 
O7T N40 C35  sing Y N 248 
O7T N40 C41  doub Y N 249 
O7T C36 C35  doub Y N 250 
O7T C36 C37  sing Y N 251 
O7T C42 C41  sing N N 252 
O7T C42 C43  doub Y N 253 
O7T C35 C34  sing Y N 254 
O7T C41 N33  sing Y N 255 
O7T C37 C38  doub Y N 256 
O7T C44 C43  sing Y N 257 
O7T C22 C23  doub Y N 258 
O7T C22 C21  sing Y N 259 
O7T C23 C24  sing Y N 260 
O7T C21 C20  doub Y N 261 
O7T C34 N33  sing Y N 262 
O7T C34 C39  doub Y N 263 
O7T N33 C25  sing N N 264 
O7T C38 C39  sing Y N 265 
O7T C24 C19  doub Y N 266 
O7T C20 C19  sing Y N 267 
O7T C32 C31  sing N N 268 
O7T C32 C27  sing N N 269 
O7T C19 C18  sing N N 270 
O7T C25 C27  sing N N 271 
O7T C25 C1   sing N N 272 
O7T C31 N30  sing N N 273 
O7T C18 N17  sing N N 274 
O7T C27 C28  sing N N 275 
O7T C1  O2   sing N N 276 
O7T N30 C29  sing N N 277 
O7T O2  C3   sing N N 278 
O7T N17 C16  sing Y N 279 
O7T N17 C9   sing Y N 280 
O7T C3  C4   doub Y N 281 
O7T C3  C8   sing Y N 282 
O7T C15 C16  doub Y N 283 
O7T C15 C14  sing Y N 284 
O7T C28 C29  sing N N 285 
O7T C4  C5   sing Y N 286 
O7T C8  C7   doub Y N 287 
O7T C5  C6   doub Y N 288 
O7T C7  C6   sing Y N 289 
O7T C16 C11  sing Y N 290 
O7T C6  C9   sing N N 291 
O7T C9  N10  doub Y N 292 
O7T C14 C13  doub Y N 293 
O7T C11 N10  sing Y N 294 
O7T C11 C12  doub Y N 295 
O7T C13 C12  sing Y N 296 
O7T C45 H1   sing N N 297 
O7T C22 H2   sing N N 298 
O7T C44 H3   sing N N 299 
O7T C46 H4   sing N N 300 
O7T C21 H5   sing N N 301 
O7T C23 H6   sing N N 302 
O7T C13 H7   sing N N 303 
O7T C37 H8   sing N N 304 
O7T C14 H9   sing N N 305 
O7T C38 H10  sing N N 306 
O7T C43 H11  sing N N 307 
O7T C47 H12  sing N N 308 
O7T C5  H13  sing N N 309 
O7T C7  H14  sing N N 310 
O7T C20 H15  sing N N 311 
O7T C24 H16  sing N N 312 
O7T C12 H17  sing N N 313 
O7T C36 H18  sing N N 314 
O7T C15 H19  sing N N 315 
O7T C39 H20  sing N N 316 
O7T C4  H21  sing N N 317 
O7T C8  H22  sing N N 318 
O7T C28 H23  sing N N 319 
O7T C28 H24  sing N N 320 
O7T C32 H25  sing N N 321 
O7T C32 H26  sing N N 322 
O7T C29 H27  sing N N 323 
O7T C29 H28  sing N N 324 
O7T C31 H29  sing N N 325 
O7T C31 H30  sing N N 326 
O7T C27 H31  sing N N 327 
O7T C18 H32  sing N N 328 
O7T C18 H33  sing N N 329 
O7T C1  H34  sing N N 330 
O7T C1  H35  sing N N 331 
O7T C25 H36  sing N N 332 
O7T N30 H37  sing N N 333 
PHE N   CA   sing N N 334 
PHE N   H    sing N N 335 
PHE N   H2   sing N N 336 
PHE CA  C    sing N N 337 
PHE CA  CB   sing N N 338 
PHE CA  HA   sing N N 339 
PHE C   O    doub N N 340 
PHE C   OXT  sing N N 341 
PHE CB  CG   sing N N 342 
PHE CB  HB2  sing N N 343 
PHE CB  HB3  sing N N 344 
PHE CG  CD1  doub Y N 345 
PHE CG  CD2  sing Y N 346 
PHE CD1 CE1  sing Y N 347 
PHE CD1 HD1  sing N N 348 
PHE CD2 CE2  doub Y N 349 
PHE CD2 HD2  sing N N 350 
PHE CE1 CZ   doub Y N 351 
PHE CE1 HE1  sing N N 352 
PHE CE2 CZ   sing Y N 353 
PHE CE2 HE2  sing N N 354 
PHE CZ  HZ   sing N N 355 
PHE OXT HXT  sing N N 356 
PRO N   CA   sing N N 357 
PRO N   CD   sing N N 358 
PRO N   H    sing N N 359 
PRO CA  C    sing N N 360 
PRO CA  CB   sing N N 361 
PRO CA  HA   sing N N 362 
PRO C   O    doub N N 363 
PRO C   OXT  sing N N 364 
PRO CB  CG   sing N N 365 
PRO CB  HB2  sing N N 366 
PRO CB  HB3  sing N N 367 
PRO CG  CD   sing N N 368 
PRO CG  HG2  sing N N 369 
PRO CG  HG3  sing N N 370 
PRO CD  HD2  sing N N 371 
PRO CD  HD3  sing N N 372 
PRO OXT HXT  sing N N 373 
SER N   CA   sing N N 374 
SER N   H    sing N N 375 
SER N   H2   sing N N 376 
SER CA  C    sing N N 377 
SER CA  CB   sing N N 378 
SER CA  HA   sing N N 379 
SER C   O    doub N N 380 
SER C   OXT  sing N N 381 
SER CB  OG   sing N N 382 
SER CB  HB2  sing N N 383 
SER CB  HB3  sing N N 384 
SER OG  HG   sing N N 385 
SER OXT HXT  sing N N 386 
THR N   CA   sing N N 387 
THR N   H    sing N N 388 
THR N   H2   sing N N 389 
THR CA  C    sing N N 390 
THR CA  CB   sing N N 391 
THR CA  HA   sing N N 392 
THR C   O    doub N N 393 
THR C   OXT  sing N N 394 
THR CB  OG1  sing N N 395 
THR CB  CG2  sing N N 396 
THR CB  HB   sing N N 397 
THR OG1 HG1  sing N N 398 
THR CG2 HG21 sing N N 399 
THR CG2 HG22 sing N N 400 
THR CG2 HG23 sing N N 401 
THR OXT HXT  sing N N 402 
TRP N   CA   sing N N 403 
TRP N   H    sing N N 404 
TRP N   H2   sing N N 405 
TRP CA  C    sing N N 406 
TRP CA  CB   sing N N 407 
TRP CA  HA   sing N N 408 
TRP C   O    doub N N 409 
TRP C   OXT  sing N N 410 
TRP CB  CG   sing N N 411 
TRP CB  HB2  sing N N 412 
TRP CB  HB3  sing N N 413 
TRP CG  CD1  doub Y N 414 
TRP CG  CD2  sing Y N 415 
TRP CD1 NE1  sing Y N 416 
TRP CD1 HD1  sing N N 417 
TRP CD2 CE2  doub Y N 418 
TRP CD2 CE3  sing Y N 419 
TRP NE1 CE2  sing Y N 420 
TRP NE1 HE1  sing N N 421 
TRP CE2 CZ2  sing Y N 422 
TRP CE3 CZ3  doub Y N 423 
TRP CE3 HE3  sing N N 424 
TRP CZ2 CH2  doub Y N 425 
TRP CZ2 HZ2  sing N N 426 
TRP CZ3 CH2  sing Y N 427 
TRP CZ3 HZ3  sing N N 428 
TRP CH2 HH2  sing N N 429 
TRP OXT HXT  sing N N 430 
TYR N   CA   sing N N 431 
TYR N   H    sing N N 432 
TYR N   H2   sing N N 433 
TYR CA  C    sing N N 434 
TYR CA  CB   sing N N 435 
TYR CA  HA   sing N N 436 
TYR C   O    doub N N 437 
TYR C   OXT  sing N N 438 
TYR CB  CG   sing N N 439 
TYR CB  HB2  sing N N 440 
TYR CB  HB3  sing N N 441 
TYR CG  CD1  doub Y N 442 
TYR CG  CD2  sing Y N 443 
TYR CD1 CE1  sing Y N 444 
TYR CD1 HD1  sing N N 445 
TYR CD2 CE2  doub Y N 446 
TYR CD2 HD2  sing N N 447 
TYR CE1 CZ   doub Y N 448 
TYR CE1 HE1  sing N N 449 
TYR CE2 CZ   sing Y N 450 
TYR CE2 HE2  sing N N 451 
TYR CZ  OH   sing N N 452 
TYR OH  HH   sing N N 453 
TYR OXT HXT  sing N N 454 
VAL N   CA   sing N N 455 
VAL N   H    sing N N 456 
VAL N   H2   sing N N 457 
VAL CA  C    sing N N 458 
VAL CA  CB   sing N N 459 
VAL CA  HA   sing N N 460 
VAL C   O    doub N N 461 
VAL C   OXT  sing N N 462 
VAL CB  CG1  sing N N 463 
VAL CB  CG2  sing N N 464 
VAL CB  HB   sing N N 465 
VAL CG1 HG11 sing N N 466 
VAL CG1 HG12 sing N N 467 
VAL CG1 HG13 sing N N 468 
VAL CG2 HG21 sing N N 469 
VAL CG2 HG22 sing N N 470 
VAL CG2 HG23 sing N N 471 
VAL OXT HXT  sing N N 472 
# 
_pdbx_audit_support.funding_organization   'National Institutes of Health/National Cancer Institute (NIH/NCI)' 
_pdbx_audit_support.country                ? 
_pdbx_audit_support.grant_number           5R01CA202756 
_pdbx_audit_support.ordinal                1 
# 
_pdbx_entity_instance_feature.ordinal        1 
_pdbx_entity_instance_feature.comp_id        O7T 
_pdbx_entity_instance_feature.asym_id        ? 
_pdbx_entity_instance_feature.seq_num        ? 
_pdbx_entity_instance_feature.auth_comp_id   O7T 
_pdbx_entity_instance_feature.auth_asym_id   ? 
_pdbx_entity_instance_feature.auth_seq_num   ? 
_pdbx_entity_instance_feature.feature_type   'SUBJECT OF INVESTIGATION' 
_pdbx_entity_instance_feature.details        ? 
# 
_pdbx_initial_refinement_model.id               1 
_pdbx_initial_refinement_model.entity_id_list   ? 
_pdbx_initial_refinement_model.type             'experimental model' 
_pdbx_initial_refinement_model.source_name      PDB 
_pdbx_initial_refinement_model.accession_code   5NAL 
_pdbx_initial_refinement_model.details          ? 
# 
_atom_sites.entry_id                    7PAE 
_atom_sites.Cartn_transf_matrix[1][1]   ? 
_atom_sites.Cartn_transf_matrix[1][2]   ? 
_atom_sites.Cartn_transf_matrix[1][3]   ? 
_atom_sites.Cartn_transf_matrix[2][1]   ? 
_atom_sites.Cartn_transf_matrix[2][2]   ? 
_atom_sites.Cartn_transf_matrix[2][3]   ? 
_atom_sites.Cartn_transf_matrix[3][1]   ? 
_atom_sites.Cartn_transf_matrix[3][2]   ? 
_atom_sites.Cartn_transf_matrix[3][3]   ? 
_atom_sites.Cartn_transf_vector[1]      ? 
_atom_sites.Cartn_transf_vector[2]      ? 
_atom_sites.Cartn_transf_vector[3]      ? 
_atom_sites.fract_transf_matrix[1][1]   -0.01828279 
_atom_sites.fract_transf_matrix[1][2]   -0.00553023 
_atom_sites.fract_transf_matrix[1][3]   0.00791908 
_atom_sites.fract_transf_matrix[2][1]   -0.00520028 
_atom_sites.fract_transf_matrix[2][2]   -0.01998672 
_atom_sites.fract_transf_matrix[2][3]   0.00103334 
_atom_sites.fract_transf_matrix[3][1]   0.00353592 
_atom_sites.fract_transf_matrix[3][2]   -0.00051659 
_atom_sites.fract_transf_matrix[3][3]   0.00780263 
_atom_sites.fract_transf_vector[1]      -0.405463 
_atom_sites.fract_transf_vector[2]      0.152055 
_atom_sites.fract_transf_vector[3]      -0.092425 
_atom_sites.solution_primary            ? 
_atom_sites.solution_secondary          ? 
_atom_sites.solution_hydrogens          ? 
_atom_sites.special_details             ? 
# 
loop_
_atom_type.symbol 
C 
N 
O 
S 
# 
loop_
_atom_site.group_PDB 
_atom_site.id 
_atom_site.type_symbol 
_atom_site.label_atom_id 
_atom_site.label_alt_id 
_atom_site.label_comp_id 
_atom_site.label_asym_id 
_atom_site.label_entity_id 
_atom_site.label_seq_id 
_atom_site.pdbx_PDB_ins_code 
_atom_site.Cartn_x 
_atom_site.Cartn_y 
_atom_site.Cartn_z 
_atom_site.occupancy 
_atom_site.B_iso_or_equiv 
_atom_site.pdbx_formal_charge 
_atom_site.auth_seq_id 
_atom_site.auth_comp_id 
_atom_site.auth_asym_id 
_atom_site.auth_atom_id 
_atom_site.pdbx_PDB_model_num 
ATOM   1    N N   . SER A 1 18  ? 26.903  -2.448  -3.711  1.00 33.33  ? 2   SER B N   1 
ATOM   2    C CA  . SER A 1 18  ? 27.232  -2.261  -2.297  1.00 32.50  ? 2   SER B CA  1 
ATOM   3    C C   . SER A 1 18  ? 26.572  -3.358  -1.467  1.00 35.15  ? 2   SER B C   1 
ATOM   4    O O   . SER A 1 18  ? 25.697  -4.055  -1.992  1.00 34.62  ? 2   SER B O   1 
ATOM   5    C CB  . SER A 1 18  ? 26.716  -0.911  -1.811  1.00 36.70  ? 2   SER B CB  1 
ATOM   6    O OG  . SER A 1 18  ? 25.296  -0.901  -1.748  1.00 42.10  ? 2   SER B OG  1 
ATOM   7    N N   . ALA A 1 19  ? 26.982  -3.506  -0.189  1.00 32.23  ? 3   ALA B N   1 
ATOM   8    C CA  . ALA A 1 19  ? 26.413  -4.489  0.753   1.00 32.33  ? 3   ALA B CA  1 
ATOM   9    C C   . ALA A 1 19  ? 24.924  -4.167  0.959   1.00 34.64  ? 3   ALA B C   1 
ATOM   10   O O   . ALA A 1 19  ? 24.103  -5.075  1.000   1.00 32.40  ? 3   ALA B O   1 
ATOM   11   C CB  . ALA A 1 19  ? 27.155  -4.435  2.088   1.00 33.20  ? 3   ALA B CB  1 
ATOM   12   N N   . LYS A 1 20  ? 24.587  -2.860  1.050   1.00 32.11  ? 4   LYS B N   1 
ATOM   13   C CA  . LYS A 1 20  ? 23.222  -2.340  1.192   1.00 31.82  ? 4   LYS B CA  1 
ATOM   14   C C   . LYS A 1 20  ? 22.308  -2.732  0.024   1.00 34.73  ? 4   LYS B C   1 
ATOM   15   O O   . LYS A 1 20  ? 21.192  -3.213  0.270   1.00 35.53  ? 4   LYS B O   1 
ATOM   16   C CB  . LYS A 1 20  ? 23.261  -0.811  1.387   1.00 35.54  ? 4   LYS B CB  1 
ATOM   17   C CG  . LYS A 1 20  ? 23.565  -0.440  2.822   1.00 40.69  ? 4   LYS B CG  1 
ATOM   18   C CD  . LYS A 1 20  ? 23.579  1.076   3.056   1.00 45.37  ? 4   LYS B CD  1 
ATOM   19   C CE  . LYS A 1 20  ? 23.748  1.377   4.534   1.00 58.36  ? 4   LYS B CE  1 
ATOM   20   N NZ  . LYS A 1 20  ? 23.906  2.834   4.798   1.00 72.83  ? 4   LYS B NZ  1 
ATOM   21   N N   . ASP A 1 21  ? 22.775  -2.577  -1.241  1.00 30.45  ? 5   ASP B N   1 
ATOM   22   C CA  . ASP A 1 21  ? 22.009  -2.993  -2.431  1.00 30.73  ? 5   ASP B CA  1 
ATOM   23   C C   . ASP A 1 21  ? 21.757  -4.512  -2.397  1.00 31.81  ? 5   ASP B C   1 
ATOM   24   O O   . ASP A 1 21  ? 20.648  -4.948  -2.713  1.00 29.91  ? 5   ASP B O   1 
ATOM   25   C CB  . ASP A 1 21  ? 22.737  -2.673  -3.741  1.00 33.11  ? 5   ASP B CB  1 
ATOM   26   C CG  . ASP A 1 21  ? 22.966  -1.202  -4.050  1.00 46.89  ? 5   ASP B CG  1 
ATOM   27   O OD1 . ASP A 1 21  ? 22.287  -0.359  -3.446  1.00 45.73  ? 5   ASP B OD1 1 
ATOM   28   O OD2 . ASP A 1 21  ? 23.816  -0.904  -4.909  1.00 56.70  ? 5   ASP B OD2 1 
ATOM   29   N N   . GLU A 1 22  ? 22.783  -5.299  -2.027  1.00 27.99  ? 6   GLU B N   1 
ATOM   30   C CA  . GLU A 1 22  ? 22.662  -6.777  -1.947  1.00 26.26  ? 6   GLU B CA  1 
ATOM   31   C C   . GLU A 1 22  ? 21.632  -7.129  -0.885  1.00 26.65  ? 6   GLU B C   1 
ATOM   32   O O   . GLU A 1 22  ? 20.816  -8.027  -1.096  1.00 25.39  ? 6   GLU B O   1 
ATOM   33   C CB  . GLU A 1 22  ? 24.013  -7.437  -1.622  1.00 27.77  ? 6   GLU B CB  1 
ATOM   34   C CG  . GLU A 1 22  ? 23.987  -8.965  -1.606  1.00 29.79  ? 6   GLU B CG  1 
ATOM   35   C CD  . GLU A 1 22  ? 23.804  -9.646  -2.952  1.00 46.59  ? 6   GLU B CD  1 
ATOM   36   O OE1 . GLU A 1 22  ? 23.995  -8.990  -4.002  1.00 40.24  ? 6   GLU B OE1 1 
ATOM   37   O OE2 . GLU A 1 22  ? 23.481  -10.853 -2.952  1.00 51.02  ? 6   GLU B OE2 1 
ATOM   38   N N   . ARG A 1 23  ? 21.680  -6.451  0.253   1.00 24.21  ? 7   ARG B N   1 
ATOM   39   C CA  . ARG A 1 23  ? 20.754  -6.688  1.360   1.00 23.89  ? 7   ARG B CA  1 
ATOM   40   C C   . ARG A 1 23  ? 19.300  -6.384  0.944   1.00 27.32  ? 7   ARG B C   1 
ATOM   41   O O   . ARG A 1 23  ? 18.393  -7.151  1.287   1.00 26.38  ? 7   ARG B O   1 
ATOM   42   C CB  . ARG A 1 23  ? 21.134  -5.872  2.592   1.00 25.58  ? 7   ARG B CB  1 
ATOM   43   C CG  . ARG A 1 23  ? 20.258  -6.295  3.773   1.00 31.42  ? 7   ARG B CG  1 
ATOM   44   C CD  . ARG A 1 23  ? 20.796  -5.893  5.124   1.00 48.54  ? 7   ARG B CD  1 
ATOM   45   N NE  . ARG A 1 23  ? 19.737  -6.063  6.114   1.00 56.31  ? 7   ARG B NE  1 
ATOM   46   C CZ  . ARG A 1 23  ? 18.965  -5.082  6.573   1.00 63.75  ? 7   ARG B CZ  1 
ATOM   47   N NH1 . ARG A 1 23  ? 18.001  -5.344  7.438   1.00 39.12  ? 7   ARG B NH1 1 
ATOM   48   N NH2 . ARG A 1 23  ? 19.174  -3.826  6.192   1.00 49.99  ? 7   ARG B NH2 1 
ATOM   49   N N   . ALA A 1 24  ? 19.073  -5.261  0.234   1.00 25.24  ? 8   ALA B N   1 
ATOM   50   C CA  . ALA A 1 24  ? 17.727  -4.916  -0.275  1.00 25.39  ? 8   ALA B CA  1 
ATOM   51   C C   . ALA A 1 24  ? 17.225  -6.050  -1.195  1.00 27.03  ? 8   ALA B C   1 
ATOM   52   O O   . ALA A 1 24  ? 16.057  -6.432  -1.121  1.00 24.80  ? 8   ALA B O   1 
ATOM   53   C CB  . ALA A 1 24  ? 17.784  -3.619  -1.074  1.00 26.70  ? 8   ALA B CB  1 
ATOM   54   N N   . ARG A 1 25  ? 18.102  -6.590  -2.058  1.00 23.62  ? 9   ARG B N   1 
ATOM   55   C CA  . ARG A 1 25  ? 17.679  -7.687  -2.967  1.00 23.19  ? 9   ARG B CA  1 
ATOM   56   C C   . ARG A 1 25  ? 17.327  -8.956  -2.181  1.00 26.25  ? 9   ARG B C   1 
ATOM   57   O O   . ARG A 1 25  ? 16.405  -9.693  -2.557  1.00 24.40  ? 9   ARG B O   1 
ATOM   58   C CB  . ARG A 1 25  ? 18.754  -7.976  -4.028  1.00 25.03  ? 9   ARG B CB  1 
ATOM   59   C CG  . ARG A 1 25  ? 18.856  -6.845  -5.060  1.00 25.81  ? 9   ARG B CG  1 
ATOM   60   C CD  . ARG A 1 25  ? 19.830  -7.146  -6.197  1.00 31.62  ? 9   ARG B CD  1 
ATOM   61   N NE  . ARG A 1 25  ? 21.225  -7.264  -5.749  1.00 33.24  ? 9   ARG B NE  1 
ATOM   62   C CZ  . ARG A 1 25  ? 22.140  -6.294  -5.822  1.00 48.59  ? 9   ARG B CZ  1 
ATOM   63   N NH1 . ARG A 1 25  ? 23.388  -6.523  -5.434  1.00 37.50  ? 9   ARG B NH1 1 
ATOM   64   N NH2 . ARG A 1 25  ? 21.812  -5.091  -6.282  1.00 34.63  ? 9   ARG B NH2 1 
ATOM   65   N N   . GLU A 1 26  ? 18.079  -9.229  -1.103  1.00 23.80  ? 10  GLU B N   1 
ATOM   66   C CA  . GLU A 1 26  ? 17.795  -10.401 -0.264  1.00 22.89  ? 10  GLU B CA  1 
ATOM   67   C C   . GLU A 1 26  ? 16.434  -10.263 0.435   1.00 24.52  ? 10  GLU B C   1 
ATOM   68   O O   . GLU A 1 26  ? 15.679  -11.239 0.550   1.00 23.55  ? 10  GLU B O   1 
ATOM   69   C CB  . GLU A 1 26  ? 18.906  -10.574 0.772   1.00 24.65  ? 10  GLU B CB  1 
ATOM   70   C CG  . GLU A 1 26  ? 19.009  -12.036 1.149   1.00 38.67  ? 10  GLU B CG  1 
ATOM   71   C CD  . GLU A 1 26  ? 19.523  -12.944 0.043   1.00 59.05  ? 10  GLU B CD  1 
ATOM   72   O OE1 . GLU A 1 26  ? 18.909  -14.008 -0.191  1.00 40.45  ? 10  GLU B OE1 1 
ATOM   73   O OE2 . GLU A 1 26  ? 20.549  -12.599 -0.585  1.00 71.74  ? 10  GLU B OE2 1 
ATOM   74   N N   . ILE A 1 27  ? 16.156  -9.078  0.978   1.00 22.55  ? 11  ILE B N   1 
ATOM   75   C CA  . ILE A 1 27  ? 14.870  -8.827  1.669   1.00 22.54  ? 11  ILE B CA  1 
ATOM   76   C C   . ILE A 1 27  ? 13.766  -9.018  0.644   1.00 25.95  ? 11  ILE B C   1 
ATOM   77   O O   . ILE A 1 27  ? 12.789  -9.721  0.936   1.00 26.85  ? 11  ILE B O   1 
ATOM   78   C CB  . ILE A 1 27  ? 14.819  -7.411  2.314   1.00 24.10  ? 11  ILE B CB  1 
ATOM   79   C CG1 . ILE A 1 27  ? 15.904  -7.252  3.400   1.00 24.84  ? 11  ILE B CG1 1 
ATOM   80   C CG2 . ILE A 1 27  ? 13.419  -7.089  2.911   1.00 24.17  ? 11  ILE B CG2 1 
ATOM   81   C CD1 . ILE A 1 27  ? 16.115  -5.820  3.895   1.00 25.02  ? 11  ILE B CD1 1 
ATOM   82   N N   . LEU A 1 28  ? 13.911  -8.426  -0.560  1.00 23.26  ? 12  LEU B N   1 
ATOM   83   C CA  . LEU A 1 28  ? 12.840  -8.599  -1.592  1.00 23.00  ? 12  LEU B CA  1 
ATOM   84   C C   . LEU A 1 28  ? 12.613  -10.088 -1.899  1.00 26.05  ? 12  LEU B C   1 
ATOM   85   O O   . LEU A 1 28  ? 11.471  -10.553 -1.885  1.00 24.99  ? 12  LEU B O   1 
ATOM   86   C CB  . LEU A 1 28  ? 13.181  -7.837  -2.878  1.00 22.93  ? 12  LEU B CB  1 
ATOM   87   C CG  . LEU A 1 28  ? 12.201  -8.001  -4.086  1.00 27.03  ? 12  LEU B CG  1 
ATOM   88   C CD1 . LEU A 1 28  ? 10.752  -7.654  -3.696  1.00 26.22  ? 12  LEU B CD1 1 
ATOM   89   C CD2 . LEU A 1 28  ? 12.636  -7.110  -5.248  1.00 28.21  ? 12  LEU B CD2 1 
ATOM   90   N N   . ARG A 1 29  ? 13.706  -10.831 -2.148  1.00 23.03  ? 13  ARG B N   1 
ATOM   91   C CA  . ARG A 1 29  ? 13.658  -12.273 -2.397  1.00 23.01  ? 13  ARG B CA  1 
ATOM   92   C C   . ARG A 1 29  ? 12.808  -13.032 -1.357  1.00 27.47  ? 13  ARG B C   1 
ATOM   93   O O   . ARG A 1 29  ? 12.053  -13.916 -1.747  1.00 28.21  ? 13  ARG B O   1 
ATOM   94   C CB  . ARG A 1 29  ? 15.090  -12.867 -2.423  1.00 21.64  ? 13  ARG B CB  1 
ATOM   95   C CG  . ARG A 1 29  ? 15.070  -14.368 -2.728  1.00 22.83  ? 13  ARG B CG  1 
ATOM   96   C CD  . ARG A 1 29  ? 16.436  -15.012 -2.898  1.00 23.62  ? 13  ARG B CD  1 
ATOM   97   N NE  . ARG A 1 29  ? 16.257  -16.462 -3.014  1.00 28.45  ? 13  ARG B NE  1 
ATOM   98   C CZ  . ARG A 1 29  ? 15.886  -17.104 -4.119  1.00 35.64  ? 13  ARG B CZ  1 
ATOM   99   N NH1 . ARG A 1 29  ? 15.731  -16.447 -5.257  1.00 27.63  ? 13  ARG B NH1 1 
ATOM   100  N NH2 . ARG A 1 29  ? 15.711  -18.421 -4.101  1.00 29.27  ? 13  ARG B NH2 1 
ATOM   101  N N   . GLY A 1 30  ? 12.975  -12.728 -0.068  1.00 26.29  ? 14  GLY B N   1 
ATOM   102  C CA  . GLY A 1 30  ? 12.261  -13.418 1.000   1.00 26.21  ? 14  GLY B CA  1 
ATOM   103  C C   . GLY A 1 30  ? 10.942  -12.800 1.404   1.00 28.15  ? 14  GLY B C   1 
ATOM   104  O O   . GLY A 1 30  ? 10.304  -13.295 2.334   1.00 27.07  ? 14  GLY B O   1 
ATOM   105  N N   . PHE A 1 31  ? 10.494  -11.735 0.707   1.00 25.06  ? 15  PHE B N   1 
ATOM   106  C CA  . PHE A 1 31  ? 9.257   -11.029 1.103   1.00 25.44  ? 15  PHE B CA  1 
ATOM   107  C C   . PHE A 1 31  ? 8.024   -11.477 0.329   1.00 30.16  ? 15  PHE B C   1 
ATOM   108  O O   . PHE A 1 31  ? 8.108   -11.701 -0.865  1.00 28.28  ? 15  PHE B O   1 
ATOM   109  C CB  . PHE A 1 31  ? 9.443   -9.502  0.907   1.00 27.81  ? 15  PHE B CB  1 
ATOM   110  C CG  . PHE A 1 31  ? 8.290   -8.661  1.409   1.00 28.75  ? 15  PHE B CG  1 
ATOM   111  C CD1 . PHE A 1 31  ? 8.194   -8.313  2.749   1.00 29.74  ? 15  PHE B CD1 1 
ATOM   112  C CD2 . PHE A 1 31  ? 7.296   -8.221  0.537   1.00 30.41  ? 15  PHE B CD2 1 
ATOM   113  C CE1 . PHE A 1 31  ? 7.111   -7.554  3.216   1.00 31.09  ? 15  PHE B CE1 1 
ATOM   114  C CE2 . PHE A 1 31  ? 6.205   -7.473  1.014   1.00 32.61  ? 15  PHE B CE2 1 
ATOM   115  C CZ  . PHE A 1 31  ? 6.120   -7.156  2.349   1.00 28.98  ? 15  PHE B CZ  1 
ATOM   116  N N   . LYS A 1 32  ? 6.869   -11.535 0.995   1.00 28.85  ? 16  LYS B N   1 
ATOM   117  C CA  . LYS A 1 32  ? 5.621   -11.809 0.296   1.00 29.20  ? 16  LYS B CA  1 
ATOM   118  C C   . LYS A 1 32  ? 4.468   -11.107 0.979   1.00 30.31  ? 16  LYS B C   1 
ATOM   119  O O   . LYS A 1 32  ? 4.349   -11.206 2.186   1.00 28.09  ? 16  LYS B O   1 
ATOM   120  C CB  . LYS A 1 32  ? 5.339   -13.328 0.203   1.00 32.46  ? 16  LYS B CB  1 
ATOM   121  C CG  . LYS A 1 32  ? 4.306   -13.615 -0.881  1.00 48.22  ? 16  LYS B CG  1 
ATOM   122  C CD  . LYS A 1 32  ? 4.160   -15.072 -1.263  1.00 55.81  ? 16  LYS B CD  1 
ATOM   123  C CE  . LYS A 1 32  ? 3.210   -15.167 -2.437  1.00 59.59  ? 16  LYS B CE  1 
ATOM   124  N NZ  . LYS A 1 32  ? 2.601   -16.519 -2.546  1.00 68.55  ? 16  LYS B NZ  1 
ATOM   125  N N   . LEU A 1 33  ? 3.593   -10.433 0.208   1.00 29.14  ? 17  LEU B N   1 
ATOM   126  C CA  . LEU A 1 33  ? 2.353   -9.873  0.753   1.00 30.19  ? 17  LEU B CA  1 
ATOM   127  C C   . LEU A 1 33  ? 1.311   -10.996 0.476   1.00 34.12  ? 17  LEU B C   1 
ATOM   128  O O   . LEU A 1 33  ? 1.073   -11.344 -0.695  1.00 33.23  ? 17  LEU B O   1 
ATOM   129  C CB  . LEU A 1 33  ? 2.029   -8.588  -0.031  1.00 31.72  ? 17  LEU B CB  1 
ATOM   130  C CG  . LEU A 1 33  ? 0.971   -7.620  0.509   1.00 37.11  ? 17  LEU B CG  1 
ATOM   131  C CD1 . LEU A 1 33  ? 1.062   -6.281  -0.223  1.00 35.17  ? 17  LEU B CD1 1 
ATOM   132  C CD2 . LEU A 1 33  ? -0.423  -8.158  0.290   1.00 40.38  ? 17  LEU B CD2 1 
ATOM   133  N N   . ASN A 1 34  ? 0.782   -11.625 1.541   1.00 31.26  ? 18  ASN B N   1 
ATOM   134  C CA  . ASN A 1 34  ? -0.159  -12.749 1.451   1.00 31.14  ? 18  ASN B CA  1 
ATOM   135  C C   . ASN A 1 34  ? -1.585  -12.312 1.125   1.00 37.04  ? 18  ASN B C   1 
ATOM   136  O O   . ASN A 1 34  ? -2.199  -12.843 0.195   1.00 36.22  ? 18  ASN B O   1 
ATOM   137  C CB  . ASN A 1 34  ? -0.131  -13.575 2.735   1.00 30.65  ? 18  ASN B CB  1 
ATOM   138  C CG  . ASN A 1 34  ? 1.242   -14.105 3.030   1.00 39.46  ? 18  ASN B CG  1 
ATOM   139  O OD1 . ASN A 1 34  ? 1.886   -14.702 2.169   1.00 33.44  ? 18  ASN B OD1 1 
ATOM   140  N ND2 . ASN A 1 34  ? 1.717   -13.886 4.249   1.00 32.33  ? 18  ASN B ND2 1 
ATOM   141  N N   . TRP A 1 35  ? -2.099  -11.338 1.873   1.00 34.55  ? 19  TRP B N   1 
ATOM   142  C CA  . TRP A 1 35  ? -3.437  -10.799 1.643   1.00 34.09  ? 19  TRP B CA  1 
ATOM   143  C C   . TRP A 1 35  ? -3.549  -9.413  2.187   1.00 36.38  ? 19  TRP B C   1 
ATOM   144  O O   . TRP A 1 35  ? -2.712  -8.975  2.984   1.00 33.16  ? 19  TRP B O   1 
ATOM   145  C CB  . TRP A 1 35  ? -4.542  -11.694 2.246   1.00 33.03  ? 19  TRP B CB  1 
ATOM   146  C CG  . TRP A 1 35  ? -4.403  -12.053 3.704   1.00 32.95  ? 19  TRP B CG  1 
ATOM   147  C CD1 . TRP A 1 35  ? -3.893  -13.213 4.210   1.00 35.55  ? 19  TRP B CD1 1 
ATOM   148  C CD2 . TRP A 1 35  ? -4.842  -11.282 4.832   1.00 33.00  ? 19  TRP B CD2 1 
ATOM   149  N NE1 . TRP A 1 35  ? -3.958  -13.202 5.579   1.00 35.34  ? 19  TRP B NE1 1 
ATOM   150  C CE2 . TRP A 1 35  ? -4.587  -12.054 5.989   1.00 36.67  ? 19  TRP B CE2 1 
ATOM   151  C CE3 . TRP A 1 35  ? -5.427  -10.014 4.982   1.00 34.61  ? 19  TRP B CE3 1 
ATOM   152  C CZ2 . TRP A 1 35  ? -4.830  -11.569 7.284   1.00 36.57  ? 19  TRP B CZ2 1 
ATOM   153  C CZ3 . TRP A 1 35  ? -5.720  -9.554  6.256   1.00 36.06  ? 19  TRP B CZ3 1 
ATOM   154  C CH2 . TRP A 1 35  ? -5.424  -10.327 7.394   1.00 36.98  ? 19  TRP B CH2 1 
ATOM   155  N N   . MET A 1 36  ? -4.612  -8.715  1.772   1.00 33.24  ? 20  MET B N   1 
ATOM   156  C CA  . MET A 1 36  ? -4.893  -7.385  2.277   1.00 32.83  ? 20  MET B CA  1 
ATOM   157  C C   . MET A 1 36  ? -6.373  -7.110  2.228   1.00 35.25  ? 20  MET B C   1 
ATOM   158  O O   . MET A 1 36  ? -7.055  -7.564  1.313   1.00 33.54  ? 20  MET B O   1 
ATOM   159  C CB  . MET A 1 36  ? -4.145  -6.324  1.456   1.00 36.05  ? 20  MET B CB  1 
ATOM   160  C CG  . MET A 1 36  ? -4.348  -4.904  1.990   1.00 41.79  ? 20  MET B CG  1 
ATOM   161  S SD  . MET A 1 36  ? -3.299  -3.662  1.203   1.00 48.65  ? 20  MET B SD  1 
ATOM   162  C CE  . MET A 1 36  ? -3.760  -3.830  -0.499  1.00 45.68  ? 20  MET B CE  1 
ATOM   163  N N   . ASN A 1 37  ? -6.872  -6.349  3.192   1.00 32.62  ? 21  ASN B N   1 
ATOM   164  C CA  . ASN A 1 37  ? -8.252  -5.910  3.097   1.00 32.96  ? 21  ASN B CA  1 
ATOM   165  C C   . ASN A 1 37  ? -8.358  -4.465  3.533   1.00 36.77  ? 21  ASN B C   1 
ATOM   166  O O   . ASN A 1 37  ? -7.434  -3.934  4.177   1.00 35.87  ? 21  ASN B O   1 
ATOM   167  C CB  . ASN A 1 37  ? -9.256  -6.852  3.762   1.00 36.16  ? 21  ASN B CB  1 
ATOM   168  C CG  . ASN A 1 37  ? -9.084  -7.091  5.212   1.00 51.71  ? 21  ASN B CG  1 
ATOM   169  O OD1 . ASN A 1 37  ? -8.833  -6.168  5.977   1.00 50.97  ? 21  ASN B OD1 1 
ATOM   170  N ND2 . ASN A 1 37  ? -9.247  -8.348  5.616   1.00 41.58  ? 21  ASN B ND2 1 
ATOM   171  N N   . LEU A 1 38  ? -9.438  -3.787  3.086   1.00 31.50  ? 22  LEU B N   1 
ATOM   172  C CA  . LEU A 1 38  ? -9.651  -2.372  3.373   1.00 31.42  ? 22  LEU B CA  1 
ATOM   173  C C   . LEU A 1 38  ? -11.049 -2.197  3.906   1.00 36.42  ? 22  LEU B C   1 
ATOM   174  O O   . LEU A 1 38  ? -11.993 -2.729  3.313   1.00 35.84  ? 22  LEU B O   1 
ATOM   175  C CB  . LEU A 1 38  ? -9.478  -1.545  2.074   1.00 31.64  ? 22  LEU B CB  1 
ATOM   176  C CG  . LEU A 1 38  ? -8.079  -1.565  1.448   1.00 36.62  ? 22  LEU B CG  1 
ATOM   177  C CD1 . LEU A 1 38  ? -8.124  -1.023  0.029   1.00 37.17  ? 22  LEU B CD1 1 
ATOM   178  C CD2 . LEU A 1 38  ? -7.063  -0.783  2.304   1.00 35.71  ? 22  LEU B CD2 1 
ATOM   179  N N   . ARG A 1 39  ? -11.177 -1.499  5.039   1.00 33.98  ? 23  ARG B N   1 
ATOM   180  C CA  . ARG A 1 39  ? -12.475 -1.293  5.690   1.00 35.57  ? 23  ARG B CA  1 
ATOM   181  C C   . ARG A 1 39  ? -12.827 0.164   5.818   1.00 40.42  ? 23  ARG B C   1 
ATOM   182  O O   . ARG A 1 39  ? -11.948 1.017   5.814   1.00 39.38  ? 23  ARG B O   1 
ATOM   183  C CB  . ARG A 1 39  ? -12.496 -1.879  7.115   1.00 36.06  ? 23  ARG B CB  1 
ATOM   184  C CG  . ARG A 1 39  ? -12.246 -3.373  7.240   1.00 47.95  ? 23  ARG B CG  1 
ATOM   185  C CD  . ARG A 1 39  ? -11.857 -3.689  8.682   1.00 50.89  ? 23  ARG B CD  1 
ATOM   186  N NE  . ARG A 1 39  ? -12.066 -5.098  9.008   1.00 58.19  ? 23  ARG B NE  1 
ATOM   187  C CZ  . ARG A 1 39  ? -11.143 -6.040  8.869   1.00 69.45  ? 23  ARG B CZ  1 
ATOM   188  N NH1 . ARG A 1 39  ? -9.932  -5.731  8.432   1.00 62.68  ? 23  ARG B NH1 1 
ATOM   189  N NH2 . ARG A 1 39  ? -11.417 -7.296  9.180   1.00 59.97  ? 23  ARG B NH2 1 
ATOM   190  N N   . ASP A 1 40  ? -14.132 0.447   5.979   1.00 38.83  ? 24  ASP B N   1 
ATOM   191  C CA  . ASP A 1 40  ? -14.636 1.775   6.303   1.00 39.19  ? 24  ASP B CA  1 
ATOM   192  C C   . ASP A 1 40  ? -14.298 1.835   7.786   1.00 45.05  ? 24  ASP B C   1 
ATOM   193  O O   . ASP A 1 40  ? -14.710 0.942   8.532   1.00 44.66  ? 24  ASP B O   1 
ATOM   194  C CB  . ASP A 1 40  ? -16.165 1.813   6.095   1.00 41.28  ? 24  ASP B CB  1 
ATOM   195  C CG  . ASP A 1 40  ? -16.879 3.122   6.403   1.00 50.86  ? 24  ASP B CG  1 
ATOM   196  O OD1 . ASP A 1 40  ? -16.331 3.936   7.179   1.00 50.99  ? 24  ASP B OD1 1 
ATOM   197  O OD2 . ASP A 1 40  ? -17.995 3.322   5.880   1.00 57.81  ? 24  ASP B OD2 1 
ATOM   198  N N   . ALA A 1 41  ? -13.453 2.798   8.203   1.00 43.42  ? 25  ALA B N   1 
ATOM   199  C CA  . ALA A 1 41  ? -13.007 2.875   9.605   1.00 43.31  ? 25  ALA B CA  1 
ATOM   200  C C   . ALA A 1 41  ? -14.136 3.216   10.578  1.00 50.90  ? 25  ALA B C   1 
ATOM   201  O O   . ALA A 1 41  ? -14.045 2.881   11.761  1.00 51.63  ? 25  ALA B O   1 
ATOM   202  C CB  . ALA A 1 41  ? -11.868 3.867   9.750   1.00 43.60  ? 25  ALA B CB  1 
ATOM   203  N N   . GLU A 1 42  ? -15.198 3.872   10.079  1.00 49.12  ? 26  GLU B N   1 
ATOM   204  C CA  . GLU A 1 42  ? -16.350 4.236   10.894  1.00 49.49  ? 26  GLU B CA  1 
ATOM   205  C C   . GLU A 1 42  ? -17.202 3.009   11.222  1.00 50.75  ? 26  GLU B C   1 
ATOM   206  O O   . GLU A 1 42  ? -17.493 2.797   12.388  1.00 51.33  ? 26  GLU B O   1 
ATOM   207  C CB  . GLU A 1 42  ? -17.183 5.343   10.211  1.00 51.41  ? 26  GLU B CB  1 
ATOM   208  C CG  . GLU A 1 42  ? -18.356 5.861   11.039  1.00 66.49  ? 26  GLU B CG  1 
ATOM   209  C CD  . GLU A 1 42  ? -18.003 6.498   12.373  1.00 95.84  ? 26  GLU B CD  1 
ATOM   210  O OE1 . GLU A 1 42  ? -18.488 5.999   13.415  1.00 87.10  ? 26  GLU B OE1 1 
ATOM   211  O OE2 . GLU A 1 42  ? -17.234 7.486   12.379  1.00 95.89  ? 26  GLU B OE2 1 
ATOM   212  N N   . THR A 1 43  ? -17.567 2.193   10.213  1.00 45.51  ? 27  THR B N   1 
ATOM   213  C CA  . THR A 1 43  ? -18.434 1.005   10.356  1.00 44.81  ? 27  THR B CA  1 
ATOM   214  C C   . THR A 1 43  ? -17.696 -0.328  10.636  1.00 48.42  ? 27  THR B C   1 
ATOM   215  O O   . THR A 1 43  ? -18.310 -1.285  11.138  1.00 47.14  ? 27  THR B O   1 
ATOM   216  C CB  . THR A 1 43  ? -19.291 0.828   9.088   1.00 50.48  ? 27  THR B CB  1 
ATOM   217  O OG1 . THR A 1 43  ? -18.451 0.402   8.014   1.00 45.27  ? 27  THR B OG1 1 
ATOM   218  C CG2 . THR A 1 43  ? -20.071 2.094   8.699   1.00 50.23  ? 27  THR B CG2 1 
ATOM   219  N N   . GLY A 1 44  ? -16.426 -0.402  10.227  1.00 44.09  ? 28  GLY B N   1 
ATOM   220  C CA  . GLY A 1 44  ? -15.614 -1.611  10.347  1.00 43.24  ? 28  GLY B CA  1 
ATOM   221  C C   . GLY A 1 44  ? -15.911 -2.631  9.261   1.00 46.93  ? 28  GLY B C   1 
ATOM   222  O O   . GLY A 1 44  ? -15.370 -3.736  9.296   1.00 48.05  ? 28  GLY B O   1 
ATOM   223  N N   . LYS A 1 45  ? -16.773 -2.283  8.276   1.00 42.54  ? 29  LYS B N   1 
ATOM   224  C CA  . LYS A 1 45  ? -17.130 -3.224  7.209   1.00 41.90  ? 29  LYS B CA  1 
ATOM   225  C C   . LYS A 1 45  ? -16.042 -3.335  6.150   1.00 43.02  ? 29  LYS B C   1 
ATOM   226  O O   . LYS A 1 45  ? -15.507 -2.312  5.738   1.00 41.80  ? 29  LYS B O   1 
ATOM   227  C CB  . LYS A 1 45  ? -18.450 -2.826  6.562   1.00 45.54  ? 29  LYS B CB  1 
ATOM   228  C CG  . LYS A 1 45  ? -19.648 -3.254  7.381   1.00 57.20  ? 29  LYS B CG  1 
ATOM   229  C CD  . LYS A 1 45  ? -20.921 -3.079  6.584   1.00 64.27  ? 29  LYS B CD  1 
ATOM   230  C CE  . LYS A 1 45  ? -22.138 -3.401  7.404   1.00 70.36  ? 29  LYS B CE  1 
ATOM   231  N NZ  . LYS A 1 45  ? -22.404 -2.352  8.424   1.00 75.53  ? 29  LYS B NZ  1 
ATOM   232  N N   . ILE A 1 46  ? -15.715 -4.574  5.726   1.00 39.08  ? 30  ILE B N   1 
ATOM   233  C CA  . ILE A 1 46  ? -14.709 -4.837  4.690   1.00 38.91  ? 30  ILE B CA  1 
ATOM   234  C C   . ILE A 1 46  ? -15.285 -4.416  3.337   1.00 43.57  ? 30  ILE B C   1 
ATOM   235  O O   . ILE A 1 46  ? -16.284 -4.989  2.895   1.00 43.43  ? 30  ILE B O   1 
ATOM   236  C CB  . ILE A 1 46  ? -14.214 -6.313  4.685   1.00 42.41  ? 30  ILE B CB  1 
ATOM   237  C CG1 . ILE A 1 46  ? -13.607 -6.715  6.065   1.00 43.33  ? 30  ILE B CG1 1 
ATOM   238  C CG2 . ILE A 1 46  ? -13.213 -6.545  3.532   1.00 43.81  ? 30  ILE B CG2 1 
ATOM   239  C CD1 . ILE A 1 46  ? -13.234 -8.277  6.244   1.00 47.66  ? 30  ILE B CD1 1 
ATOM   240  N N   . LEU A 1 47  ? -14.675 -3.403  2.699   1.00 39.44  ? 31  LEU B N   1 
ATOM   241  C CA  . LEU A 1 47  ? -15.114 -2.928  1.399   1.00 38.94  ? 31  LEU B CA  1 
ATOM   242  C C   . LEU A 1 47  ? -14.376 -3.602  0.241   1.00 41.33  ? 31  LEU B C   1 
ATOM   243  O O   . LEU A 1 47  ? -14.929 -3.738  -0.848  1.00 40.99  ? 31  LEU B O   1 
ATOM   244  C CB  . LEU A 1 47  ? -15.005 -1.404  1.314   1.00 39.62  ? 31  LEU B CB  1 
ATOM   245  C CG  . LEU A 1 47  ? -15.922 -0.584  2.250   1.00 45.99  ? 31  LEU B CG  1 
ATOM   246  C CD1 . LEU A 1 47  ? -15.797 0.899   1.963   1.00 47.29  ? 31  LEU B CD1 1 
ATOM   247  C CD2 . LEU A 1 47  ? -17.386 -0.991  2.109   1.00 48.74  ? 31  LEU B CD2 1 
ATOM   248  N N   . TRP A 1 48  ? -13.129 -4.033  0.471   1.00 34.58  ? 32  TRP B N   1 
ATOM   249  C CA  . TRP A 1 48  ? -12.312 -4.660  -0.562  1.00 32.49  ? 32  TRP B CA  1 
ATOM   250  C C   . TRP A 1 48  ? -11.382 -5.666  0.089   1.00 33.97  ? 32  TRP B C   1 
ATOM   251  O O   . TRP A 1 48  ? -10.955 -5.448  1.215   1.00 31.84  ? 32  TRP B O   1 
ATOM   252  C CB  . TRP A 1 48  ? -11.504 -3.569  -1.298  1.00 31.16  ? 32  TRP B CB  1 
ATOM   253  C CG  . TRP A 1 48  ? -10.631 -4.088  -2.393  1.00 32.43  ? 32  TRP B CG  1 
ATOM   254  C CD1 . TRP A 1 48  ? -10.991 -4.330  -3.689  1.00 34.90  ? 32  TRP B CD1 1 
ATOM   255  C CD2 . TRP A 1 48  ? -9.295  -4.588  -2.244  1.00 32.53  ? 32  TRP B CD2 1 
ATOM   256  N NE1 . TRP A 1 48  ? -9.943  -4.905  -4.370  1.00 34.49  ? 32  TRP B NE1 1 
ATOM   257  C CE2 . TRP A 1 48  ? -8.879  -5.053  -3.513  1.00 36.03  ? 32  TRP B CE2 1 
ATOM   258  C CE3 . TRP A 1 48  ? -8.377  -4.610  -1.180  1.00 33.94  ? 32  TRP B CE3 1 
ATOM   259  C CZ2 . TRP A 1 48  ? -7.602  -5.585  -3.732  1.00 35.29  ? 32  TRP B CZ2 1 
ATOM   260  C CZ3 . TRP A 1 48  ? -7.126  -5.165  -1.392  1.00 35.21  ? 32  TRP B CZ3 1 
ATOM   261  C CH2 . TRP A 1 48  ? -6.747  -5.633  -2.657  1.00 35.72  ? 32  TRP B CH2 1 
ATOM   262  N N   . GLN A 1 49  ? -11.065 -6.758  -0.623  1.00 33.07  ? 33  GLN B N   1 
ATOM   263  C CA  . GLN A 1 49  ? -10.141 -7.788  -0.173  1.00 34.42  ? 33  GLN B CA  1 
ATOM   264  C C   . GLN A 1 49  ? -9.429  -8.386  -1.370  1.00 38.09  ? 33  GLN B C   1 
ATOM   265  O O   . GLN A 1 49  ? -10.038 -8.588  -2.410  1.00 37.31  ? 33  GLN B O   1 
ATOM   266  C CB  . GLN A 1 49  ? -10.880 -8.888  0.614   1.00 36.99  ? 33  GLN B CB  1 
ATOM   267  C CG  . GLN A 1 49  ? -9.934  -9.767  1.446   1.00 55.86  ? 33  GLN B CG  1 
ATOM   268  C CD  . GLN A 1 49  ? -10.667 -10.840 2.208   1.00 71.84  ? 33  GLN B CD  1 
ATOM   269  O OE1 . GLN A 1 49  ? -11.381 -10.575 3.185   1.00 67.31  ? 33  GLN B OE1 1 
ATOM   270  N NE2 . GLN A 1 49  ? -10.493 -12.077 1.780   1.00 58.58  ? 33  GLN B NE2 1 
ATOM   271  N N   . GLY A 1 50  ? -8.145  -8.678  -1.208  1.00 35.00  ? 34  GLY B N   1 
ATOM   272  C CA  . GLY A 1 50  ? -7.335  -9.260  -2.274  1.00 35.72  ? 34  GLY B CA  1 
ATOM   273  C C   . GLY A 1 50  ? -6.280  -10.208 -1.749  1.00 39.12  ? 34  GLY B C   1 
ATOM   274  O O   . GLY A 1 50  ? -5.838  -10.065 -0.610  1.00 37.17  ? 34  GLY B O   1 
ATOM   275  N N   . THR A 1 51  ? -5.872  -11.183 -2.574  1.00 36.71  ? 35  THR B N   1 
ATOM   276  C CA  . THR A 1 51  ? -4.831  -12.148 -2.205  1.00 36.56  ? 35  THR B CA  1 
ATOM   277  C C   . THR A 1 51  ? -3.668  -12.119 -3.209  1.00 40.20  ? 35  THR B C   1 
ATOM   278  O O   . THR A 1 51  ? -2.765  -12.945 -3.102  1.00 40.76  ? 35  THR B O   1 
ATOM   279  C CB  . THR A 1 51  ? -5.401  -13.575 -2.001  1.00 43.87  ? 35  THR B CB  1 
ATOM   280  O OG1 . THR A 1 51  ? -5.886  -14.048 -3.256  1.00 42.92  ? 35  THR B OG1 1 
ATOM   281  C CG2 . THR A 1 51  ? -6.489  -13.640 -0.927  1.00 41.27  ? 35  THR B CG2 1 
ATOM   282  N N   . GLU A 1 52  ? -3.707  -11.195 -4.188  1.00 37.01  ? 36  GLU B N   1 
ATOM   283  C CA  . GLU A 1 52  ? -2.662  -11.010 -5.195  1.00 36.91  ? 36  GLU B CA  1 
ATOM   284  C C   . GLU A 1 52  ? -1.552  -10.191 -4.502  1.00 37.03  ? 36  GLU B C   1 
ATOM   285  O O   . GLU A 1 52  ? -1.858  -9.269  -3.741  1.00 36.11  ? 36  GLU B O   1 
ATOM   286  C CB  . GLU A 1 52  ? -3.246  -10.248 -6.407  1.00 39.15  ? 36  GLU B CB  1 
ATOM   287  C CG  . GLU A 1 52  ? -2.256  -9.803  -7.485  1.00 53.20  ? 36  GLU B CG  1 
ATOM   288  C CD  . GLU A 1 52  ? -2.768  -8.795  -8.508  1.00 70.85  ? 36  GLU B CD  1 
ATOM   289  O OE1 . GLU A 1 52  ? -4.006  -8.651  -8.641  1.00 77.89  ? 36  GLU B OE1 1 
ATOM   290  O OE2 . GLU A 1 52  ? -1.929  -8.146  -9.180  1.00 46.74  ? 36  GLU B OE2 1 
ATOM   291  N N   . ASP A 1 53  ? -0.283  -10.537 -4.730  1.00 29.03  ? 37  ASP B N   1 
ATOM   292  C CA  . ASP A 1 53  ? 0.770   -9.790  -4.074  1.00 28.19  ? 37  ASP B CA  1 
ATOM   293  C C   . ASP A 1 53  ? 0.976   -8.486  -4.826  1.00 30.33  ? 37  ASP B C   1 
ATOM   294  O O   . ASP A 1 53  ? 1.727   -8.431  -5.787  1.00 27.83  ? 37  ASP B O   1 
ATOM   295  C CB  . ASP A 1 53  ? 2.063   -10.604 -3.979  1.00 30.15  ? 37  ASP B CB  1 
ATOM   296  C CG  . ASP A 1 53  ? 3.129   -9.961  -3.124  1.00 35.73  ? 37  ASP B CG  1 
ATOM   297  O OD1 . ASP A 1 53  ? 3.148   -8.716  -3.029  1.00 35.36  ? 37  ASP B OD1 1 
ATOM   298  O OD2 . ASP A 1 53  ? 3.960   -10.695 -2.573  1.00 44.22  ? 37  ASP B OD2 1 
ATOM   299  N N   . LEU A 1 54  ? 0.324   -7.431  -4.348  1.00 29.57  ? 38  LEU B N   1 
ATOM   300  C CA  . LEU A 1 54  ? 0.399   -6.103  -4.950  1.00 30.21  ? 38  LEU B CA  1 
ATOM   301  C C   . LEU A 1 54  ? 1.738   -5.393  -4.798  1.00 34.17  ? 38  LEU B C   1 
ATOM   302  O O   . LEU A 1 54  ? 1.920   -4.342  -5.418  1.00 34.57  ? 38  LEU B O   1 
ATOM   303  C CB  . LEU A 1 54  ? -0.737  -5.222  -4.390  1.00 30.83  ? 38  LEU B CB  1 
ATOM   304  C CG  . LEU A 1 54  ? -2.162  -5.683  -4.703  1.00 35.38  ? 38  LEU B CG  1 
ATOM   305  C CD1 . LEU A 1 54  ? -3.152  -4.664  -4.206  1.00 35.42  ? 38  LEU B CD1 1 
ATOM   306  C CD2 . LEU A 1 54  ? -2.367  -5.921  -6.174  1.00 37.99  ? 38  LEU B CD2 1 
ATOM   307  N N   . SER A 1 55  ? 2.666   -5.948  -3.985  1.00 30.69  ? 39  SER B N   1 
ATOM   308  C CA  . SER A 1 55  ? 3.997   -5.381  -3.722  1.00 30.66  ? 39  SER B CA  1 
ATOM   309  C C   . SER A 1 55  ? 5.041   -5.800  -4.760  1.00 32.33  ? 39  SER B C   1 
ATOM   310  O O   . SER A 1 55  ? 6.156   -5.283  -4.745  1.00 30.21  ? 39  SER B O   1 
ATOM   311  C CB  . SER A 1 55  ? 4.483   -5.793  -2.329  1.00 32.38  ? 39  SER B CB  1 
ATOM   312  O OG  . SER A 1 55  ? 5.119   -7.062  -2.304  1.00 35.14  ? 39  SER B OG  1 
ATOM   313  N N   . VAL A 1 56  ? 4.704   -6.757  -5.644  1.00 29.28  ? 40  VAL B N   1 
ATOM   314  C CA  . VAL A 1 56  ? 5.650   -7.243  -6.656  1.00 26.89  ? 40  VAL B CA  1 
ATOM   315  C C   . VAL A 1 56  ? 6.056   -6.107  -7.610  1.00 29.57  ? 40  VAL B C   1 
ATOM   316  O O   . VAL A 1 56  ? 5.193   -5.524  -8.270  1.00 30.30  ? 40  VAL B O   1 
ATOM   317  C CB  . VAL A 1 56  ? 5.080   -8.468  -7.414  1.00 30.06  ? 40  VAL B CB  1 
ATOM   318  C CG1 . VAL A 1 56  ? 5.923   -8.801  -8.638  1.00 30.45  ? 40  VAL B CG1 1 
ATOM   319  C CG2 . VAL A 1 56  ? 4.955   -9.674  -6.492  1.00 29.72  ? 40  VAL B CG2 1 
ATOM   320  N N   . PRO A 1 57  ? 7.356   -5.792  -7.715  1.00 25.29  ? 41  PRO B N   1 
ATOM   321  C CA  . PRO A 1 57  ? 7.759   -4.674  -8.582  1.00 25.98  ? 41  PRO B CA  1 
ATOM   322  C C   . PRO A 1 57  ? 7.834   -5.010  -10.064 1.00 31.73  ? 41  PRO B C   1 
ATOM   323  O O   . PRO A 1 57  ? 7.878   -6.194  -10.444 1.00 32.53  ? 41  PRO B O   1 
ATOM   324  C CB  . PRO A 1 57  ? 9.150   -4.272  -8.046  1.00 27.74  ? 41  PRO B CB  1 
ATOM   325  C CG  . PRO A 1 57  ? 9.523   -5.280  -7.036  1.00 31.73  ? 41  PRO B CG  1 
ATOM   326  C CD  . PRO A 1 57  ? 8.503   -6.363  -6.973  1.00 27.35  ? 41  PRO B CD  1 
ATOM   327  N N   . GLY A 1 58  ? 7.874   -3.954  -10.875 1.00 29.67  ? 42  GLY B N   1 
ATOM   328  C CA  . GLY A 1 58  ? 8.089   -4.012  -12.319 1.00 31.01  ? 42  GLY B CA  1 
ATOM   329  C C   . GLY A 1 58  ? 6.930   -4.471  -13.182 1.00 38.00  ? 42  GLY B C   1 
ATOM   330  O O   . GLY A 1 58  ? 7.129   -4.800  -14.349 1.00 39.73  ? 42  GLY B O   1 
ATOM   331  N N   . VAL A 1 59  ? 5.732   -4.512  -12.622 1.00 33.89  ? 43  VAL B N   1 
ATOM   332  C CA  . VAL A 1 59  ? 4.496   -4.870  -13.325 1.00 34.68  ? 43  VAL B CA  1 
ATOM   333  C C   . VAL A 1 59  ? 3.392   -3.973  -12.777 1.00 36.51  ? 43  VAL B C   1 
ATOM   334  O O   . VAL A 1 59  ? 3.314   -3.766  -11.567 1.00 35.01  ? 43  VAL B O   1 
ATOM   335  C CB  . VAL A 1 59  ? 4.143   -6.391  -13.238 1.00 39.79  ? 43  VAL B CB  1 
ATOM   336  C CG1 . VAL A 1 59  ? 3.761   -6.821  -11.824 1.00 39.63  ? 43  VAL B CG1 1 
ATOM   337  C CG2 . VAL A 1 59  ? 3.047   -6.770  -14.237 1.00 40.56  ? 43  VAL B CG2 1 
ATOM   338  N N   . GLU A 1 60  ? 2.542   -3.449  -13.643 1.00 32.21  ? 44  GLU B N   1 
ATOM   339  C CA  . GLU A 1 60  ? 1.454   -2.620  -13.139 1.00 32.21  ? 44  GLU B CA  1 
ATOM   340  C C   . GLU A 1 60  ? 0.315   -3.506  -12.693 1.00 33.96  ? 44  GLU B C   1 
ATOM   341  O O   . GLU A 1 60  ? -0.300  -4.177  -13.518 1.00 35.89  ? 44  GLU B O   1 
ATOM   342  C CB  . GLU A 1 60  ? 0.984   -1.620  -14.200 1.00 33.35  ? 44  GLU B CB  1 
ATOM   343  C CG  . GLU A 1 60  ? -0.123  -0.688  -13.711 1.00 39.52  ? 44  GLU B CG  1 
ATOM   344  C CD  . GLU A 1 60  ? -0.635  0.212   -14.816 1.00 48.33  ? 44  GLU B CD  1 
ATOM   345  O OE1 . GLU A 1 60  ? 0.008   1.254   -15.071 1.00 39.49  ? 44  GLU B OE1 1 
ATOM   346  O OE2 . GLU A 1 60  ? -1.644  -0.147  -15.463 1.00 43.19  ? 44  GLU B OE2 1 
ATOM   347  N N   . HIS A 1 61  ? 0.027   -3.502  -11.401 1.00 27.46  ? 45  HIS B N   1 
ATOM   348  C CA  . HIS A 1 61  ? -1.080  -4.239  -10.838 1.00 26.05  ? 45  HIS B CA  1 
ATOM   349  C C   . HIS A 1 61  ? -2.351  -3.449  -11.083 1.00 30.76  ? 45  HIS B C   1 
ATOM   350  O O   . HIS A 1 61  ? -2.288  -2.237  -11.247 1.00 29.03  ? 45  HIS B O   1 
ATOM   351  C CB  . HIS A 1 61  ? -0.889  -4.425  -9.325  1.00 25.98  ? 45  HIS B CB  1 
ATOM   352  C CG  . HIS A 1 61  ? 0.373   -5.156  -8.986  1.00 28.74  ? 45  HIS B CG  1 
ATOM   353  N ND1 . HIS A 1 61  ? 0.448   -6.546  -9.059  1.00 30.26  ? 45  HIS B ND1 1 
ATOM   354  C CD2 . HIS A 1 61  ? 1.594   -4.666  -8.661  1.00 29.67  ? 45  HIS B CD2 1 
ATOM   355  C CE1 . HIS A 1 61  ? 1.710   -6.852  -8.763  1.00 28.81  ? 45  HIS B CE1 1 
ATOM   356  N NE2 . HIS A 1 61  ? 2.435   -5.760  -8.516  1.00 29.28  ? 45  HIS B NE2 1 
ATOM   357  N N   A GLU A 1 62  ? -3.492  -4.132  -11.083 0.50 29.46  ? 46  GLU B N   1 
ATOM   358  N N   B GLU A 1 62  ? -3.505  -4.132  -11.136 0.50 28.99  ? 46  GLU B N   1 
ATOM   359  C CA  A GLU A 1 62  ? -4.792  -3.484  -11.255 0.50 30.09  ? 46  GLU B CA  1 
ATOM   360  C CA  B GLU A 1 62  ? -4.812  -3.483  -11.358 0.50 29.34  ? 46  GLU B CA  1 
ATOM   361  C C   A GLU A 1 62  ? -5.663  -3.869  -10.088 0.50 34.78  ? 46  GLU B C   1 
ATOM   362  C C   B GLU A 1 62  ? -5.756  -3.910  -10.238 0.50 34.74  ? 46  GLU B C   1 
ATOM   363  O O   A GLU A 1 62  ? -5.530  -4.969  -9.542  0.50 35.37  ? 46  GLU B O   1 
ATOM   364  O O   B GLU A 1 62  ? -5.760  -5.090  -9.873  0.50 35.66  ? 46  GLU B O   1 
ATOM   365  C CB  A GLU A 1 62  ? -5.472  -3.930  -12.558 0.50 31.24  ? 46  GLU B CB  1 
ATOM   366  C CB  B GLU A 1 62  ? -5.420  -3.881  -12.723 0.50 30.21  ? 46  GLU B CB  1 
ATOM   367  C CG  A GLU A 1 62  ? -4.771  -3.476  -13.829 0.50 41.12  ? 46  GLU B CG  1 
ATOM   368  C CG  B GLU A 1 62  ? -4.453  -3.922  -13.904 0.50 34.79  ? 46  GLU B CG  1 
ATOM   369  C CD  A GLU A 1 62  ? -5.536  -3.737  -15.114 0.50 58.76  ? 46  GLU B CD  1 
ATOM   370  C CD  B GLU A 1 62  ? -3.935  -2.596  -14.429 0.50 47.54  ? 46  GLU B CD  1 
ATOM   371  O OE1 A GLU A 1 62  ? -6.542  -4.485  -15.078 0.50 44.83  ? 46  GLU B OE1 1 
ATOM   372  O OE1 B GLU A 1 62  ? -4.737  -1.644  -14.564 0.50 44.25  ? 46  GLU B OE1 1 
ATOM   373  O OE2 A GLU A 1 62  ? -5.128  -3.191  -16.163 0.50 57.31  ? 46  GLU B OE2 1 
ATOM   374  O OE2 B GLU A 1 62  ? -2.725  -2.519  -14.739 0.50 32.71  ? 46  GLU B OE2 1 
ATOM   375  N N   . ALA A 1 63  ? -6.558  -2.976  -9.693  1.00 30.52  ? 47  ALA B N   1 
ATOM   376  C CA  . ALA A 1 63  ? -7.508  -3.289  -8.621  1.00 30.10  ? 47  ALA B CA  1 
ATOM   377  C C   . ALA A 1 63  ? -8.800  -2.567  -8.906  1.00 32.84  ? 47  ALA B C   1 
ATOM   378  O O   . ALA A 1 63  ? -8.767  -1.419  -9.330  1.00 29.04  ? 47  ALA B O   1 
ATOM   379  C CB  . ALA A 1 63  ? -6.965  -2.896  -7.251  1.00 30.87  ? 47  ALA B CB  1 
ATOM   380  N N   . ARG A 1 64  ? -9.924  -3.246  -8.684  1.00 30.74  ? 48  ARG B N   1 
ATOM   381  C CA  . ARG A 1 64  ? -11.269 -2.700  -8.898  1.00 31.35  ? 48  ARG B CA  1 
ATOM   382  C C   . ARG A 1 64  ? -11.840 -2.559  -7.517  1.00 34.04  ? 48  ARG B C   1 
ATOM   383  O O   . ARG A 1 64  ? -11.917 -3.545  -6.792  1.00 33.86  ? 48  ARG B O   1 
ATOM   384  C CB  . ARG A 1 64  ? -12.147 -3.656  -9.770  1.00 31.93  ? 48  ARG B CB  1 
ATOM   385  C CG  . ARG A 1 64  ? -11.661 -3.810  -11.199 1.00 42.23  ? 48  ARG B CG  1 
ATOM   386  C CD  . ARG A 1 64  ? -12.222 -5.065  -11.861 1.00 47.93  ? 48  ARG B CD  1 
ATOM   387  N NE  . ARG A 1 64  ? -11.462 -5.393  -13.069 1.00 58.96  ? 48  ARG B NE  1 
ATOM   388  C CZ  . ARG A 1 64  ? -11.765 -6.376  -13.917 1.00 72.87  ? 48  ARG B CZ  1 
ATOM   389  N NH1 . ARG A 1 64  ? -12.821 -7.155  -13.693 1.00 53.91  ? 48  ARG B NH1 1 
ATOM   390  N NH2 . ARG A 1 64  ? -11.028 -6.574  -15.006 1.00 52.47  ? 48  ARG B NH2 1 
ATOM   391  N N   . VAL A 1 65  ? -12.189 -1.329  -7.115  1.00 29.86  ? 49  VAL B N   1 
ATOM   392  C CA  . VAL A 1 65  ? -12.675 -1.087  -5.763  1.00 29.28  ? 49  VAL B CA  1 
ATOM   393  C C   . VAL A 1 65  ? -14.066 -0.452  -5.798  1.00 34.05  ? 49  VAL B C   1 
ATOM   394  O O   . VAL A 1 65  ? -14.377 0.230   -6.766  1.00 33.20  ? 49  VAL B O   1 
ATOM   395  C CB  . VAL A 1 65  ? -11.679 -0.223  -4.907  1.00 32.00  ? 49  VAL B CB  1 
ATOM   396  C CG1 . VAL A 1 65  ? -10.333 -0.925  -4.733  1.00 31.57  ? 49  VAL B CG1 1 
ATOM   397  C CG2 . VAL A 1 65  ? -11.489 1.174   -5.499  1.00 31.31  ? 49  VAL B CG2 1 
ATOM   398  N N   . PRO A 1 66  ? -14.897 -0.599  -4.746  1.00 33.04  ? 50  PRO B N   1 
ATOM   399  C CA  . PRO A 1 66  ? -16.220 0.043   -4.779  1.00 32.88  ? 50  PRO B CA  1 
ATOM   400  C C   . PRO A 1 66  ? -16.064 1.557   -4.779  1.00 37.37  ? 50  PRO B C   1 
ATOM   401  O O   . PRO A 1 66  ? -15.351 2.099   -3.933  1.00 36.25  ? 50  PRO B O   1 
ATOM   402  C CB  . PRO A 1 66  ? -16.898 -0.453  -3.485  1.00 35.25  ? 50  PRO B CB  1 
ATOM   403  C CG  . PRO A 1 66  ? -16.122 -1.642  -3.065  1.00 39.64  ? 50  PRO B CG  1 
ATOM   404  C CD  . PRO A 1 66  ? -14.713 -1.367  -3.496  1.00 34.68  ? 50  PRO B CD  1 
ATOM   405  N N   . LYS A 1 67  ? -16.737 2.253   -5.726  1.00 33.30  ? 51  LYS B N   1 
ATOM   406  C CA  . LYS A 1 67  ? -16.615 3.709   -5.796  1.00 32.97  ? 51  LYS B CA  1 
ATOM   407  C C   . LYS A 1 67  ? -16.964 4.407   -4.477  1.00 35.97  ? 51  LYS B C   1 
ATOM   408  O O   . LYS A 1 67  ? -16.439 5.490   -4.219  1.00 34.17  ? 51  LYS B O   1 
ATOM   409  C CB  . LYS A 1 67  ? -17.408 4.291   -6.977  1.00 35.63  ? 51  LYS B CB  1 
ATOM   410  C CG  . LYS A 1 67  ? -18.916 4.169   -6.912  1.00 49.26  ? 51  LYS B CG  1 
ATOM   411  C CD  . LYS A 1 67  ? -19.519 4.885   -8.124  1.00 55.44  ? 51  LYS B CD  1 
ATOM   412  C CE  . LYS A 1 67  ? -21.002 4.668   -8.257  1.00 73.96  ? 51  LYS B CE  1 
ATOM   413  N NZ  . LYS A 1 67  ? -21.573 5.455   -9.385  1.00 86.28  ? 51  LYS B NZ  1 
ATOM   414  N N   . LYS A 1 68  ? -17.810 3.780   -3.625  1.00 33.72  ? 52  LYS B N   1 
ATOM   415  C CA  . LYS A 1 68  ? -18.174 4.393   -2.338  1.00 35.18  ? 52  LYS B CA  1 
ATOM   416  C C   . LYS A 1 68  ? -17.019 4.518   -1.338  1.00 40.27  ? 52  LYS B C   1 
ATOM   417  O O   . LYS A 1 68  ? -17.137 5.289   -0.385  1.00 40.44  ? 52  LYS B O   1 
ATOM   418  C CB  . LYS A 1 68  ? -19.386 3.694   -1.685  1.00 38.01  ? 52  LYS B CB  1 
ATOM   419  C CG  . LYS A 1 68  ? -20.713 3.916   -2.448  1.00 49.73  ? 52  LYS B CG  1 
ATOM   420  C CD  . LYS A 1 68  ? -21.107 5.392   -2.591  1.00 62.63  ? 52  LYS B CD  1 
ATOM   421  C CE  . LYS A 1 68  ? -21.016 5.884   -4.022  1.00 71.56  ? 52  LYS B CE  1 
ATOM   422  N NZ  . LYS A 1 68  ? -20.744 7.346   -4.093  1.00 72.07  ? 52  LYS B NZ  1 
ATOM   423  N N   . ILE A 1 69  ? -15.906 3.791   -1.552  1.00 36.88  ? 53  ILE B N   1 
ATOM   424  C CA  . ILE A 1 69  ? -14.706 3.869   -0.694  1.00 35.39  ? 53  ILE B CA  1 
ATOM   425  C C   . ILE A 1 69  ? -14.149 5.302   -0.719  1.00 38.31  ? 53  ILE B C   1 
ATOM   426  O O   . ILE A 1 69  ? -13.532 5.722   0.250   1.00 37.47  ? 53  ILE B O   1 
ATOM   427  C CB  . ILE A 1 69  ? -13.631 2.793   -1.087  1.00 37.46  ? 53  ILE B CB  1 
ATOM   428  C CG1 . ILE A 1 69  ? -12.636 2.523   0.070   1.00 38.07  ? 53  ILE B CG1 1 
ATOM   429  C CG2 . ILE A 1 69  ? -12.882 3.162   -2.385  1.00 37.80  ? 53  ILE B CG2 1 
ATOM   430  C CD1 . ILE A 1 69  ? -12.076 1.048   0.146   1.00 43.99  ? 53  ILE B CD1 1 
ATOM   431  N N   . LEU A 1 70  ? -14.383 6.061   -1.819  1.00 33.50  ? 54  LEU B N   1 
ATOM   432  C CA  . LEU A 1 70  ? -13.885 7.433   -1.932  1.00 33.00  ? 54  LEU B CA  1 
ATOM   433  C C   . LEU A 1 70  ? -14.553 8.377   -0.964  1.00 38.96  ? 54  LEU B C   1 
ATOM   434  O O   . LEU A 1 70  ? -13.982 9.418   -0.652  1.00 38.24  ? 54  LEU B O   1 
ATOM   435  C CB  . LEU A 1 70  ? -14.043 7.971   -3.367  1.00 32.91  ? 54  LEU B CB  1 
ATOM   436  C CG  . LEU A 1 70  ? -13.155 7.291   -4.416  1.00 37.17  ? 54  LEU B CG  1 
ATOM   437  C CD1 . LEU A 1 70  ? -13.584 7.695   -5.822  1.00 36.30  ? 54  LEU B CD1 1 
ATOM   438  C CD2 . LEU A 1 70  ? -11.659 7.616   -4.179  1.00 35.53  ? 54  LEU B CD2 1 
ATOM   439  N N   . LYS A 1 71  ? -15.768 8.023   -0.519  1.00 37.16  ? 55  LYS B N   1 
ATOM   440  C CA  . LYS A 1 71  ? -16.570 8.808   0.418   1.00 38.69  ? 55  LYS B CA  1 
ATOM   441  C C   . LYS A 1 71  ? -16.224 8.514   1.889   1.00 45.12  ? 55  LYS B C   1 
ATOM   442  O O   . LYS A 1 71  ? -16.714 9.233   2.764   1.00 45.78  ? 55  LYS B O   1 
ATOM   443  C CB  . LYS A 1 71  ? -18.080 8.591   0.175   1.00 40.87  ? 55  LYS B CB  1 
ATOM   444  C CG  . LYS A 1 71  ? -18.540 8.801   -1.271  1.00 51.74  ? 55  LYS B CG  1 
ATOM   445  C CD  . LYS A 1 71  ? -18.766 10.263  -1.612  1.00 62.32  ? 55  LYS B CD  1 
ATOM   446  C CE  . LYS A 1 71  ? -19.567 10.416  -2.880  1.00 74.46  ? 55  LYS B CE  1 
ATOM   447  N NZ  . LYS A 1 71  ? -20.099 11.794  -3.027  1.00 87.51  ? 55  LYS B NZ  1 
ATOM   448  N N   . CYS A 1 72  ? -15.403 7.461   2.173   1.00 41.49  ? 56  CYS B N   1 
ATOM   449  C CA  . CYS A 1 72  ? -14.959 7.140   3.542   1.00 40.89  ? 56  CYS B CA  1 
ATOM   450  C C   . CYS A 1 72  ? -13.898 8.136   3.933   1.00 46.39  ? 56  CYS B C   1 
ATOM   451  O O   . CYS A 1 72  ? -12.874 8.182   3.265   1.00 46.90  ? 56  CYS B O   1 
ATOM   452  C CB  . CYS A 1 72  ? -14.402 5.725   3.618   1.00 40.98  ? 56  CYS B CB  1 
ATOM   453  S SG  . CYS A 1 72  ? -15.602 4.443   3.227   1.00 44.82  ? 56  CYS B SG  1 
ATOM   454  N N   . LYS A 1 73  ? -14.091 8.893   5.025   1.00 43.95  ? 57  LYS B N   1 
ATOM   455  C CA  . LYS A 1 73  ? -13.093 9.864   5.501   1.00 44.81  ? 57  LYS B CA  1 
ATOM   456  C C   . LYS A 1 73  ? -11.775 9.124   5.876   1.00 47.50  ? 57  LYS B C   1 
ATOM   457  O O   . LYS A 1 73  ? -10.675 9.553   5.499   1.00 46.06  ? 57  LYS B O   1 
ATOM   458  C CB  . LYS A 1 73  ? -13.643 10.615  6.736   1.00 48.61  ? 57  LYS B CB  1 
ATOM   459  C CG  . LYS A 1 73  ? -13.311 12.108  6.741   1.00 69.92  ? 57  LYS B CG  1 
ATOM   460  C CD  . LYS A 1 73  ? -14.194 12.925  5.783   1.00 77.29  ? 57  LYS B CD  1 
ATOM   461  C CE  . LYS A 1 73  ? -13.605 14.276  5.442   1.00 83.92  ? 57  LYS B CE  1 
ATOM   462  N NZ  . LYS A 1 73  ? -12.523 14.179  4.422   1.00 88.19  ? 57  LYS B NZ  1 
ATOM   463  N N   . ALA A 1 74  ? -11.928 7.988   6.583   1.00 42.65  ? 58  ALA B N   1 
ATOM   464  C CA  . ALA A 1 74  ? -10.823 7.149   7.037   1.00 41.61  ? 58  ALA B CA  1 
ATOM   465  C C   . ALA A 1 74  ? -11.043 5.707   6.615   1.00 43.88  ? 58  ALA B C   1 
ATOM   466  O O   . ALA A 1 74  ? -12.150 5.169   6.755   1.00 43.17  ? 58  ALA B O   1 
ATOM   467  C CB  . ALA A 1 74  ? -10.667 7.249   8.545   1.00 41.95  ? 58  ALA B CB  1 
ATOM   468  N N   . VAL A 1 75  ? -9.981  5.089   6.076   1.00 37.99  ? 59  VAL B N   1 
ATOM   469  C CA  . VAL A 1 75  ? -9.989  3.699   5.627   1.00 36.73  ? 59  VAL B CA  1 
ATOM   470  C C   . VAL A 1 75  ? -8.960  2.952   6.487   1.00 40.73  ? 59  VAL B C   1 
ATOM   471  O O   . VAL A 1 75  ? -7.820  3.400   6.602   1.00 39.58  ? 59  VAL B O   1 
ATOM   472  C CB  . VAL A 1 75  ? -9.677  3.604   4.098   1.00 40.82  ? 59  VAL B CB  1 
ATOM   473  C CG1 . VAL A 1 75  ? -9.391  2.173   3.661   1.00 40.96  ? 59  VAL B CG1 1 
ATOM   474  C CG2 . VAL A 1 75  ? -10.817 4.203   3.262   1.00 40.34  ? 59  VAL B CG2 1 
ATOM   475  N N   . SER A 1 76  ? -9.363  1.822   7.071   1.00 35.88  ? 60  SER B N   1 
ATOM   476  C CA  . SER A 1 76  ? -8.501  0.981   7.883   1.00 35.52  ? 60  SER B CA  1 
ATOM   477  C C   . SER A 1 76  ? -7.955  -0.183  7.010   1.00 39.13  ? 60  SER B C   1 
ATOM   478  O O   . SER A 1 76  ? -8.737  -0.935  6.440   1.00 39.13  ? 60  SER B O   1 
ATOM   479  C CB  . SER A 1 76  ? -9.290  0.445   9.079   1.00 39.16  ? 60  SER B CB  1 
ATOM   480  O OG  . SER A 1 76  ? -8.528  -0.484  9.827   1.00 51.12  ? 60  SER B OG  1 
ATOM   481  N N   . ARG A 1 77  ? -6.624  -0.328  6.926   1.00 34.32  ? 61  ARG B N   1 
ATOM   482  C CA  . ARG A 1 77  ? -5.959  -1.388  6.154   1.00 32.87  ? 61  ARG B CA  1 
ATOM   483  C C   . ARG A 1 77  ? -5.433  -2.503  7.094   1.00 38.07  ? 61  ARG B C   1 
ATOM   484  O O   . ARG A 1 77  ? -4.888  -2.190  8.152   1.00 35.28  ? 61  ARG B O   1 
ATOM   485  C CB  . ARG A 1 77  ? -4.791  -0.768  5.353   1.00 29.77  ? 61  ARG B CB  1 
ATOM   486  C CG  . ARG A 1 77  ? -3.948  -1.755  4.511   1.00 30.96  ? 61  ARG B CG  1 
ATOM   487  C CD  . ARG A 1 77  ? -2.809  -1.052  3.777   1.00 30.96  ? 61  ARG B CD  1 
ATOM   488  N NE  . ARG A 1 77  ? -1.872  -0.427  4.719   1.00 32.84  ? 61  ARG B NE  1 
ATOM   489  C CZ  . ARG A 1 77  ? -1.167  0.663   4.455   1.00 42.66  ? 61  ARG B CZ  1 
ATOM   490  N NH1 . ARG A 1 77  ? -1.254  1.246   3.270   1.00 33.69  ? 61  ARG B NH1 1 
ATOM   491  N NH2 . ARG A 1 77  ? -0.353  1.171   5.370   1.00 32.56  ? 61  ARG B NH2 1 
ATOM   492  N N   . GLU A 1 78  ? -5.605  -3.790  6.706   1.00 35.95  ? 62  GLU B N   1 
ATOM   493  C CA  . GLU A 1 78  ? -5.039  -4.966  7.384   1.00 35.99  ? 62  GLU B CA  1 
ATOM   494  C C   . GLU A 1 78  ? -4.200  -5.652  6.302   1.00 38.16  ? 62  GLU B C   1 
ATOM   495  O O   . GLU A 1 78  ? -4.760  -6.148  5.330   1.00 38.28  ? 62  GLU B O   1 
ATOM   496  C CB  . GLU A 1 78  ? -6.146  -5.921  7.827   1.00 38.67  ? 62  GLU B CB  1 
ATOM   497  C CG  . GLU A 1 78  ? -6.480  -5.916  9.302   1.00 51.24  ? 62  GLU B CG  1 
ATOM   498  C CD  . GLU A 1 78  ? -7.070  -7.243  9.741   1.00 76.27  ? 62  GLU B CD  1 
ATOM   499  O OE1 . GLU A 1 78  ? -8.045  -7.707  9.105   1.00 73.87  ? 62  GLU B OE1 1 
ATOM   500  O OE2 . GLU A 1 78  ? -6.542  -7.832  10.712  1.00 74.94  ? 62  GLU B OE2 1 
ATOM   501  N N   . LEU A 1 79  ? -2.867  -5.628  6.431   1.00 32.48  ? 63  LEU B N   1 
ATOM   502  C CA  . LEU A 1 79  ? -1.909  -6.132  5.451   1.00 31.47  ? 63  LEU B CA  1 
ATOM   503  C C   . LEU A 1 79  ? -1.175  -7.316  6.083   1.00 33.96  ? 63  LEU B C   1 
ATOM   504  O O   . LEU A 1 79  ? -0.514  -7.141  7.108   1.00 33.68  ? 63  LEU B O   1 
ATOM   505  C CB  . LEU A 1 79  ? -0.925  -4.971  5.160   1.00 32.39  ? 63  LEU B CB  1 
ATOM   506  C CG  . LEU A 1 79  ? -0.012  -4.978  3.925   1.00 38.17  ? 63  LEU B CG  1 
ATOM   507  C CD1 . LEU A 1 79  ? 0.632   -3.616  3.763   1.00 38.01  ? 63  LEU B CD1 1 
ATOM   508  C CD2 . LEU A 1 79  ? 1.145   -5.956  4.067   1.00 43.68  ? 63  LEU B CD2 1 
ATOM   509  N N   . ASN A 1 80  ? -1.294  -8.511  5.488   1.00 28.65  ? 64  ASN B N   1 
ATOM   510  C CA  . ASN A 1 80  ? -0.598  -9.691  6.006   1.00 29.40  ? 64  ASN B CA  1 
ATOM   511  C C   . ASN A 1 80  ? 0.597   -9.988  5.096   1.00 31.15  ? 64  ASN B C   1 
ATOM   512  O O   . ASN A 1 80  ? 0.415   -10.125 3.882   1.00 31.14  ? 64  ASN B O   1 
ATOM   513  C CB  . ASN A 1 80  ? -1.522  -10.878 6.046   1.00 30.77  ? 64  ASN B CB  1 
ATOM   514  C CG  . ASN A 1 80  ? -0.930  -12.079 6.720   1.00 36.66  ? 64  ASN B CG  1 
ATOM   515  O OD1 . ASN A 1 80  ? -0.288  -12.900 6.083   1.00 34.53  ? 64  ASN B OD1 1 
ATOM   516  N ND2 . ASN A 1 80  ? -1.129  -12.191 8.028   1.00 35.90  ? 64  ASN B ND2 1 
ATOM   517  N N   . PHE A 1 81  ? 1.815   -10.083 5.692   1.00 27.43  ? 65  PHE B N   1 
ATOM   518  C CA  . PHE A 1 81  ? 3.060   -10.305 4.963   1.00 25.15  ? 65  PHE B CA  1 
ATOM   519  C C   . PHE A 1 81  ? 3.986   -11.283 5.682   1.00 29.63  ? 65  PHE B C   1 
ATOM   520  O O   . PHE A 1 81  ? 3.921   -11.428 6.910   1.00 29.37  ? 65  PHE B O   1 
ATOM   521  C CB  . PHE A 1 81  ? 3.804   -8.957  4.728   1.00 27.19  ? 65  PHE B CB  1 
ATOM   522  C CG  . PHE A 1 81  ? 4.357   -8.317  5.989   1.00 28.50  ? 65  PHE B CG  1 
ATOM   523  C CD1 . PHE A 1 81  ? 3.550   -7.500  6.790   1.00 29.95  ? 65  PHE B CD1 1 
ATOM   524  C CD2 . PHE A 1 81  ? 5.679   -8.545  6.389   1.00 29.70  ? 65  PHE B CD2 1 
ATOM   525  C CE1 . PHE A 1 81  ? 4.051   -6.934  7.969   1.00 31.06  ? 65  PHE B CE1 1 
ATOM   526  C CE2 . PHE A 1 81  ? 6.184   -7.963  7.561   1.00 31.88  ? 65  PHE B CE2 1 
ATOM   527  C CZ  . PHE A 1 81  ? 5.366   -7.160  8.345   1.00 31.16  ? 65  PHE B CZ  1 
ATOM   528  N N   . SER A 1 82  ? 4.868   -11.936 4.898   1.00 26.86  ? 66  SER B N   1 
ATOM   529  C CA  . SER A 1 82  ? 5.879   -12.854 5.425   1.00 26.33  ? 66  SER B CA  1 
ATOM   530  C C   . SER A 1 82  ? 7.226   -12.308 5.021   1.00 27.42  ? 66  SER B C   1 
ATOM   531  O O   . SER A 1 82  ? 7.336   -11.669 3.971   1.00 25.76  ? 66  SER B O   1 
ATOM   532  C CB  . SER A 1 82  ? 5.684   -14.251 4.845   1.00 28.44  ? 66  SER B CB  1 
ATOM   533  O OG  . SER A 1 82  ? 4.408   -14.752 5.215   1.00 32.66  ? 66  SER B OG  1 
ATOM   534  N N   . SER A 1 83  ? 8.254   -12.540 5.845   1.00 27.21  ? 67  SER B N   1 
ATOM   535  C CA  . SER A 1 83  ? 9.604   -12.100 5.495   1.00 25.47  ? 67  SER B CA  1 
ATOM   536  C C   . SER A 1 83  ? 10.619  -13.129 5.971   1.00 28.86  ? 67  SER B C   1 
ATOM   537  O O   . SER A 1 83  ? 10.699  -13.339 7.174   1.00 30.47  ? 67  SER B O   1 
ATOM   538  C CB  . SER A 1 83  ? 9.903   -10.755 6.151   1.00 25.75  ? 67  SER B CB  1 
ATOM   539  O OG  . SER A 1 83  ? 11.140  -10.232 5.677   1.00 30.96  ? 67  SER B OG  1 
ATOM   540  N N   . THR A 1 84  ? 11.418  -13.726 5.071   1.00 26.03  ? 68  THR B N   1 
ATOM   541  C CA  . THR A 1 84  ? 12.485  -14.637 5.555   1.00 25.32  ? 68  THR B CA  1 
ATOM   542  C C   . THR A 1 84  ? 13.530  -13.814 6.280   1.00 27.41  ? 68  THR B C   1 
ATOM   543  O O   . THR A 1 84  ? 14.095  -14.261 7.269   1.00 27.50  ? 68  THR B O   1 
ATOM   544  C CB  . THR A 1 84  ? 13.095  -15.516 4.448   1.00 32.91  ? 68  THR B CB  1 
ATOM   545  O OG1 . THR A 1 84  ? 13.882  -14.715 3.561   1.00 31.12  ? 68  THR B OG1 1 
ATOM   546  C CG2 . THR A 1 84  ? 12.052  -16.335 3.694   1.00 31.23  ? 68  THR B CG2 1 
ATOM   547  N N   . GLU A 1 85  ? 13.779  -12.576 5.796   1.00 25.25  ? 69  GLU B N   1 
ATOM   548  C CA  . GLU A 1 85  ? 14.803  -11.706 6.376   1.00 24.17  ? 69  GLU B CA  1 
ATOM   549  C C   . GLU A 1 85  ? 14.306  -10.866 7.511   1.00 29.03  ? 69  GLU B C   1 
ATOM   550  O O   . GLU A 1 85  ? 13.159  -10.368 7.500   1.00 26.71  ? 69  GLU B O   1 
ATOM   551  C CB  . GLU A 1 85  ? 15.411  -10.768 5.297   1.00 25.51  ? 69  GLU B CB  1 
ATOM   552  C CG  . GLU A 1 85  ? 15.978  -11.472 4.072   1.00 29.18  ? 69  GLU B CG  1 
ATOM   553  C CD  . GLU A 1 85  ? 16.864  -12.649 4.419   1.00 40.97  ? 69  GLU B CD  1 
ATOM   554  O OE1 . GLU A 1 85  ? 17.978  -12.399 4.913   1.00 33.25  ? 69  GLU B OE1 1 
ATOM   555  O OE2 . GLU A 1 85  ? 16.432  -13.811 4.252   1.00 31.31  ? 69  GLU B OE2 1 
ATOM   556  N N   . GLN A 1 86  ? 15.220  -10.648 8.482   1.00 24.64  ? 70  GLN B N   1 
ATOM   557  C CA  . GLN A 1 86  ? 14.992  -9.747  9.585   1.00 24.36  ? 70  GLN B CA  1 
ATOM   558  C C   . GLN A 1 86  ? 15.016  -8.320  9.004   1.00 28.35  ? 70  GLN B C   1 
ATOM   559  O O   . GLN A 1 86  ? 15.834  -8.024  8.134   1.00 28.08  ? 70  GLN B O   1 
ATOM   560  C CB  . GLN A 1 86  ? 16.164  -9.848  10.585  1.00 25.45  ? 70  GLN B CB  1 
ATOM   561  C CG  . GLN A 1 86  ? 16.035  -8.884  11.768  1.00 25.20  ? 70  GLN B CG  1 
ATOM   562  C CD  . GLN A 1 86  ? 16.992  -9.254  12.860  1.00 35.66  ? 70  GLN B CD  1 
ATOM   563  O OE1 . GLN A 1 86  ? 16.955  -10.367 13.386  1.00 28.36  ? 70  GLN B OE1 1 
ATOM   564  N NE2 . GLN A 1 86  ? 17.851  -8.339  13.219  1.00 27.14  ? 70  GLN B NE2 1 
ATOM   565  N N   . MET A 1 87  ? 14.171  -7.436  9.546   1.00 26.08  ? 71  MET B N   1 
ATOM   566  C CA  . MET A 1 87  ? 14.158  -6.024  9.211   1.00 25.84  ? 71  MET B CA  1 
ATOM   567  C C   . MET A 1 87  ? 14.105  -5.262  10.509  1.00 31.04  ? 71  MET B C   1 
ATOM   568  O O   . MET A 1 87  ? 13.359  -5.627  11.432  1.00 29.90  ? 71  MET B O   1 
ATOM   569  C CB  . MET A 1 87  ? 12.958  -5.661  8.311   1.00 27.34  ? 71  MET B CB  1 
ATOM   570  C CG  . MET A 1 87  ? 13.154  -6.098  6.864   1.00 29.77  ? 71  MET B CG  1 
ATOM   571  S SD  . MET A 1 87  ? 11.880  -5.376  5.797   1.00 31.81  ? 71  MET B SD  1 
ATOM   572  C CE  . MET A 1 87  ? 10.600  -6.566  6.000   1.00 26.56  ? 71  MET B CE  1 
ATOM   573  N N   . GLU A 1 88  ? 14.918  -4.215  10.589  1.00 30.86  ? 72  GLU B N   1 
ATOM   574  C CA  . GLU A 1 88  ? 15.032  -3.376  11.774  1.00 32.31  ? 72  GLU B CA  1 
ATOM   575  C C   . GLU A 1 88  ? 13.890  -2.370  11.872  1.00 34.18  ? 72  GLU B C   1 
ATOM   576  O O   . GLU A 1 88  ? 13.309  -2.205  12.954  1.00 33.31  ? 72  GLU B O   1 
ATOM   577  C CB  . GLU A 1 88  ? 16.380  -2.620  11.749  1.00 34.82  ? 72  GLU B CB  1 
ATOM   578  C CG  . GLU A 1 88  ? 17.577  -3.504  11.414  1.00 51.26  ? 72  GLU B CG  1 
ATOM   579  C CD  . GLU A 1 88  ? 17.798  -4.635  12.401  1.00 74.84  ? 72  GLU B CD  1 
ATOM   580  O OE1 . GLU A 1 88  ? 18.012  -5.787  11.958  1.00 60.01  ? 72  GLU B OE1 1 
ATOM   581  O OE2 . GLU A 1 88  ? 17.720  -4.373  13.620  1.00 75.12  ? 72  GLU B OE2 1 
ATOM   582  N N   . LYS A 1 89  ? 13.585  -1.666  10.748  1.00 29.28  ? 73  LYS B N   1 
ATOM   583  C CA  . LYS A 1 89  ? 12.560  -0.612  10.718  1.00 27.93  ? 73  LYS B CA  1 
ATOM   584  C C   . LYS A 1 89  ? 11.740  -0.664  9.422   1.00 30.56  ? 73  LYS B C   1 
ATOM   585  O O   . LYS A 1 89  ? 11.896  0.208   8.561   1.00 29.70  ? 73  LYS B O   1 
ATOM   586  C CB  . LYS A 1 89  ? 13.216  0.777   10.856  1.00 29.72  ? 73  LYS B CB  1 
ATOM   587  C CG  . LYS A 1 89  ? 13.818  1.063   12.233  1.00 49.51  ? 73  LYS B CG  1 
ATOM   588  C CD  . LYS A 1 89  ? 14.381  2.473   12.340  1.00 63.01  ? 73  LYS B CD  1 
ATOM   589  C CE  . LYS A 1 89  ? 15.845  2.487   12.728  1.00 77.94  ? 73  LYS B CE  1 
ATOM   590  N NZ  . LYS A 1 89  ? 16.050  2.214   14.175  1.00 87.87  ? 73  LYS B NZ  1 
ATOM   591  N N   . PHE A 1 90  ? 10.900  -1.703  9.283   1.00 26.98  ? 74  PHE B N   1 
ATOM   592  C CA  . PHE A 1 90  ? 10.042  -1.910  8.107   1.00 25.60  ? 74  PHE B CA  1 
ATOM   593  C C   . PHE A 1 90  ? 9.001   -0.787  8.062   1.00 28.89  ? 74  PHE B C   1 
ATOM   594  O O   . PHE A 1 90  ? 8.363   -0.496  9.080   1.00 28.78  ? 74  PHE B O   1 
ATOM   595  C CB  . PHE A 1 90  ? 9.375   -3.288  8.149   1.00 26.61  ? 74  PHE B CB  1 
ATOM   596  C CG  . PHE A 1 90  ? 8.461   -3.601  6.985   1.00 29.10  ? 74  PHE B CG  1 
ATOM   597  C CD1 . PHE A 1 90  ? 8.842   -3.304  5.675   1.00 31.25  ? 74  PHE B CD1 1 
ATOM   598  C CD2 . PHE A 1 90  ? 7.224   -4.198  7.192   1.00 30.46  ? 74  PHE B CD2 1 
ATOM   599  C CE1 . PHE A 1 90  ? 8.008   -3.609  4.600   1.00 31.79  ? 74  PHE B CE1 1 
ATOM   600  C CE2 . PHE A 1 90  ? 6.390   -4.499  6.113   1.00 34.08  ? 74  PHE B CE2 1 
ATOM   601  C CZ  . PHE A 1 90  ? 6.786   -4.196  4.825   1.00 31.90  ? 74  PHE B CZ  1 
ATOM   602  N N   . ARG A 1 91  ? 8.890   -0.120  6.889   1.00 26.59  ? 75  ARG B N   1 
ATOM   603  C CA  . ARG A 1 91  ? 7.976   1.012   6.733   1.00 26.46  ? 75  ARG B CA  1 
ATOM   604  C C   . ARG A 1 91  ? 7.600   1.173   5.271   1.00 29.76  ? 75  ARG B C   1 
ATOM   605  O O   . ARG A 1 91  ? 8.246   0.595   4.390   1.00 26.76  ? 75  ARG B O   1 
ATOM   606  C CB  . ARG A 1 91  ? 8.633   2.303   7.282   1.00 23.92  ? 75  ARG B CB  1 
ATOM   607  C CG  . ARG A 1 91  ? 9.849   2.781   6.509   1.00 26.43  ? 75  ARG B CG  1 
ATOM   608  C CD  . ARG A 1 91  ? 10.423  4.066   7.098   1.00 28.95  ? 75  ARG B CD  1 
ATOM   609  N NE  . ARG A 1 91  ? 11.477  4.567   6.223   1.00 29.19  ? 75  ARG B NE  1 
ATOM   610  C CZ  . ARG A 1 91  ? 11.310  5.416   5.223   1.00 39.88  ? 75  ARG B CZ  1 
ATOM   611  N NH1 . ARG A 1 91  ? 10.118  5.954   4.989   1.00 33.95  ? 75  ARG B NH1 1 
ATOM   612  N NH2 . ARG A 1 91  ? 12.342  5.766   4.466   1.00 34.31  ? 75  ARG B NH2 1 
ATOM   613  N N   . LEU A 1 92  ? 6.593   1.998   5.017   1.00 27.99  ? 76  LEU B N   1 
ATOM   614  C CA  . LEU A 1 92  ? 6.119   2.289   3.660   1.00 28.75  ? 76  LEU B CA  1 
ATOM   615  C C   . LEU A 1 92  ? 5.971   3.780   3.461   1.00 31.45  ? 76  LEU B C   1 
ATOM   616  O O   . LEU A 1 92  ? 5.582   4.473   4.400   1.00 30.05  ? 76  LEU B O   1 
ATOM   617  C CB  . LEU A 1 92  ? 4.702   1.702   3.431   1.00 29.74  ? 76  LEU B CB  1 
ATOM   618  C CG  . LEU A 1 92  ? 4.429   0.229   3.714   1.00 35.69  ? 76  LEU B CG  1 
ATOM   619  C CD1 . LEU A 1 92  ? 2.943   -0.071  3.560   1.00 36.02  ? 76  LEU B CD1 1 
ATOM   620  C CD2 . LEU A 1 92  ? 5.277   -0.673  2.854   1.00 37.00  ? 76  LEU B CD2 1 
ATOM   621  N N   . GLU A 1 93  ? 6.194   4.250   2.218   1.00 28.56  ? 77  GLU B N   1 
ATOM   622  C CA  . GLU A 1 93  ? 5.896   5.618   1.751   1.00 28.57  ? 77  GLU B CA  1 
ATOM   623  C C   . GLU A 1 93  ? 4.948   5.343   0.558   1.00 30.56  ? 77  GLU B C   1 
ATOM   624  O O   . GLU A 1 93  ? 5.243   4.482   -0.286  1.00 26.77  ? 77  GLU B O   1 
ATOM   625  C CB  . GLU A 1 93  ? 7.141   6.365   1.233   1.00 30.35  ? 77  GLU B CB  1 
ATOM   626  C CG  . GLU A 1 93  ? 8.211   6.680   2.256   1.00 42.80  ? 77  GLU B CG  1 
ATOM   627  C CD  . GLU A 1 93  ? 9.403   7.489   1.758   1.00 59.81  ? 77  GLU B CD  1 
ATOM   628  O OE1 . GLU A 1 93  ? 9.427   7.891   0.570   1.00 45.20  ? 77  GLU B OE1 1 
ATOM   629  O OE2 . GLU A 1 93  ? 10.327  7.714   2.573   1.00 44.75  ? 77  GLU B OE2 1 
ATOM   630  N N   . GLN A 1 94  ? 3.813   6.057   0.492   1.00 25.75  ? 78  GLN B N   1 
ATOM   631  C CA  . GLN A 1 94  ? 2.829   5.800   -0.551  1.00 25.81  ? 78  GLN B CA  1 
ATOM   632  C C   . GLN A 1 94  ? 2.350   7.110   -1.149  1.00 31.16  ? 78  GLN B C   1 
ATOM   633  O O   . GLN A 1 94  ? 2.097   8.051   -0.398  1.00 29.99  ? 78  GLN B O   1 
ATOM   634  C CB  . GLN A 1 94  ? 1.615   5.073   0.058   1.00 26.77  ? 78  GLN B CB  1 
ATOM   635  C CG  . GLN A 1 94  ? 1.951   3.700   0.600   1.00 44.18  ? 78  GLN B CG  1 
ATOM   636  C CD  . GLN A 1 94  ? 0.754   2.996   1.119   1.00 45.53  ? 78  GLN B CD  1 
ATOM   637  O OE1 . GLN A 1 94  ? 0.166   3.351   2.148   1.00 42.57  ? 78  GLN B OE1 1 
ATOM   638  N NE2 . GLN A 1 94  ? 0.399   1.950   0.439   1.00 37.12  ? 78  GLN B NE2 1 
ATOM   639  N N   . LYS A 1 95  ? 2.270   7.177   -2.485  1.00 27.73  ? 79  LYS B N   1 
ATOM   640  C CA  . LYS A 1 95  ? 1.820   8.390   -3.182  1.00 27.45  ? 79  LYS B CA  1 
ATOM   641  C C   . LYS A 1 95  ? 0.683   8.060   -4.110  1.00 32.69  ? 79  LYS B C   1 
ATOM   642  O O   . LYS A 1 95  ? 0.718   7.025   -4.782  1.00 30.44  ? 79  LYS B O   1 
ATOM   643  C CB  . LYS A 1 95  ? 2.959   9.025   -3.974  1.00 28.22  ? 79  LYS B CB  1 
ATOM   644  C CG  . LYS A 1 95  ? 3.968   9.754   -3.082  1.00 34.32  ? 79  LYS B CG  1 
ATOM   645  C CD  . LYS A 1 95  ? 5.134   10.229  -3.916  1.00 40.55  ? 79  LYS B CD  1 
ATOM   646  C CE  . LYS A 1 95  ? 5.994   11.244  -3.202  1.00 50.70  ? 79  LYS B CE  1 
ATOM   647  N NZ  . LYS A 1 95  ? 7.080   11.748  -4.086  1.00 58.17  ? 79  LYS B NZ  1 
ATOM   648  N N   . VAL A 1 96  ? -0.337  8.908   -4.120  1.00 30.35  ? 80  VAL B N   1 
ATOM   649  C CA  . VAL A 1 96  ? -1.474  8.741   -5.028  1.00 31.21  ? 80  VAL B CA  1 
ATOM   650  C C   . VAL A 1 96  ? -1.278  9.723   -6.188  1.00 32.66  ? 80  VAL B C   1 
ATOM   651  O O   . VAL A 1 96  ? -1.088  10.920  -5.946  1.00 30.26  ? 80  VAL B O   1 
ATOM   652  C CB  . VAL A 1 96  ? -2.880  8.778   -4.347  1.00 37.08  ? 80  VAL B CB  1 
ATOM   653  C CG1 . VAL A 1 96  ? -3.126  10.076  -3.604  1.00 37.34  ? 80  VAL B CG1 1 
ATOM   654  C CG2 . VAL A 1 96  ? -3.992  8.529   -5.359  1.00 37.43  ? 80  VAL B CG2 1 
ATOM   655  N N   . TYR A 1 97  ? -1.210  9.201   -7.428  1.00 27.76  ? 81  TYR B N   1 
ATOM   656  C CA  . TYR A 1 97  ? -0.986  10.017  -8.628  1.00 27.90  ? 81  TYR B CA  1 
ATOM   657  C C   . TYR A 1 97  ? -2.254  10.060  -9.478  1.00 31.34  ? 81  TYR B C   1 
ATOM   658  O O   . TYR A 1 97  ? -2.871  9.016   -9.714  1.00 30.47  ? 81  TYR B O   1 
ATOM   659  C CB  . TYR A 1 97  ? 0.165   9.459   -9.492  1.00 29.71  ? 81  TYR B CB  1 
ATOM   660  C CG  . TYR A 1 97  ? 1.545   9.579   -8.876  1.00 33.31  ? 81  TYR B CG  1 
ATOM   661  C CD1 . TYR A 1 97  ? 2.110   8.521   -8.163  1.00 35.02  ? 81  TYR B CD1 1 
ATOM   662  C CD2 . TYR A 1 97  ? 2.294   10.742  -9.020  1.00 33.47  ? 81  TYR B CD2 1 
ATOM   663  C CE1 . TYR A 1 97  ? 3.384   8.626   -7.601  1.00 34.21  ? 81  TYR B CE1 1 
ATOM   664  C CE2 . TYR A 1 97  ? 3.569   10.854  -8.472  1.00 34.02  ? 81  TYR B CE2 1 
ATOM   665  C CZ  . TYR A 1 97  ? 4.107   9.797   -7.756  1.00 39.24  ? 81  TYR B CZ  1 
ATOM   666  O OH  . TYR A 1 97  ? 5.366   9.922   -7.219  1.00 41.00  ? 81  TYR B OH  1 
ATOM   667  N N   . PHE A 1 98  ? -2.632  11.244  -9.952  1.00 28.07  ? 82  PHE B N   1 
ATOM   668  C CA  . PHE A 1 98  ? -3.785  11.405  -10.864 1.00 26.90  ? 82  PHE B CA  1 
ATOM   669  C C   . PHE A 1 98  ? -3.236  11.975  -12.141 1.00 30.98  ? 82  PHE B C   1 
ATOM   670  O O   . PHE A 1 98  ? -2.685  13.084  -12.131 1.00 30.59  ? 82  PHE B O   1 
ATOM   671  C CB  . PHE A 1 98  ? -4.891  12.304  -10.273 1.00 28.38  ? 82  PHE B CB  1 
ATOM   672  C CG  . PHE A 1 98  ? -5.949  12.684  -11.277 1.00 28.10  ? 82  PHE B CG  1 
ATOM   673  C CD1 . PHE A 1 98  ? -6.946  11.778  -11.642 1.00 28.37  ? 82  PHE B CD1 1 
ATOM   674  C CD2 . PHE A 1 98  ? -5.938  13.939  -11.887 1.00 28.16  ? 82  PHE B CD2 1 
ATOM   675  C CE1 . PHE A 1 98  ? -7.931  12.132  -12.572 1.00 28.25  ? 82  PHE B CE1 1 
ATOM   676  C CE2 . PHE A 1 98  ? -6.918  14.280  -12.838 1.00 30.23  ? 82  PHE B CE2 1 
ATOM   677  C CZ  . PHE A 1 98  ? -7.926  13.385  -13.143 1.00 27.84  ? 82  PHE B CZ  1 
ATOM   678  N N   . LYS A 1 99  ? -3.276  11.179  -13.237 1.00 27.09  ? 83  LYS B N   1 
ATOM   679  C CA  . LYS A 1 99  ? -2.659  11.554  -14.513 1.00 27.90  ? 83  LYS B CA  1 
ATOM   680  C C   . LYS A 1 99  ? -1.195  11.988  -14.304 1.00 33.45  ? 83  LYS B C   1 
ATOM   681  O O   . LYS A 1 99  ? -0.765  12.997  -14.858 1.00 32.65  ? 83  LYS B O   1 
ATOM   682  C CB  . LYS A 1 99  ? -3.473  12.663  -15.263 1.00 31.12  ? 83  LYS B CB  1 
ATOM   683  C CG  . LYS A 1 99  ? -4.860  12.228  -15.716 1.00 30.83  ? 83  LYS B CG  1 
ATOM   684  C CD  . LYS A 1 99  ? -5.523  13.371  -16.500 1.00 26.79  ? 83  LYS B CD  1 
ATOM   685  C CE  . LYS A 1 99  ? -6.944  13.009  -16.828 1.00 33.66  ? 83  LYS B CE  1 
ATOM   686  N NZ  . LYS A 1 99  ? -7.506  13.889  -17.891 1.00 34.28  ? 83  LYS B NZ  1 
ATOM   687  N N   . GLY A 1 100 ? -0.461  11.255  -13.467 1.00 32.52  ? 84  GLY B N   1 
ATOM   688  C CA  . GLY A 1 100 ? 0.948   11.545  -13.195 1.00 33.14  ? 84  GLY B CA  1 
ATOM   689  C C   . GLY A 1 100 ? 1.262   12.619  -12.168 1.00 36.78  ? 84  GLY B C   1 
ATOM   690  O O   . GLY A 1 100 ? 2.432   12.866  -11.895 1.00 36.09  ? 84  GLY B O   1 
ATOM   691  N N   . GLN A 1 101 ? 0.249   13.242  -11.562 1.00 33.14  ? 85  GLN B N   1 
ATOM   692  C CA  . GLN A 1 101 ? 0.458   14.300  -10.560 1.00 32.47  ? 85  GLN B CA  1 
ATOM   693  C C   . GLN A 1 101 ? 0.136   13.789  -9.173  1.00 33.20  ? 85  GLN B C   1 
ATOM   694  O O   . GLN A 1 101 ? -0.980  13.328  -8.912  1.00 31.33  ? 85  GLN B O   1 
ATOM   695  C CB  . GLN A 1 101 ? -0.462  15.508  -10.870 1.00 34.12  ? 85  GLN B CB  1 
ATOM   696  C CG  . GLN A 1 101 ? -0.276  16.697  -9.903  1.00 40.02  ? 85  GLN B CG  1 
ATOM   697  C CD  . GLN A 1 101 ? -1.266  17.808  -10.159 1.00 46.13  ? 85  GLN B CD  1 
ATOM   698  O OE1 . GLN A 1 101 ? -1.677  18.075  -11.282 1.00 47.63  ? 85  GLN B OE1 1 
ATOM   699  N NE2 . GLN A 1 101 ? -1.703  18.450  -9.118  1.00 37.28  ? 85  GLN B NE2 1 
ATOM   700  N N   . CYS A 1 102 ? 1.086   13.950  -8.246  1.00 31.87  ? 86  CYS B N   1 
ATOM   701  C CA  . CYS A 1 102 ? 0.865   13.533  -6.870  1.00 31.88  ? 86  CYS B CA  1 
ATOM   702  C C   . CYS A 1 102 ? -0.182  14.392  -6.153  1.00 36.57  ? 86  CYS B C   1 
ATOM   703  O O   . CYS A 1 102 ? 0.023   15.604  -5.973  1.00 35.95  ? 86  CYS B O   1 
ATOM   704  C CB  . CYS A 1 102 ? 2.183   13.496  -6.102  1.00 32.57  ? 86  CYS B CB  1 
ATOM   705  S SG  . CYS A 1 102 ? 1.997   12.925  -4.411  1.00 37.16  ? 86  CYS B SG  1 
ATOM   706  N N   . LEU A 1 103 ? -1.273  13.765  -5.696  1.00 32.04  ? 87  LEU B N   1 
ATOM   707  C CA  . LEU A 1 103 ? -2.324  14.487  -4.963  1.00 32.99  ? 87  LEU B CA  1 
ATOM   708  C C   . LEU A 1 103 ? -2.127  14.364  -3.457  1.00 37.13  ? 87  LEU B C   1 
ATOM   709  O O   . LEU A 1 103 ? -2.602  15.218  -2.707  1.00 35.62  ? 87  LEU B O   1 
ATOM   710  C CB  . LEU A 1 103 ? -3.726  13.937  -5.280  1.00 33.13  ? 87  LEU B CB  1 
ATOM   711  C CG  . LEU A 1 103 ? -4.207  13.896  -6.736  1.00 37.92  ? 87  LEU B CG  1 
ATOM   712  C CD1 . LEU A 1 103 ? -5.588  13.307  -6.808  1.00 39.29  ? 87  LEU B CD1 1 
ATOM   713  C CD2 . LEU A 1 103 ? -4.224  15.274  -7.366  1.00 37.27  ? 87  LEU B CD2 1 
ATOM   714  N N   . GLU A 1 104 ? -1.534  13.247  -3.007  1.00 32.53  ? 88  GLU B N   1 
ATOM   715  C CA  . GLU A 1 104 ? -1.391  12.959  -1.581  1.00 32.62  ? 88  GLU B CA  1 
ATOM   716  C C   . GLU A 1 104 ? -0.248  11.987  -1.340  1.00 35.99  ? 88  GLU B C   1 
ATOM   717  O O   . GLU A 1 104 ? 0.069   11.165  -2.202  1.00 32.66  ? 88  GLU B O   1 
ATOM   718  C CB  . GLU A 1 104 ? -2.662  12.293  -1.083  1.00 34.76  ? 88  GLU B CB  1 
ATOM   719  C CG  . GLU A 1 104 ? -3.412  13.056  -0.021  1.00 55.27  ? 88  GLU B CG  1 
ATOM   720  C CD  . GLU A 1 104 ? -4.751  12.430  0.293   1.00 75.23  ? 88  GLU B CD  1 
ATOM   721  O OE1 . GLU A 1 104 ? -5.140  12.445  1.482   1.00 81.06  ? 88  GLU B OE1 1 
ATOM   722  O OE2 . GLU A 1 104 ? -5.391  11.880  -0.634  1.00 59.33  ? 88  GLU B OE2 1 
ATOM   723  N N   . GLU A 1 105 ? 0.310   12.032  -0.126  1.00 33.08  ? 89  GLU B N   1 
ATOM   724  C CA  . GLU A 1 105 ? 1.399   11.141  0.276   1.00 32.74  ? 89  GLU B CA  1 
ATOM   725  C C   . GLU A 1 105 ? 1.136   10.645  1.695   1.00 37.34  ? 89  GLU B C   1 
ATOM   726  O O   . GLU A 1 105 ? 0.679   11.423  2.531   1.00 36.27  ? 89  GLU B O   1 
ATOM   727  C CB  . GLU A 1 105 ? 2.729   11.889  0.196   1.00 33.64  ? 89  GLU B CB  1 
ATOM   728  C CG  . GLU A 1 105 ? 3.937   11.035  0.563   1.00 40.90  ? 89  GLU B CG  1 
ATOM   729  C CD  . GLU A 1 105 ? 5.268   11.732  0.397   1.00 54.49  ? 89  GLU B CD  1 
ATOM   730  O OE1 . GLU A 1 105 ? 5.332   12.962  0.610   1.00 56.06  ? 89  GLU B OE1 1 
ATOM   731  O OE2 . GLU A 1 105 ? 6.259   11.036  0.088   1.00 58.38  ? 89  GLU B OE2 1 
ATOM   732  N N   . TRP A 1 106 ? 1.414   9.358   1.968   1.00 34.25  ? 90  TRP B N   1 
ATOM   733  C CA  . TRP A 1 106 ? 1.267   8.755   3.289   1.00 34.42  ? 90  TRP B CA  1 
ATOM   734  C C   . TRP A 1 106 ? 2.553   8.050   3.701   1.00 34.42  ? 90  TRP B C   1 
ATOM   735  O O   . TRP A 1 106 ? 3.293   7.583   2.836   1.00 30.98  ? 90  TRP B O   1 
ATOM   736  C CB  . TRP A 1 106 ? 0.134   7.733   3.311   1.00 35.33  ? 90  TRP B CB  1 
ATOM   737  C CG  . TRP A 1 106 ? -1.237  8.314   3.169   1.00 38.31  ? 90  TRP B CG  1 
ATOM   738  C CD1 . TRP A 1 106 ? -2.056  8.752   4.172   1.00 41.69  ? 90  TRP B CD1 1 
ATOM   739  C CD2 . TRP A 1 106 ? -1.984  8.434   1.956   1.00 38.90  ? 90  TRP B CD2 1 
ATOM   740  N NE1 . TRP A 1 106 ? -3.268  9.147   3.651   1.00 42.47  ? 90  TRP B NE1 1 
ATOM   741  C CE2 . TRP A 1 106 ? -3.240  8.990   2.289   1.00 43.25  ? 90  TRP B CE2 1 
ATOM   742  C CE3 . TRP A 1 106 ? -1.695  8.173   0.608   1.00 40.58  ? 90  TRP B CE3 1 
ATOM   743  C CZ2 . TRP A 1 106 ? -4.212  9.263   1.328   1.00 42.99  ? 90  TRP B CZ2 1 
ATOM   744  C CZ3 . TRP A 1 106 ? -2.661  8.455   -0.345  1.00 42.54  ? 90  TRP B CZ3 1 
ATOM   745  C CH2 . TRP A 1 106 ? -3.891  9.019   0.015   1.00 43.20  ? 90  TRP B CH2 1 
ATOM   746  N N   . PHE A 1 107 ? 2.817   7.996   5.024   1.00 30.37  ? 91  PHE B N   1 
ATOM   747  C CA  . PHE A 1 107 ? 3.963   7.288   5.618   1.00 29.49  ? 91  PHE B CA  1 
ATOM   748  C C   . PHE A 1 107 ? 3.428   6.408   6.708   1.00 31.93  ? 91  PHE B C   1 
ATOM   749  O O   . PHE A 1 107 ? 2.619   6.861   7.518   1.00 31.23  ? 91  PHE B O   1 
ATOM   750  C CB  . PHE A 1 107 ? 4.979   8.271   6.228   1.00 31.62  ? 91  PHE B CB  1 
ATOM   751  C CG  . PHE A 1 107 ? 5.561   9.235   5.238   1.00 33.40  ? 91  PHE B CG  1 
ATOM   752  C CD1 . PHE A 1 107 ? 4.915   10.434  4.945   1.00 37.11  ? 91  PHE B CD1 1 
ATOM   753  C CD2 . PHE A 1 107 ? 6.769   8.965   4.613   1.00 35.87  ? 91  PHE B CD2 1 
ATOM   754  C CE1 . PHE A 1 107 ? 5.460   11.325  4.024   1.00 38.41  ? 91  PHE B CE1 1 
ATOM   755  C CE2 . PHE A 1 107 ? 7.324   9.870   3.715   1.00 39.18  ? 91  PHE B CE2 1 
ATOM   756  C CZ  . PHE A 1 107 ? 6.664   11.037  3.422   1.00 37.92  ? 91  PHE B CZ  1 
ATOM   757  N N   . PHE A 1 108 ? 3.835   5.139   6.720   1.00 28.23  ? 92  PHE B N   1 
ATOM   758  C CA  . PHE A 1 108 ? 3.398   4.204   7.756   1.00 28.53  ? 92  PHE B CA  1 
ATOM   759  C C   . PHE A 1 108 ? 4.600   3.409   8.205   1.00 33.96  ? 92  PHE B C   1 
ATOM   760  O O   . PHE A 1 108 ? 5.464   3.066   7.390   1.00 32.58  ? 92  PHE B O   1 
ATOM   761  C CB  . PHE A 1 108 ? 2.277   3.261   7.280   1.00 29.70  ? 92  PHE B CB  1 
ATOM   762  C CG  . PHE A 1 108 ? 1.023   3.982   6.840   1.00 31.16  ? 92  PHE B CG  1 
ATOM   763  C CD1 . PHE A 1 108 ? 0.085   4.412   7.773   1.00 34.00  ? 92  PHE B CD1 1 
ATOM   764  C CD2 . PHE A 1 108 ? 0.776   4.218   5.491   1.00 31.84  ? 92  PHE B CD2 1 
ATOM   765  C CE1 . PHE A 1 108 ? -1.073  5.095   7.364   1.00 36.14  ? 92  PHE B CE1 1 
ATOM   766  C CE2 . PHE A 1 108 ? -0.393  4.876   5.077   1.00 34.96  ? 92  PHE B CE2 1 
ATOM   767  C CZ  . PHE A 1 108 ? -1.312  5.308   6.013   1.00 33.88  ? 92  PHE B CZ  1 
ATOM   768  N N   . GLU A 1 109 ? 4.665   3.144   9.502   1.00 30.51  ? 93  GLU B N   1 
ATOM   769  C CA  . GLU A 1 109 ? 5.790   2.442   10.101  1.00 30.86  ? 93  GLU B CA  1 
ATOM   770  C C   . GLU A 1 109 ? 5.350   1.165   10.781  1.00 33.87  ? 93  GLU B C   1 
ATOM   771  O O   . GLU A 1 109 ? 4.402   1.192   11.560  1.00 32.76  ? 93  GLU B O   1 
ATOM   772  C CB  . GLU A 1 109 ? 6.515   3.380   11.099  1.00 32.81  ? 93  GLU B CB  1 
ATOM   773  C CG  . GLU A 1 109 ? 7.277   4.526   10.436  1.00 42.80  ? 93  GLU B CG  1 
ATOM   774  C CD  . GLU A 1 109 ? 6.475   5.672   9.837   1.00 63.36  ? 93  GLU B CD  1 
ATOM   775  O OE1 . GLU A 1 109 ? 6.775   6.057   8.683   1.00 38.04  ? 93  GLU B OE1 1 
ATOM   776  O OE2 . GLU A 1 109 ? 5.556   6.191   10.515  1.00 61.17  ? 93  GLU B OE2 1 
ATOM   777  N N   . PHE A 1 110 ? 6.011   0.028   10.467  1.00 30.78  ? 94  PHE B N   1 
ATOM   778  C CA  . PHE A 1 110 ? 5.706   -1.244  11.133  1.00 29.56  ? 94  PHE B CA  1 
ATOM   779  C C   . PHE A 1 110 ? 6.733   -1.492  12.268  1.00 34.47  ? 94  PHE B C   1 
ATOM   780  O O   . PHE A 1 110 ? 6.339   -1.881  13.372  1.00 33.44  ? 94  PHE B O   1 
ATOM   781  C CB  . PHE A 1 110 ? 5.715   -2.440  10.142  1.00 30.19  ? 94  PHE B CB  1 
ATOM   782  C CG  . PHE A 1 110 ? 5.478   -3.771  10.823  1.00 30.32  ? 94  PHE B CG  1 
ATOM   783  C CD1 . PHE A 1 110 ? 4.185   -4.197  11.129  1.00 33.93  ? 94  PHE B CD1 1 
ATOM   784  C CD2 . PHE A 1 110 ? 6.550   -4.579  11.210  1.00 31.64  ? 94  PHE B CD2 1 
ATOM   785  C CE1 . PHE A 1 110 ? 3.967   -5.402  11.808  1.00 33.13  ? 94  PHE B CE1 1 
ATOM   786  C CE2 . PHE A 1 110 ? 6.332   -5.770  11.916  1.00 32.81  ? 94  PHE B CE2 1 
ATOM   787  C CZ  . PHE A 1 110 ? 5.048   -6.173  12.208  1.00 31.94  ? 94  PHE B CZ  1 
ATOM   788  N N   . GLY A 1 111 ? 8.021   -1.306  11.956  1.00 30.93  ? 95  GLY B N   1 
ATOM   789  C CA  . GLY A 1 111 ? 9.125   -1.503  12.898  1.00 31.13  ? 95  GLY B CA  1 
ATOM   790  C C   . GLY A 1 111 ? 9.883   -2.806  12.687  1.00 33.10  ? 95  GLY B C   1 
ATOM   791  O O   . GLY A 1 111 ? 10.110  -3.233  11.547  1.00 29.98  ? 95  GLY B O   1 
ATOM   792  N N   . PHE A 1 112 ? 10.225  -3.471  13.800  1.00 29.99  ? 96  PHE B N   1 
ATOM   793  C CA  . PHE A 1 112 ? 11.002  -4.718  13.791  1.00 28.98  ? 96  PHE B CA  1 
ATOM   794  C C   . PHE A 1 112 ? 10.236  -5.906  13.228  1.00 30.36  ? 96  PHE B C   1 
ATOM   795  O O   . PHE A 1 112 ? 9.078   -6.125  13.580  1.00 29.83  ? 96  PHE B O   1 
ATOM   796  C CB  . PHE A 1 112 ? 11.590  -5.022  15.204  1.00 29.75  ? 96  PHE B CB  1 
ATOM   797  C CG  . PHE A 1 112 ? 12.491  -6.234  15.218  1.00 31.15  ? 96  PHE B CG  1 
ATOM   798  C CD1 . PHE A 1 112 ? 13.818  -6.139  14.815  1.00 34.84  ? 96  PHE B CD1 1 
ATOM   799  C CD2 . PHE A 1 112 ? 12.007  -7.473  15.608  1.00 33.80  ? 96  PHE B CD2 1 
ATOM   800  C CE1 . PHE A 1 112 ? 14.642  -7.270  14.795  1.00 35.59  ? 96  PHE B CE1 1 
ATOM   801  C CE2 . PHE A 1 112 ? 12.833  -8.604  15.591  1.00 36.85  ? 96  PHE B CE2 1 
ATOM   802  C CZ  . PHE A 1 112 ? 14.142  -8.494  15.168  1.00 34.28  ? 96  PHE B CZ  1 
ATOM   803  N N   . VAL A 1 113 ? 10.898  -6.687  12.355  1.00 26.39  ? 97  VAL B N   1 
ATOM   804  C CA  . VAL A 1 113 ? 10.304  -7.878  11.735  1.00 25.93  ? 97  VAL B CA  1 
ATOM   805  C C   . VAL A 1 113 ? 11.202  -9.049  12.074  1.00 30.51  ? 97  VAL B C   1 
ATOM   806  O O   . VAL A 1 113 ? 12.365  -9.040  11.674  1.00 29.56  ? 97  VAL B O   1 
ATOM   807  C CB  . VAL A 1 113 ? 10.145  -7.758  10.170  1.00 27.68  ? 97  VAL B CB  1 
ATOM   808  C CG1 . VAL A 1 113 ? 9.661   -9.088  9.555   1.00 26.57  ? 97  VAL B CG1 1 
ATOM   809  C CG2 . VAL A 1 113 ? 9.200   -6.606  9.798   1.00 27.77  ? 97  VAL B CG2 1 
ATOM   810  N N   . ILE A 1 114 ? 10.642  -10.070 12.744  1.00 27.71  ? 98  ILE B N   1 
ATOM   811  C CA  . ILE A 1 114 ? 11.381  -11.295 13.130  1.00 28.84  ? 98  ILE B CA  1 
ATOM   812  C C   . ILE A 1 114 ? 11.698  -12.097 11.870  1.00 30.80  ? 98  ILE B C   1 
ATOM   813  O O   . ILE A 1 114 ? 10.792  -12.285 11.058  1.00 30.65  ? 98  ILE B O   1 
ATOM   814  C CB  . ILE A 1 114 ? 10.554  -12.123 14.180  1.00 31.91  ? 98  ILE B CB  1 
ATOM   815  C CG1 . ILE A 1 114 ? 10.710  -11.517 15.587  1.00 33.47  ? 98  ILE B CG1 1 
ATOM   816  C CG2 . ILE A 1 114 ? 10.929  -13.640 14.189  1.00 32.21  ? 98  ILE B CG2 1 
ATOM   817  C CD1 . ILE A 1 114 ? 9.495   -11.789 16.538  1.00 46.44  ? 98  ILE B CD1 1 
ATOM   818  N N   . PRO A 1 115 ? 12.967  -12.587 11.660  1.00 26.51  ? 99  PRO B N   1 
ATOM   819  C CA  . PRO A 1 115 ? 13.236  -13.393 10.460  1.00 25.60  ? 99  PRO B CA  1 
ATOM   820  C C   . PRO A 1 115 ? 12.337  -14.626 10.404  1.00 31.42  ? 99  PRO B C   1 
ATOM   821  O O   . PRO A 1 115 ? 12.153  -15.282 11.447  1.00 29.76  ? 99  PRO B O   1 
ATOM   822  C CB  . PRO A 1 115 ? 14.724  -13.811 10.608  1.00 27.35  ? 99  PRO B CB  1 
ATOM   823  C CG  . PRO A 1 115 ? 15.059  -13.596 12.069  1.00 30.48  ? 99  PRO B CG  1 
ATOM   824  C CD  . PRO A 1 115 ? 14.165  -12.456 12.522  1.00 25.72  ? 99  PRO B CD  1 
ATOM   825  N N   . ASN A 1 116 ? 11.771  -14.937 9.193   1.00 28.83  ? 100 ASN B N   1 
ATOM   826  C CA  . ASN A 1 116 ? 10.844  -16.053 8.939   1.00 29.88  ? 100 ASN B CA  1 
ATOM   827  C C   . ASN A 1 116 ? 9.503   -15.910 9.659   1.00 36.08  ? 100 ASN B C   1 
ATOM   828  O O   . ASN A 1 116 ? 8.875   -16.926 9.988   1.00 39.11  ? 100 ASN B O   1 
ATOM   829  C CB  . ASN A 1 116 ? 11.469  -17.432 9.266   1.00 30.92  ? 100 ASN B CB  1 
ATOM   830  C CG  . ASN A 1 116 ? 12.779  -17.670 8.588   1.00 43.55  ? 100 ASN B CG  1 
ATOM   831  O OD1 . ASN A 1 116 ? 13.837  -17.726 9.228   1.00 47.05  ? 100 ASN B OD1 1 
ATOM   832  N ND2 . ASN A 1 116 ? 12.736  -17.802 7.283   1.00 32.24  ? 100 ASN B ND2 1 
ATOM   833  N N   . SER A 1 117 ? 9.042   -14.684 9.880   1.00 30.32  ? 101 SER B N   1 
ATOM   834  C CA  . SER A 1 117 ? 7.750   -14.470 10.533  1.00 29.41  ? 101 SER B CA  1 
ATOM   835  C C   . SER A 1 117 ? 6.645   -14.092 9.528   1.00 32.56  ? 101 SER B C   1 
ATOM   836  O O   . SER A 1 117 ? 6.935   -13.645 8.414   1.00 27.76  ? 101 SER B O   1 
ATOM   837  C CB  . SER A 1 117 ? 7.867   -13.402 11.611  1.00 30.18  ? 101 SER B CB  1 
ATOM   838  O OG  . SER A 1 117 ? 8.150   -12.145 11.012  1.00 33.53  ? 101 SER B OG  1 
ATOM   839  N N   . THR A 1 118 ? 5.373   -14.286 9.940   1.00 31.63  ? 102 THR B N   1 
ATOM   840  C CA  . THR A 1 118 ? 4.156   -13.883 9.203   1.00 30.98  ? 102 THR B CA  1 
ATOM   841  C C   . THR A 1 118 ? 3.452   -12.948 10.169  1.00 34.95  ? 102 THR B C   1 
ATOM   842  O O   . THR A 1 118 ? 3.331   -13.258 11.358  1.00 34.72  ? 102 THR B O   1 
ATOM   843  C CB  . THR A 1 118 ? 3.317   -15.080 8.722   1.00 35.84  ? 102 THR B CB  1 
ATOM   844  O OG1 . THR A 1 118 ? 4.081   -15.836 7.787   1.00 34.09  ? 102 THR B OG1 1 
ATOM   845  C CG2 . THR A 1 118 ? 2.053   -14.643 8.033   1.00 34.16  ? 102 THR B CG2 1 
ATOM   846  N N   . ASN A 1 119 ? 3.102   -11.749 9.692   1.00 31.24  ? 103 ASN B N   1 
ATOM   847  C CA  . ASN A 1 119 ? 2.609   -10.669 10.534  1.00 29.94  ? 103 ASN B CA  1 
ATOM   848  C C   . ASN A 1 119 ? 1.391   -10.017 9.915   1.00 35.64  ? 103 ASN B C   1 
ATOM   849  O O   . ASN A 1 119 ? 1.326   -9.885  8.698   1.00 33.98  ? 103 ASN B O   1 
ATOM   850  C CB  . ASN A 1 119 ? 3.704   -9.589  10.630  1.00 29.15  ? 103 ASN B CB  1 
ATOM   851  C CG  . ASN A 1 119 ? 5.089   -10.095 10.943  1.00 40.56  ? 103 ASN B CG  1 
ATOM   852  O OD1 . ASN A 1 119 ? 5.481   -10.150 12.092  1.00 38.03  ? 103 ASN B OD1 1 
ATOM   853  N ND2 . ASN A 1 119 ? 5.862   -10.489 9.927   1.00 36.16  ? 103 ASN B ND2 1 
ATOM   854  N N   . THR A 1 120 ? 0.476   -9.525  10.748  1.00 34.78  ? 104 THR B N   1 
ATOM   855  C CA  . THR A 1 120 ? -0.672  -8.745  10.272  1.00 34.65  ? 104 THR B CA  1 
ATOM   856  C C   . THR A 1 120 ? -0.458  -7.320  10.759  1.00 37.59  ? 104 THR B C   1 
ATOM   857  O O   . THR A 1 120 ? -0.297  -7.093  11.959  1.00 36.99  ? 104 THR B O   1 
ATOM   858  C CB  . THR A 1 120 ? -2.000  -9.356  10.737  1.00 40.38  ? 104 THR B CB  1 
ATOM   859  O OG1 . THR A 1 120 ? -2.080  -10.667 10.198  1.00 38.40  ? 104 THR B OG1 1 
ATOM   860  C CG2 . THR A 1 120 ? -3.232  -8.530  10.267  1.00 39.82  ? 104 THR B CG2 1 
ATOM   861  N N   . TRP A 1 121 ? -0.420  -6.370  9.822   1.00 33.16  ? 105 TRP B N   1 
ATOM   862  C CA  . TRP A 1 121 ? -0.184  -4.961  10.099  1.00 32.21  ? 105 TRP B CA  1 
ATOM   863  C C   . TRP A 1 121 ? -1.478  -4.159  9.869   1.00 37.31  ? 105 TRP B C   1 
ATOM   864  O O   . TRP A 1 121 ? -2.068  -4.229  8.780   1.00 35.51  ? 105 TRP B O   1 
ATOM   865  C CB  . TRP A 1 121 ? 0.935   -4.485  9.173   1.00 30.89  ? 105 TRP B CB  1 
ATOM   866  C CG  . TRP A 1 121 ? 1.342   -3.035  9.263   1.00 31.65  ? 105 TRP B CG  1 
ATOM   867  C CD1 . TRP A 1 121 ? 0.980   -2.121  10.212  1.00 34.46  ? 105 TRP B CD1 1 
ATOM   868  C CD2 . TRP A 1 121 ? 2.282   -2.381  8.417   1.00 31.37  ? 105 TRP B CD2 1 
ATOM   869  N NE1 . TRP A 1 121 ? 1.597   -0.919  9.969   1.00 33.56  ? 105 TRP B NE1 1 
ATOM   870  C CE2 . TRP A 1 121 ? 2.427   -1.058  8.892   1.00 34.67  ? 105 TRP B CE2 1 
ATOM   871  C CE3 . TRP A 1 121 ? 3.037   -2.788  7.305   1.00 32.48  ? 105 TRP B CE3 1 
ATOM   872  C CZ2 . TRP A 1 121 ? 3.253   -0.124  8.260   1.00 33.63  ? 105 TRP B CZ2 1 
ATOM   873  C CZ3 . TRP A 1 121 ? 3.886   -1.871  6.707   1.00 34.20  ? 105 TRP B CZ3 1 
ATOM   874  C CH2 . TRP A 1 121 ? 3.986   -0.555  7.184   1.00 34.10  ? 105 TRP B CH2 1 
ATOM   875  N N   . GLN A 1 122 ? -1.906  -3.405  10.890  1.00 33.79  ? 106 GLN B N   1 
ATOM   876  C CA  . GLN A 1 122 ? -3.109  -2.584  10.811  1.00 33.91  ? 106 GLN B CA  1 
ATOM   877  C C   . GLN A 1 122 ? -2.743  -1.111  10.738  1.00 37.68  ? 106 GLN B C   1 
ATOM   878  O O   . GLN A 1 122 ? -1.952  -0.634  11.556  1.00 37.76  ? 106 GLN B O   1 
ATOM   879  C CB  . GLN A 1 122 ? -4.031  -2.874  11.998  1.00 35.79  ? 106 GLN B CB  1 
ATOM   880  C CG  . GLN A 1 122 ? -5.453  -2.368  11.794  1.00 62.09  ? 106 GLN B CG  1 
ATOM   881  C CD  . GLN A 1 122 ? -6.348  -2.767  12.938  1.00 89.40  ? 106 GLN B CD  1 
ATOM   882  O OE1 . GLN A 1 122 ? -6.634  -3.951  13.157  1.00 86.27  ? 106 GLN B OE1 1 
ATOM   883  N NE2 . GLN A 1 122 ? -6.816  -1.782  13.689  1.00 83.94  ? 106 GLN B NE2 1 
ATOM   884  N N   . SER A 1 123 ? -3.291  -0.389  9.738   1.00 33.79  ? 107 SER B N   1 
ATOM   885  C CA  . SER A 1 123 ? -3.038  1.046   9.565   1.00 33.64  ? 107 SER B CA  1 
ATOM   886  C C   . SER A 1 123 ? -4.363  1.801   9.375   1.00 38.05  ? 107 SER B C   1 
ATOM   887  O O   . SER A 1 123 ? -5.314  1.233   8.862   1.00 38.42  ? 107 SER B O   1 
ATOM   888  C CB  . SER A 1 123 ? -2.159  1.298   8.342   1.00 34.76  ? 107 SER B CB  1 
ATOM   889  O OG  . SER A 1 123 ? -0.884  0.689   8.450   1.00 39.24  ? 107 SER B OG  1 
ATOM   890  N N   . LEU A 1 124 ? -4.404  3.075   9.765   1.00 35.33  ? 108 LEU B N   1 
ATOM   891  C CA  . LEU A 1 124 ? -5.570  3.934   9.557   1.00 35.19  ? 108 LEU B CA  1 
ATOM   892  C C   . LEU A 1 124 ? -5.136  4.977   8.546   1.00 36.65  ? 108 LEU B C   1 
ATOM   893  O O   . LEU A 1 124 ? -4.215  5.747   8.815   1.00 35.48  ? 108 LEU B O   1 
ATOM   894  C CB  . LEU A 1 124 ? -6.003  4.614   10.882  1.00 36.28  ? 108 LEU B CB  1 
ATOM   895  C CG  . LEU A 1 124 ? -7.290  5.458   10.816  1.00 40.89  ? 108 LEU B CG  1 
ATOM   896  C CD1 . LEU A 1 124 ? -8.517  4.553   10.646  1.00 40.24  ? 108 LEU B CD1 1 
ATOM   897  C CD2 . LEU A 1 124 ? -7.457  6.281   12.097  1.00 44.84  ? 108 LEU B CD2 1 
ATOM   898  N N   . ILE A 1 125 ? -5.775  4.984   7.365   1.00 32.57  ? 109 ILE B N   1 
ATOM   899  C CA  . ILE A 1 125 ? -5.464  5.900   6.274   1.00 32.69  ? 109 ILE B CA  1 
ATOM   900  C C   . ILE A 1 125 ? -6.531  6.987   6.271   1.00 42.95  ? 109 ILE B C   1 
ATOM   901  O O   . ILE A 1 125 ? -7.695  6.723   5.937   1.00 41.44  ? 109 ILE B O   1 
ATOM   902  C CB  . ILE A 1 125 ? -5.419  5.152   4.926   1.00 34.48  ? 109 ILE B CB  1 
ATOM   903  C CG1 . ILE A 1 125 ? -4.591  3.841   5.051   1.00 34.93  ? 109 ILE B CG1 1 
ATOM   904  C CG2 . ILE A 1 125 ? -4.903  6.074   3.817   1.00 33.17  ? 109 ILE B CG2 1 
ATOM   905  C CD1 . ILE A 1 125 ? -4.887  2.751   3.993   1.00 36.87  ? 109 ILE B CD1 1 
ATOM   906  N N   . GLU A 1 126 ? -6.128  8.199   6.650   1.00 43.99  ? 110 GLU B N   1 
ATOM   907  C CA  . GLU A 1 126 ? -7.035  9.337   6.746   1.00 46.24  ? 110 GLU B CA  1 
ATOM   908  C C   . GLU A 1 126 ? -6.897  10.265  5.559   1.00 54.53  ? 110 GLU B C   1 
ATOM   909  O O   . GLU A 1 126 ? -5.822  10.368  4.951   1.00 53.87  ? 110 GLU B O   1 
ATOM   910  C CB  . GLU A 1 126 ? -6.807  10.110  8.054   1.00 47.88  ? 110 GLU B CB  1 
ATOM   911  C CG  . GLU A 1 126 ? -7.146  9.307   9.300   1.00 63.09  ? 110 GLU B CG  1 
ATOM   912  C CD  . GLU A 1 126 ? -7.575  10.137  10.493  1.00 96.05  ? 110 GLU B CD  1 
ATOM   913  O OE1 . GLU A 1 126 ? -6.709  10.806  11.103  1.00 97.43  ? 110 GLU B OE1 1 
ATOM   914  O OE2 . GLU A 1 126 ? -8.784  10.113  10.821  1.00 95.14  ? 110 GLU B OE2 1 
ATOM   915  N N   . ALA A 1 127 ? -7.998  10.956  5.242   1.00 54.03  ? 111 ALA B N   1 
ATOM   916  C CA  . ALA A 1 127 ? -8.062  11.950  4.173   1.00 54.80  ? 111 ALA B CA  1 
ATOM   917  C C   . ALA A 1 127 ? -7.224  13.147  4.599   1.00 60.84  ? 111 ALA B C   1 
ATOM   918  O O   . ALA A 1 127 ? -7.146  13.441  5.794   1.00 59.81  ? 111 ALA B O   1 
ATOM   919  C CB  . ALA A 1 127 ? -9.507  12.389  3.973   1.00 55.43  ? 111 ALA B CB  1 
ATOM   920  N N   . ALA A 1 128 ? -6.582  13.822  3.639   1.00 59.99  ? 112 ALA B N   1 
ATOM   921  C CA  . ALA A 1 128 ? -5.813  15.024  3.944   1.00 61.07  ? 112 ALA B CA  1 
ATOM   922  C C   . ALA A 1 128 ? -6.844  16.130  4.180   1.00 66.85  ? 112 ALA B C   1 
ATOM   923  O O   . ALA A 1 128 ? -7.830  16.200  3.431   1.00 65.70  ? 112 ALA B O   1 
ATOM   924  C CB  . ALA A 1 128 ? -4.905  15.397  2.778   1.00 61.91  ? 112 ALA B CB  1 
ATOM   925  N N   . PRO A 1 129 ? -6.694  16.952  5.248   1.00 65.41  ? 113 PRO B N   1 
ATOM   926  C CA  . PRO A 1 129 ? -7.679  18.028  5.474   1.00 65.88  ? 113 PRO B CA  1 
ATOM   927  C C   . PRO A 1 129 ? -7.646  19.084  4.362   1.00 69.00  ? 113 PRO B C   1 
ATOM   928  O O   . PRO A 1 129 ? -6.624  19.235  3.677   1.00 68.76  ? 113 PRO B O   1 
ATOM   929  C CB  . PRO A 1 129 ? -7.273  18.608  6.833   1.00 67.94  ? 113 PRO B CB  1 
ATOM   930  C CG  . PRO A 1 129 ? -5.814  18.304  6.952   1.00 72.36  ? 113 PRO B CG  1 
ATOM   931  C CD  . PRO A 1 129 ? -5.603  16.993  6.245   1.00 67.51  ? 113 PRO B CD  1 
ATOM   932  N N   . GLU A 1 130 ? -8.777  19.787  4.170   1.00 64.67  ? 114 GLU B N   1 
ATOM   933  C CA  . GLU A 1 130 ? -8.970  20.843  3.163   1.00 64.35  ? 114 GLU B CA  1 
ATOM   934  C C   . GLU A 1 130 ? -8.856  20.334  1.702   1.00 65.31  ? 114 GLU B C   1 
ATOM   935  O O   . GLU A 1 130 ? -8.465  21.101  0.806   1.00 66.13  ? 114 GLU B O   1 
ATOM   936  C CB  . GLU A 1 130 ? -8.052  22.059  3.427   1.00 66.01  ? 114 GLU B CB  1 
ATOM   937  C CG  . GLU A 1 130 ? -8.621  23.024  4.455   1.00 80.26  ? 114 GLU B CG  1 
ATOM   938  C CD  . GLU A 1 130 ? -7.725  24.196  4.812   1.00 110.66 ? 114 GLU B CD  1 
ATOM   939  O OE1 . GLU A 1 130 ? -7.358  24.971  3.899   1.00 108.88 ? 114 GLU B OE1 1 
ATOM   940  O OE2 . GLU A 1 130 ? -7.398  24.344  6.013   1.00 108.50 ? 114 GLU B OE2 1 
ATOM   941  N N   A SER A 1 131 ? -9.222  19.064  1.467   0.50 59.60  ? 115 SER B N   1 
ATOM   942  N N   B SER A 1 131 ? -9.213  19.056  1.468   0.50 59.76  ? 115 SER B N   1 
ATOM   943  C CA  A SER A 1 131 ? -9.198  18.469  0.132   0.50 58.36  ? 115 SER B CA  1 
ATOM   944  C CA  B SER A 1 131 ? -9.189  18.456  0.133   0.50 58.59  ? 115 SER B CA  1 
ATOM   945  C C   A SER A 1 131 ? -10.564 17.896  -0.242  0.50 59.88  ? 115 SER B C   1 
ATOM   946  C C   B SER A 1 131 ? -10.558 17.885  -0.245  0.50 60.00  ? 115 SER B C   1 
ATOM   947  O O   A SER A 1 131 ? -11.224 17.280  0.599   0.50 59.25  ? 115 SER B O   1 
ATOM   948  O O   B SER A 1 131 ? -11.215 17.259  0.592   0.50 59.39  ? 115 SER B O   1 
ATOM   949  C CB  A SER A 1 131 ? -8.100  17.414  0.020   0.50 61.46  ? 115 SER B CB  1 
ATOM   950  C CB  B SER A 1 131 ? -8.086  17.405  0.010   0.50 61.97  ? 115 SER B CB  1 
ATOM   951  O OG  A SER A 1 131 ? -6.815  18.014  0.024   0.50 68.24  ? 115 SER B OG  1 
ATOM   952  O OG  B SER A 1 131 ? -8.353  16.224  0.748   0.50 69.88  ? 115 SER B OG  1 
ATOM   953  N N   . GLN A 1 132 ? -10.996 18.132  -1.498  1.00 54.57  ? 116 GLN B N   1 
ATOM   954  C CA  . GLN A 1 132 ? -12.289 17.661  -2.014  1.00 52.87  ? 116 GLN B CA  1 
ATOM   955  C C   . GLN A 1 132 ? -12.076 16.569  -3.048  1.00 51.46  ? 116 GLN B C   1 
ATOM   956  O O   . GLN A 1 132 ? -11.365 16.773  -4.032  1.00 50.49  ? 116 GLN B O   1 
ATOM   957  C CB  . GLN A 1 132 ? -13.145 18.806  -2.591  1.00 54.15  ? 116 GLN B CB  1 
ATOM   958  C CG  . GLN A 1 132 ? -13.567 19.845  -1.554  1.00 71.78  ? 116 GLN B CG  1 
ATOM   959  C CD  . GLN A 1 132 ? -12.777 21.130  -1.671  1.00 91.07  ? 116 GLN B CD  1 
ATOM   960  O OE1 . GLN A 1 132 ? -11.536 21.149  -1.660  1.00 80.87  ? 116 GLN B OE1 1 
ATOM   961  N NE2 . GLN A 1 132 ? -13.489 22.241  -1.774  1.00 88.37  ? 116 GLN B NE2 1 
ATOM   962  N N   . MET A 1 133 ? -12.686 15.407  -2.810  1.00 44.02  ? 117 MET B N   1 
ATOM   963  C CA  . MET A 1 133 ? -12.557 14.262  -3.685  1.00 41.98  ? 117 MET B CA  1 
ATOM   964  C C   . MET A 1 133 ? -13.227 14.524  -5.043  1.00 41.49  ? 117 MET B C   1 
ATOM   965  O O   . MET A 1 133 ? -14.373 14.983  -5.085  1.00 40.44  ? 117 MET B O   1 
ATOM   966  C CB  . MET A 1 133 ? -13.134 13.010  -2.992  1.00 44.16  ? 117 MET B CB  1 
ATOM   967  C CG  . MET A 1 133 ? -12.822 11.714  -3.709  1.00 48.42  ? 117 MET B CG  1 
ATOM   968  S SD  . MET A 1 133 ? -11.061 11.307  -3.720  1.00 53.63  ? 117 MET B SD  1 
ATOM   969  C CE  . MET A 1 133 ? -10.873 10.734  -2.038  1.00 50.10  ? 117 MET B CE  1 
ATOM   970  N N   . MET A 1 134 ? -12.506 14.210  -6.151  1.00 33.53  ? 118 MET B N   1 
ATOM   971  C CA  . MET A 1 134 ? -13.041 14.317  -7.519  1.00 30.90  ? 118 MET B CA  1 
ATOM   972  C C   . MET A 1 134 ? -14.050 13.182  -7.659  1.00 32.63  ? 118 MET B C   1 
ATOM   973  O O   . MET A 1 134 ? -13.973 12.219  -6.869  1.00 31.53  ? 118 MET B O   1 
ATOM   974  C CB  . MET A 1 134 ? -11.908 14.151  -8.563  1.00 32.34  ? 118 MET B CB  1 
ATOM   975  C CG  . MET A 1 134 ? -11.348 15.475  -9.064  1.00 33.16  ? 118 MET B CG  1 
ATOM   976  S SD  . MET A 1 134 ? -9.943  15.337  -10.199 1.00 34.11  ? 118 MET B SD  1 
ATOM   977  C CE  . MET A 1 134 ? -8.606  14.903  -9.038  1.00 29.32  ? 118 MET B CE  1 
ATOM   978  N N   . PRO A 1 135 ? -14.991 13.229  -8.647  1.00 28.71  ? 119 PRO B N   1 
ATOM   979  C CA  . PRO A 1 135 ? -15.939 12.107  -8.792  1.00 27.24  ? 119 PRO B CA  1 
ATOM   980  C C   . PRO A 1 135 ? -15.197 10.818  -9.159  1.00 26.95  ? 119 PRO B C   1 
ATOM   981  O O   . PRO A 1 135 ? -14.192 10.884  -9.852  1.00 25.67  ? 119 PRO B O   1 
ATOM   982  C CB  . PRO A 1 135 ? -16.807 12.529  -9.997  1.00 29.14  ? 119 PRO B CB  1 
ATOM   983  C CG  . PRO A 1 135 ? -16.619 13.974  -10.146 1.00 34.35  ? 119 PRO B CG  1 
ATOM   984  C CD  . PRO A 1 135 ? -15.241 14.287  -9.652  1.00 29.71  ? 119 PRO B CD  1 
ATOM   985  N N   . ALA A 1 136 ? -15.736 9.659   -8.779  1.00 25.95  ? 120 ALA B N   1 
ATOM   986  C CA  . ALA A 1 136 ? -15.171 8.357   -9.161  1.00 26.54  ? 120 ALA B CA  1 
ATOM   987  C C   . ALA A 1 136 ? -15.035 8.224   -10.707 1.00 29.41  ? 120 ALA B C   1 
ATOM   988  O O   . ALA A 1 136 ? -14.064 7.629   -11.193 1.00 27.09  ? 120 ALA B O   1 
ATOM   989  C CB  . ALA A 1 136 ? -16.059 7.251   -8.638  1.00 27.84  ? 120 ALA B CB  1 
ATOM   990  N N   . SER A 1 137 ? -15.999 8.803   -11.478 1.00 26.27  ? 121 SER B N   1 
ATOM   991  C CA  . SER A 1 137 ? -16.009 8.696   -12.953 1.00 25.48  ? 121 SER B CA  1 
ATOM   992  C C   . SER A 1 137 ? -14.812 9.393   -13.605 1.00 26.77  ? 121 SER B C   1 
ATOM   993  O O   . SER A 1 137 ? -14.341 8.939   -14.651 1.00 27.48  ? 121 SER B O   1 
ATOM   994  C CB  . SER A 1 137 ? -17.331 9.209   -13.531 1.00 28.28  ? 121 SER B CB  1 
ATOM   995  O OG  . SER A 1 137 ? -17.392 10.619  -13.374 1.00 31.25  ? 121 SER B OG  1 
ATOM   996  N N   . VAL A 1 138 ? -14.294 10.455  -12.962 1.00 22.23  ? 122 VAL B N   1 
ATOM   997  C CA  . VAL A 1 138 ? -13.117 11.207  -13.427 1.00 21.83  ? 122 VAL B CA  1 
ATOM   998  C C   . VAL A 1 138 ? -11.832 10.425  -13.053 1.00 25.14  ? 122 VAL B C   1 
ATOM   999  O O   . VAL A 1 138 ? -10.896 10.349  -13.858 1.00 25.38  ? 122 VAL B O   1 
ATOM   1000 C CB  . VAL A 1 138 ? -13.102 12.642  -12.803 1.00 25.77  ? 122 VAL B CB  1 
ATOM   1001 C CG1 . VAL A 1 138 ? -11.787 13.362  -13.102 1.00 25.24  ? 122 VAL B CG1 1 
ATOM   1002 C CG2 . VAL A 1 138 ? -14.294 13.470  -13.324 1.00 25.38  ? 122 VAL B CG2 1 
ATOM   1003 N N   . LEU A 1 139 ? -11.779 9.922   -11.818 1.00 23.22  ? 123 LEU B N   1 
ATOM   1004 C CA  . LEU A 1 139 ? -10.627 9.193   -11.265 1.00 23.44  ? 123 LEU B CA  1 
ATOM   1005 C C   . LEU A 1 139 ? -10.388 7.817   -11.874 1.00 29.05  ? 123 LEU B C   1 
ATOM   1006 O O   . LEU A 1 139 ? -9.241  7.377   -11.963 1.00 29.17  ? 123 LEU B O   1 
ATOM   1007 C CB  . LEU A 1 139 ? -10.838 8.992   -9.725  1.00 23.02  ? 123 LEU B CB  1 
ATOM   1008 C CG  . LEU A 1 139 ? -10.870 10.268  -8.840  1.00 25.76  ? 123 LEU B CG  1 
ATOM   1009 C CD1 . LEU A 1 139 ? -11.225 9.914   -7.381  1.00 27.24  ? 123 LEU B CD1 1 
ATOM   1010 C CD2 . LEU A 1 139 ? -9.548  11.022  -8.886  1.00 27.89  ? 123 LEU B CD2 1 
ATOM   1011 N N   . THR A 1 140 ? -11.450 7.091   -12.202 1.00 26.63  ? 124 THR B N   1 
ATOM   1012 C CA  . THR A 1 140 ? -11.305 5.680   -12.604 1.00 25.39  ? 124 THR B CA  1 
ATOM   1013 C C   . THR A 1 140 ? -10.328 5.472   -13.773 1.00 28.37  ? 124 THR B C   1 
ATOM   1014 O O   . THR A 1 140 ? -10.427 6.136   -14.814 1.00 25.62  ? 124 THR B O   1 
ATOM   1015 C CB  . THR A 1 140 ? -12.661 5.022   -12.806 1.00 31.45  ? 124 THR B CB  1 
ATOM   1016 O OG1 . THR A 1 140 ? -12.438 3.608   -12.777 1.00 30.25  ? 124 THR B OG1 1 
ATOM   1017 C CG2 . THR A 1 140 ? -13.397 5.478   -14.099 1.00 29.10  ? 124 THR B CG2 1 
ATOM   1018 N N   . GLY A 1 141 ? -9.343  4.584   -13.553 1.00 27.21  ? 125 GLY B N   1 
ATOM   1019 C CA  . GLY A 1 141 ? -8.315  4.261   -14.541 1.00 26.22  ? 125 GLY B CA  1 
ATOM   1020 C C   . GLY A 1 141 ? -7.220  5.310   -14.663 1.00 30.01  ? 125 GLY B C   1 
ATOM   1021 O O   . GLY A 1 141 ? -6.237  5.102   -15.385 1.00 29.25  ? 125 GLY B O   1 
ATOM   1022 N N   . ASN A 1 142 ? -7.387  6.462   -13.985 1.00 26.29  ? 126 ASN B N   1 
ATOM   1023 C CA  . ASN A 1 142 ? -6.428  7.582   -14.031 1.00 25.46  ? 126 ASN B CA  1 
ATOM   1024 C C   . ASN A 1 142 ? -5.618  7.740   -12.747 1.00 26.89  ? 126 ASN B C   1 
ATOM   1025 O O   . ASN A 1 142 ? -4.762  8.644   -12.666 1.00 26.57  ? 126 ASN B O   1 
ATOM   1026 C CB  . ASN A 1 142 ? -7.172  8.904   -14.303 1.00 28.27  ? 126 ASN B CB  1 
ATOM   1027 C CG  . ASN A 1 142 ? -7.628  9.007   -15.727 1.00 35.32  ? 126 ASN B CG  1 
ATOM   1028 O OD1 . ASN A 1 142 ? -6.890  8.696   -16.666 1.00 31.73  ? 126 ASN B OD1 1 
ATOM   1029 N ND2 . ASN A 1 142 ? -8.860  9.432   -15.920 1.00 26.43  ? 126 ASN B ND2 1 
ATOM   1030 N N   . VAL A 1 143 ? -5.897  6.889   -11.769 1.00 24.07  ? 127 VAL B N   1 
ATOM   1031 C CA  . VAL A 1 143 ? -5.214  6.892   -10.464 1.00 23.59  ? 127 VAL B CA  1 
ATOM   1032 C C   . VAL A 1 143 ? -4.207  5.739   -10.399 1.00 29.93  ? 127 VAL B C   1 
ATOM   1033 O O   . VAL A 1 143 ? -4.578  4.588   -10.661 1.00 27.83  ? 127 VAL B O   1 
ATOM   1034 C CB  . VAL A 1 143 ? -6.239  6.834   -9.293  1.00 27.13  ? 127 VAL B CB  1 
ATOM   1035 C CG1 . VAL A 1 143 ? -5.571  6.476   -7.953  1.00 27.15  ? 127 VAL B CG1 1 
ATOM   1036 C CG2 . VAL A 1 143 ? -7.006  8.158   -9.160  1.00 26.29  ? 127 VAL B CG2 1 
ATOM   1037 N N   . ILE A 1 144 ? -2.959  6.059   -9.995  1.00 26.44  ? 128 ILE B N   1 
ATOM   1038 C CA  . ILE A 1 144 ? -1.880  5.078   -9.744  1.00 25.21  ? 128 ILE B CA  1 
ATOM   1039 C C   . ILE A 1 144 ? -1.454  5.300   -8.289  1.00 30.97  ? 128 ILE B C   1 
ATOM   1040 O O   . ILE A 1 144 ? -1.159  6.450   -7.915  1.00 30.78  ? 128 ILE B O   1 
ATOM   1041 C CB  . ILE A 1 144 ? -0.684  5.282   -10.710 1.00 28.22  ? 128 ILE B CB  1 
ATOM   1042 C CG1 . ILE A 1 144 ? -1.009  4.808   -12.155 1.00 30.16  ? 128 ILE B CG1 1 
ATOM   1043 C CG2 . ILE A 1 144 ? 0.645   4.639   -10.162 1.00 29.89  ? 128 ILE B CG2 1 
ATOM   1044 C CD1 . ILE A 1 144 ? -0.881  3.234   -12.421 1.00 41.52  ? 128 ILE B CD1 1 
ATOM   1045 N N   . ILE A 1 145 ? -1.424  4.221   -7.459  1.00 26.71  ? 129 ILE B N   1 
ATOM   1046 C CA  . ILE A 1 145 ? -0.917  4.327   -6.080  1.00 25.06  ? 129 ILE B CA  1 
ATOM   1047 C C   . ILE A 1 145 ? 0.431   3.660   -6.088  1.00 30.63  ? 129 ILE B C   1 
ATOM   1048 O O   . ILE A 1 145 ? 0.510   2.477   -6.447  1.00 26.95  ? 129 ILE B O   1 
ATOM   1049 C CB  . ILE A 1 145 ? -1.887  3.801   -4.989  1.00 27.96  ? 129 ILE B CB  1 
ATOM   1050 C CG1 . ILE A 1 145 ? -3.182  4.672   -5.010  1.00 28.47  ? 129 ILE B CG1 1 
ATOM   1051 C CG2 . ILE A 1 145 ? -1.216  3.879   -3.542  1.00 27.71  ? 129 ILE B CG2 1 
ATOM   1052 C CD1 . ILE A 1 145 ? -4.301  4.221   -4.103  1.00 31.65  ? 129 ILE B CD1 1 
ATOM   1053 N N   . GLU A 1 146 ? 1.503   4.450   -5.850  1.00 29.03  ? 130 GLU B N   1 
ATOM   1054 C CA  . GLU A 1 146 ? 2.875   3.936   -5.870  1.00 28.94  ? 130 GLU B CA  1 
ATOM   1055 C C   . GLU A 1 146 ? 3.297   3.704   -4.437  1.00 30.05  ? 130 GLU B C   1 
ATOM   1056 O O   . GLU A 1 146 ? 3.183   4.616   -3.613  1.00 27.91  ? 130 GLU B O   1 
ATOM   1057 C CB  . GLU A 1 146 ? 3.811   4.927   -6.570  1.00 30.54  ? 130 GLU B CB  1 
ATOM   1058 C CG  . GLU A 1 146 ? 5.282   4.583   -6.434  1.00 37.95  ? 130 GLU B CG  1 
ATOM   1059 C CD  . GLU A 1 146 ? 6.209   5.751   -6.703  1.00 60.06  ? 130 GLU B CD  1 
ATOM   1060 O OE1 . GLU A 1 146 ? 6.250   6.711   -5.895  1.00 54.57  ? 130 GLU B OE1 1 
ATOM   1061 O OE2 . GLU A 1 146 ? 6.892   5.708   -7.747  1.00 45.43  ? 130 GLU B OE2 1 
ATOM   1062 N N   . THR A 1 147 ? 3.749   2.476   -4.114  1.00 25.07  ? 131 THR B N   1 
ATOM   1063 C CA  . THR A 1 147 ? 4.150   2.141   -2.740  1.00 23.72  ? 131 THR B CA  1 
ATOM   1064 C C   . THR A 1 147 ? 5.633   1.788   -2.731  1.00 27.54  ? 131 THR B C   1 
ATOM   1065 O O   . THR A 1 147 ? 6.054   0.955   -3.524  1.00 26.09  ? 131 THR B O   1 
ATOM   1066 C CB  . THR A 1 147 ? 3.284   0.980   -2.179  1.00 28.52  ? 131 THR B CB  1 
ATOM   1067 O OG1 . THR A 1 147 ? 1.916   1.384   -2.048  1.00 26.91  ? 131 THR B OG1 1 
ATOM   1068 C CG2 . THR A 1 147 ? 3.743   0.511   -0.788  1.00 30.70  ? 131 THR B CG2 1 
ATOM   1069 N N   . LYS A 1 148 ? 6.415   2.407   -1.818  1.00 24.91  ? 132 LYS B N   1 
ATOM   1070 C CA  . LYS A 1 148 ? 7.844   2.118   -1.650  1.00 24.25  ? 132 LYS B CA  1 
ATOM   1071 C C   . LYS A 1 148 ? 7.992   1.410   -0.311  1.00 27.55  ? 132 LYS B C   1 
ATOM   1072 O O   . LYS A 1 148 ? 7.530   1.938   0.705   1.00 27.03  ? 132 LYS B O   1 
ATOM   1073 C CB  . LYS A 1 148 ? 8.655   3.425   -1.652  1.00 27.08  ? 132 LYS B CB  1 
ATOM   1074 C CG  . LYS A 1 148 ? 8.812   3.998   -3.046  1.00 29.92  ? 132 LYS B CG  1 
ATOM   1075 C CD  . LYS A 1 148 ? 9.463   5.388   -2.993  1.00 36.66  ? 132 LYS B CD  1 
ATOM   1076 C CE  . LYS A 1 148 ? 9.614   5.957   -4.386  1.00 41.76  ? 132 LYS B CE  1 
ATOM   1077 N NZ  . LYS A 1 148 ? 10.396  5.048   -5.281  1.00 62.39  ? 132 LYS B NZ  1 
ATOM   1078 N N   . PHE A 1 149 ? 8.592   0.202   -0.308  1.00 27.03  ? 133 PHE B N   1 
ATOM   1079 C CA  . PHE A 1 149 ? 8.829   -0.589  0.901   1.00 28.67  ? 133 PHE B CA  1 
ATOM   1080 C C   . PHE A 1 149 ? 10.294  -0.326  1.308   1.00 29.80  ? 133 PHE B C   1 
ATOM   1081 O O   . PHE A 1 149 ? 11.203  -0.478  0.484   1.00 25.69  ? 133 PHE B O   1 
ATOM   1082 C CB  . PHE A 1 149 ? 8.633   -2.109  0.606   1.00 33.01  ? 133 PHE B CB  1 
ATOM   1083 C CG  . PHE A 1 149 ? 7.200   -2.524  0.325   1.00 37.45  ? 133 PHE B CG  1 
ATOM   1084 C CD1 . PHE A 1 149 ? 6.568   -2.157  -0.858  1.00 42.11  ? 133 PHE B CD1 1 
ATOM   1085 C CD2 . PHE A 1 149 ? 6.504   -3.325  1.217   1.00 42.38  ? 133 PHE B CD2 1 
ATOM   1086 C CE1 . PHE A 1 149 ? 5.235   -2.517  -1.103  1.00 43.48  ? 133 PHE B CE1 1 
ATOM   1087 C CE2 . PHE A 1 149 ? 5.172   -3.698  0.962   1.00 45.11  ? 133 PHE B CE2 1 
ATOM   1088 C CZ  . PHE A 1 149 ? 4.544   -3.266  -0.178  1.00 43.04  ? 133 PHE B CZ  1 
ATOM   1089 N N   . PHE A 1 150 ? 10.521  0.052   2.582   1.00 26.84  ? 134 PHE B N   1 
ATOM   1090 C CA  . PHE A 1 150 ? 11.860  0.289   3.092   1.00 26.39  ? 134 PHE B CA  1 
ATOM   1091 C C   . PHE A 1 150 ? 12.142  -0.494  4.349   1.00 29.14  ? 134 PHE B C   1 
ATOM   1092 O O   . PHE A 1 150 ? 11.241  -0.753  5.135   1.00 27.70  ? 134 PHE B O   1 
ATOM   1093 C CB  . PHE A 1 150 ? 12.021  1.769   3.525   1.00 27.94  ? 134 PHE B CB  1 
ATOM   1094 C CG  . PHE A 1 150 ? 11.979  2.812   2.448   1.00 28.13  ? 134 PHE B CG  1 
ATOM   1095 C CD1 . PHE A 1 150 ? 13.155  3.335   1.922   1.00 31.02  ? 134 PHE B CD1 1 
ATOM   1096 C CD2 . PHE A 1 150 ? 10.769  3.359   2.035   1.00 29.85  ? 134 PHE B CD2 1 
ATOM   1097 C CE1 . PHE A 1 150 ? 13.120  4.329   0.941   1.00 31.55  ? 134 PHE B CE1 1 
ATOM   1098 C CE2 . PHE A 1 150 ? 10.737  4.372   1.078   1.00 32.76  ? 134 PHE B CE2 1 
ATOM   1099 C CZ  . PHE A 1 150 ? 11.912  4.858   0.545   1.00 30.82  ? 134 PHE B CZ  1 
ATOM   1100 N N   . ASP A 1 151 ? 13.430  -0.749  4.605   1.00 26.25  ? 135 ASP B N   1 
ATOM   1101 C CA  . ASP A 1 151 ? 13.899  -1.131  5.928   1.00 25.54  ? 135 ASP B CA  1 
ATOM   1102 C C   . ASP A 1 151 ? 14.725  0.098   6.340   1.00 30.61  ? 135 ASP B C   1 
ATOM   1103 O O   . ASP A 1 151 ? 15.832  0.282   5.844   1.00 31.79  ? 135 ASP B O   1 
ATOM   1104 C CB  . ASP A 1 151 ? 14.746  -2.411  5.980   1.00 26.75  ? 135 ASP B CB  1 
ATOM   1105 C CG  . ASP A 1 151 ? 15.233  -2.725  7.407   1.00 34.28  ? 135 ASP B CG  1 
ATOM   1106 O OD1 . ASP A 1 151 ? 14.946  -1.935  8.331   1.00 36.22  ? 135 ASP B OD1 1 
ATOM   1107 O OD2 . ASP A 1 151 ? 15.903  -3.738  7.588   1.00 40.89  ? 135 ASP B OD2 1 
ATOM   1108 N N   . ASP A 1 152 ? 14.135  0.983   7.156   1.00 30.02  ? 136 ASP B N   1 
ATOM   1109 C CA  . ASP A 1 152 ? 14.752  2.255   7.592   1.00 29.91  ? 136 ASP B CA  1 
ATOM   1110 C C   . ASP A 1 152 ? 14.962  3.136   6.366   1.00 36.45  ? 136 ASP B C   1 
ATOM   1111 O O   . ASP A 1 152 ? 13.970  3.492   5.733   1.00 36.07  ? 136 ASP B O   1 
ATOM   1112 C CB  . ASP A 1 152 ? 16.035  2.009   8.420   1.00 31.87  ? 136 ASP B CB  1 
ATOM   1113 C CG  . ASP A 1 152 ? 16.570  3.206   9.189   1.00 44.54  ? 136 ASP B CG  1 
ATOM   1114 O OD1 . ASP A 1 152 ? 15.810  4.177   9.394   1.00 43.92  ? 136 ASP B OD1 1 
ATOM   1115 O OD2 . ASP A 1 152 ? 17.740  3.163   9.597   1.00 54.15  ? 136 ASP B OD2 1 
ATOM   1116 N N   . ASP A 1 153 ? 16.206  3.414   5.951   1.00 36.29  ? 137 ASP B N   1 
ATOM   1117 C CA  . ASP A 1 153 ? 16.408  4.226   4.748   1.00 37.42  ? 137 ASP B CA  1 
ATOM   1118 C C   . ASP A 1 153 ? 16.775  3.367   3.537   1.00 37.31  ? 137 ASP B C   1 
ATOM   1119 O O   . ASP A 1 153 ? 17.039  3.889   2.459   1.00 36.70  ? 137 ASP B O   1 
ATOM   1120 C CB  . ASP A 1 153 ? 17.403  5.372   4.992   1.00 41.72  ? 137 ASP B CB  1 
ATOM   1121 C CG  . ASP A 1 153 ? 16.888  6.409   5.978   1.00 64.36  ? 137 ASP B CG  1 
ATOM   1122 O OD1 . ASP A 1 153 ? 17.724  7.073   6.628   1.00 68.57  ? 137 ASP B OD1 1 
ATOM   1123 O OD2 . ASP A 1 153 ? 15.642  6.558   6.101   1.00 71.37  ? 137 ASP B OD2 1 
ATOM   1124 N N   . LEU A 1 154 ? 16.727  2.044   3.696   1.00 31.63  ? 138 LEU B N   1 
ATOM   1125 C CA  . LEU A 1 154 ? 17.026  1.136   2.592   1.00 30.55  ? 138 LEU B CA  1 
ATOM   1126 C C   . LEU A 1 154 ? 15.780  0.798   1.741   1.00 32.87  ? 138 LEU B C   1 
ATOM   1127 O O   . LEU A 1 154 ? 14.867  0.110   2.214   1.00 30.81  ? 138 LEU B O   1 
ATOM   1128 C CB  . LEU A 1 154 ? 17.654  -0.145  3.148   1.00 31.02  ? 138 LEU B CB  1 
ATOM   1129 C CG  . LEU A 1 154 ? 18.115  -1.172  2.133   1.00 35.14  ? 138 LEU B CG  1 
ATOM   1130 C CD1 . LEU A 1 154 ? 19.211  -0.600  1.252   1.00 36.22  ? 138 LEU B CD1 1 
ATOM   1131 C CD2 . LEU A 1 154 ? 18.600  -2.412  2.832   1.00 36.16  ? 138 LEU B CD2 1 
ATOM   1132 N N   . LEU A 1 155 ? 15.775  1.227   0.468   1.00 30.13  ? 139 LEU B N   1 
ATOM   1133 C CA  . LEU A 1 155 ? 14.646  0.944   -0.427  1.00 30.01  ? 139 LEU B CA  1 
ATOM   1134 C C   . LEU A 1 155 ? 14.671  -0.504  -0.872  1.00 33.96  ? 139 LEU B C   1 
ATOM   1135 O O   . LEU A 1 155 ? 15.615  -0.917  -1.536  1.00 34.86  ? 139 LEU B O   1 
ATOM   1136 C CB  . LEU A 1 155 ? 14.673  1.881   -1.638  1.00 30.09  ? 139 LEU B CB  1 
ATOM   1137 C CG  . LEU A 1 155 ? 13.532  1.750   -2.672  1.00 33.78  ? 139 LEU B CG  1 
ATOM   1138 C CD1 . LEU A 1 155 ? 12.150  2.029   -2.044  1.00 34.01  ? 139 LEU B CD1 1 
ATOM   1139 C CD2 . LEU A 1 155 ? 13.781  2.700   -3.852  1.00 33.73  ? 139 LEU B CD2 1 
ATOM   1140 N N   . VAL A 1 156 ? 13.619  -1.259  -0.536  1.00 29.24  ? 140 VAL B N   1 
ATOM   1141 C CA  . VAL A 1 156 ? 13.511  -2.685  -0.868  1.00 28.03  ? 140 VAL B CA  1 
ATOM   1142 C C   . VAL A 1 156 ? 12.776  -2.878  -2.189  1.00 32.63  ? 140 VAL B C   1 
ATOM   1143 O O   . VAL A 1 156 ? 13.229  -3.651  -3.039  1.00 31.49  ? 140 VAL B O   1 
ATOM   1144 C CB  . VAL A 1 156 ? 12.873  -3.476  0.301   1.00 31.31  ? 140 VAL B CB  1 
ATOM   1145 C CG1 . VAL A 1 156 ? 12.629  -4.935  -0.088  1.00 30.76  ? 140 VAL B CG1 1 
ATOM   1146 C CG2 . VAL A 1 156 ? 13.767  -3.388  1.541   1.00 30.60  ? 140 VAL B CG2 1 
ATOM   1147 N N   . SER A 1 157 ? 11.641  -2.182  -2.380  1.00 26.87  ? 141 SER B N   1 
ATOM   1148 C CA  . SER A 1 157 ? 10.955  -2.275  -3.659  1.00 26.53  ? 141 SER B CA  1 
ATOM   1149 C C   . SER A 1 157 ? 10.006  -1.131  -3.833  1.00 29.73  ? 141 SER B C   1 
ATOM   1150 O O   . SER A 1 157 ? 9.595   -0.507  -2.841  1.00 26.09  ? 141 SER B O   1 
ATOM   1151 C CB  . SER A 1 157 ? 10.187  -3.587  -3.773  1.00 31.12  ? 141 SER B CB  1 
ATOM   1152 O OG  . SER A 1 157 ? 9.171   -3.639  -2.795  1.00 36.55  ? 141 SER B OG  1 
ATOM   1153 N N   . THR A 1 158 ? 9.612   -0.921  -5.107  1.00 27.67  ? 142 THR B N   1 
ATOM   1154 C CA  . THR A 1 158 ? 8.645   0.080   -5.537  1.00 28.05  ? 142 THR B CA  1 
ATOM   1155 C C   . THR A 1 158 ? 7.649   -0.654  -6.403  1.00 31.39  ? 142 THR B C   1 
ATOM   1156 O O   . THR A 1 158 ? 8.035   -1.329  -7.349  1.00 29.94  ? 142 THR B O   1 
ATOM   1157 C CB  . THR A 1 158 ? 9.330   1.185   -6.330  1.00 32.86  ? 142 THR B CB  1 
ATOM   1158 O OG1 . THR A 1 158 ? 10.343  1.757   -5.498  1.00 30.66  ? 142 THR B OG1 1 
ATOM   1159 C CG2 . THR A 1 158 ? 8.340   2.256   -6.821  1.00 28.88  ? 142 THR B CG2 1 
ATOM   1160 N N   . SER A 1 159 ? 6.378   -0.537  -6.067  1.00 25.89  ? 143 SER B N   1 
ATOM   1161 C CA  . SER A 1 159 ? 5.340   -1.186  -6.847  1.00 25.49  ? 143 SER B CA  1 
ATOM   1162 C C   . SER A 1 159 ? 4.199   -0.191  -7.123  1.00 28.31  ? 143 SER B C   1 
ATOM   1163 O O   . SER A 1 159 ? 4.081   0.834   -6.437  1.00 25.78  ? 143 SER B O   1 
ATOM   1164 C CB  . SER A 1 159 ? 4.826   -2.395  -6.091  1.00 27.80  ? 143 SER B CB  1 
ATOM   1165 O OG  . SER A 1 159 ? 4.389   -2.005  -4.807  1.00 30.83  ? 143 SER B OG  1 
ATOM   1166 N N   . ARG A 1 160 ? 3.384   -0.494  -8.127  1.00 25.47  ? 144 ARG B N   1 
ATOM   1167 C CA  . ARG A 1 160 ? 2.313   0.401   -8.595  1.00 25.62  ? 144 ARG B CA  1 
ATOM   1168 C C   . ARG A 1 160 ? 1.025   -0.347  -8.811  1.00 29.46  ? 144 ARG B C   1 
ATOM   1169 O O   . ARG A 1 160 ? 1.029   -1.440  -9.377  1.00 27.29  ? 144 ARG B O   1 
ATOM   1170 C CB  . ARG A 1 160 ? 2.728   1.026   -9.933  1.00 27.30  ? 144 ARG B CB  1 
ATOM   1171 C CG  . ARG A 1 160 ? 3.676   2.185   -9.752  1.00 39.92  ? 144 ARG B CG  1 
ATOM   1172 C CD  . ARG A 1 160 ? 4.271   2.670   -11.071 1.00 52.13  ? 144 ARG B CD  1 
ATOM   1173 N NE  . ARG A 1 160 ? 5.697   2.349   -11.170 1.00 73.25  ? 144 ARG B NE  1 
ATOM   1174 C CZ  . ARG A 1 160 ? 6.661   2.942   -10.466 1.00 87.43  ? 144 ARG B CZ  1 
ATOM   1175 N NH1 . ARG A 1 160 ? 7.927   2.575   -10.621 1.00 77.83  ? 144 ARG B NH1 1 
ATOM   1176 N NH2 . ARG A 1 160 ? 6.362   3.889   -9.588  1.00 64.83  ? 144 ARG B NH2 1 
ATOM   1177 N N   . VAL A 1 161 ? -0.093  0.270   -8.409  1.00 25.79  ? 145 VAL B N   1 
ATOM   1178 C CA  . VAL A 1 161 ? -1.418  -0.295  -8.597  1.00 25.10  ? 145 VAL B CA  1 
ATOM   1179 C C   . VAL A 1 161 ? -2.279  0.764   -9.338  1.00 27.94  ? 145 VAL B C   1 
ATOM   1180 O O   . VAL A 1 161 ? -2.323  1.909   -8.895  1.00 27.62  ? 145 VAL B O   1 
ATOM   1181 C CB  . VAL A 1 161 ? -2.083  -0.747  -7.258  1.00 29.51  ? 145 VAL B CB  1 
ATOM   1182 C CG1 . VAL A 1 161 ? -3.449  -1.389  -7.515  1.00 29.51  ? 145 VAL B CG1 1 
ATOM   1183 C CG2 . VAL A 1 161 ? -1.177  -1.706  -6.448  1.00 29.21  ? 145 VAL B CG2 1 
ATOM   1184 N N   . ARG A 1 162 ? -2.889  0.397   -10.479 1.00 23.44  ? 146 ARG B N   1 
ATOM   1185 C CA  . ARG A 1 162 ? -3.837  1.280   -11.182 1.00 23.94  ? 146 ARG B CA  1 
ATOM   1186 C C   . ARG A 1 162 ? -5.230  1.017   -10.591 1.00 27.73  ? 146 ARG B C   1 
ATOM   1187 O O   . ARG A 1 162 ? -5.635  -0.149  -10.444 1.00 26.84  ? 146 ARG B O   1 
ATOM   1188 C CB  . ARG A 1 162 ? -3.840  1.037   -12.698 1.00 24.78  ? 146 ARG B CB  1 
ATOM   1189 C CG  . ARG A 1 162 ? -4.740  2.088   -13.434 1.00 27.58  ? 146 ARG B CG  1 
ATOM   1190 C CD  . ARG A 1 162 ? -4.627  2.046   -14.965 1.00 28.74  ? 146 ARG B CD  1 
ATOM   1191 N NE  . ARG A 1 162 ? -3.254  2.231   -15.439 1.00 33.43  ? 146 ARG B NE  1 
ATOM   1192 C CZ  . ARG A 1 162 ? -2.656  3.400   -15.650 1.00 51.20  ? 146 ARG B CZ  1 
ATOM   1193 N NH1 . ARG A 1 162 ? -1.403  3.439   -16.084 1.00 39.75  ? 146 ARG B NH1 1 
ATOM   1194 N NH2 . ARG A 1 162 ? -3.300  4.542   -15.409 1.00 34.66  ? 146 ARG B NH2 1 
ATOM   1195 N N   . LEU A 1 163 ? -5.972  2.092   -10.243 1.00 24.66  ? 147 LEU B N   1 
ATOM   1196 C CA  . LEU A 1 163 ? -7.280  1.944   -9.598  1.00 24.42  ? 147 LEU B CA  1 
ATOM   1197 C C   . LEU A 1 163 ? -8.450  2.196   -10.536 1.00 29.17  ? 147 LEU B C   1 
ATOM   1198 O O   . LEU A 1 163 ? -8.400  3.143   -11.327 1.00 26.72  ? 147 LEU B O   1 
ATOM   1199 C CB  . LEU A 1 163 ? -7.412  2.912   -8.380  1.00 25.57  ? 147 LEU B CB  1 
ATOM   1200 C CG  . LEU A 1 163 ? -6.922  2.402   -7.021  1.00 30.46  ? 147 LEU B CG  1 
ATOM   1201 C CD1 . LEU A 1 163 ? -7.822  1.299   -6.509  1.00 29.84  ? 147 LEU B CD1 1 
ATOM   1202 C CD2 . LEU A 1 163 ? -5.502  1.914   -7.100  1.00 32.27  ? 147 LEU B CD2 1 
ATOM   1203 N N   . PHE A 1 164 ? -9.485  1.330   -10.434 1.00 26.23  ? 148 PHE B N   1 
ATOM   1204 C CA  . PHE A 1 164 ? -10.760 1.432   -11.150 1.00 26.45  ? 148 PHE B CA  1 
ATOM   1205 C C   . PHE A 1 164 ? -11.809 1.495   -10.057 1.00 30.00  ? 148 PHE B C   1 
ATOM   1206 O O   . PHE A 1 164 ? -11.754 0.732   -9.096  1.00 32.43  ? 148 PHE B O   1 
ATOM   1207 C CB  . PHE A 1 164 ? -11.005 0.239   -12.132 1.00 27.62  ? 148 PHE B CB  1 
ATOM   1208 C CG  . PHE A 1 164 ? -9.898  0.110   -13.159 1.00 27.82  ? 148 PHE B CG  1 
ATOM   1209 C CD1 . PHE A 1 164 ? -9.886  0.908   -14.294 1.00 28.28  ? 148 PHE B CD1 1 
ATOM   1210 C CD2 . PHE A 1 164 ? -8.807  -0.723  -12.929 1.00 30.33  ? 148 PHE B CD2 1 
ATOM   1211 C CE1 . PHE A 1 164 ? -8.831  0.838   -15.210 1.00 29.37  ? 148 PHE B CE1 1 
ATOM   1212 C CE2 . PHE A 1 164 ? -7.744  -0.779  -13.839 1.00 31.74  ? 148 PHE B CE2 1 
ATOM   1213 C CZ  . PHE A 1 164 ? -7.761  -0.001  -14.972 1.00 29.60  ? 148 PHE B CZ  1 
ATOM   1214 N N   . TYR A 1 165 ? -12.696 2.462   -10.136 1.00 26.08  ? 149 TYR B N   1 
ATOM   1215 C CA  . TYR A 1 165 ? -13.722 2.639   -9.105  1.00 26.38  ? 149 TYR B CA  1 
ATOM   1216 C C   . TYR A 1 165 ? -15.029 2.197   -9.726  1.00 33.68  ? 149 TYR B C   1 
ATOM   1217 O O   . TYR A 1 165 ? -15.491 2.789   -10.700 1.00 32.75  ? 149 TYR B O   1 
ATOM   1218 C CB  . TYR A 1 165 ? -13.777 4.109   -8.660  1.00 28.00  ? 149 TYR B CB  1 
ATOM   1219 C CG  . TYR A 1 165 ? -12.453 4.591   -8.109  1.00 27.27  ? 149 TYR B CG  1 
ATOM   1220 C CD1 . TYR A 1 165 ? -12.138 4.428   -6.763  1.00 30.25  ? 149 TYR B CD1 1 
ATOM   1221 C CD2 . TYR A 1 165 ? -11.501 5.174   -8.940  1.00 25.57  ? 149 TYR B CD2 1 
ATOM   1222 C CE1 . TYR A 1 165 ? -10.902 4.824   -6.261  1.00 30.93  ? 149 TYR B CE1 1 
ATOM   1223 C CE2 . TYR A 1 165 ? -10.260 5.573   -8.449  1.00 25.27  ? 149 TYR B CE2 1 
ATOM   1224 C CZ  . TYR A 1 165 ? -9.969  5.403   -7.106  1.00 30.96  ? 149 TYR B CZ  1 
ATOM   1225 O OH  . TYR A 1 165 ? -8.760  5.799   -6.594  1.00 31.88  ? 149 TYR B OH  1 
ATOM   1226 N N   . VAL A 1 166 ? -15.587 1.126   -9.185  1.00 32.65  ? 150 VAL B N   1 
ATOM   1227 C CA  . VAL A 1 166 ? -16.727 0.441   -9.754  1.00 38.27  ? 150 VAL B CA  1 
ATOM   1228 C C   . VAL A 1 166 ? -18.006 0.656   -8.950  1.00 42.31  ? 150 VAL B C   1 
ATOM   1229 O O   . VAL A 1 166 ? -17.943 0.804   -7.713  1.00 41.54  ? 150 VAL B O   1 
ATOM   1230 C CB  . VAL A 1 166 ? -16.391 -1.058  -10.006 1.00 42.68  ? 150 VAL B CB  1 
ATOM   1231 C CG1 . VAL A 1 166 ? -15.083 -1.181  -10.789 1.00 42.09  ? 150 VAL B CG1 1 
ATOM   1232 C CG2 . VAL A 1 166 ? -16.301 -1.865  -8.704  1.00 43.04  ? 150 VAL B CG2 1 
ATOM   1233 O OXT . VAL A 1 166 ? -19.074 0.724   -9.589  1.00 54.85  ? 150 VAL B OXT 1 
HETATM 1234 C C45 . O7T B 2 .   ? -7.186  10.688  -4.393  1.00 43.87  ? 201 O7T B C45 1 
HETATM 1235 C C22 . O7T B 2 .   ? -6.643  -1.351  -3.447  1.00 39.50  ? 201 O7T B C22 1 
HETATM 1236 C C44 . O7T B 2 .   ? -6.864  10.350  -3.073  1.00 45.51  ? 201 O7T B C44 1 
HETATM 1237 C C46 . O7T B 2 .   ? -7.685  9.706   -5.254  1.00 41.00  ? 201 O7T B C46 1 
HETATM 1238 C C21 . O7T B 2 .   ? -5.448  -2.056  -3.601  1.00 39.02  ? 201 O7T B C21 1 
HETATM 1239 C C23 . O7T B 2 .   ? -6.602  0.004   -3.075  1.00 38.04  ? 201 O7T B C23 1 
HETATM 1240 C C13 . O7T B 2 .   ? 0.509   -2.447  -0.193  1.00 32.26  ? 201 O7T B C13 1 
HETATM 1241 C C37 . O7T B 2 .   ? -9.172  2.351   -2.618  1.00 37.37  ? 201 O7T B C37 1 
HETATM 1242 C C14 . O7T B 2 .   ? 0.311   -2.403  -1.583  1.00 30.60  ? 201 O7T B C14 1 
HETATM 1243 C C38 . O7T B 2 .   ? -9.071  2.623   -1.250  1.00 37.07  ? 201 O7T B C38 1 
HETATM 1244 C C43 . O7T B 2 .   ? -7.071  9.043   -2.611  1.00 43.48  ? 201 O7T B C43 1 
HETATM 1245 C C47 . O7T B 2 .   ? -7.879  8.403   -4.783  1.00 40.70  ? 201 O7T B C47 1 
HETATM 1246 C C5  . O7T B 2 .   ? -4.820  1.702   0.308   1.00 33.79  ? 201 O7T B C5  1 
HETATM 1247 C C7  . O7T B 2 .   ? -3.096  3.297   -0.300  1.00 29.84  ? 201 O7T B C7  1 
HETATM 1248 C C20 . O7T B 2 .   ? -4.219  -1.404  -3.388  1.00 38.37  ? 201 O7T B C20 1 
HETATM 1249 C C24 . O7T B 2 .   ? -5.370  0.648   -2.876  1.00 37.36  ? 201 O7T B C24 1 
HETATM 1250 C C12 . O7T B 2 .   ? -0.207  -1.572  0.650   1.00 34.15  ? 201 O7T B C12 1 
HETATM 1251 C C36 . O7T B 2 .   ? -8.907  3.350   -3.573  1.00 38.26  ? 201 O7T B C36 1 
HETATM 1252 C C15 . O7T B 2 .   ? -0.607  -1.510  -2.174  1.00 30.53  ? 201 O7T B C15 1 
HETATM 1253 C C39 . O7T B 2 .   ? -8.682  3.902   -0.824  1.00 37.16  ? 201 O7T B C39 1 
HETATM 1254 C C4  . O7T B 2 .   ? -5.722  2.751   0.514   1.00 34.24  ? 201 O7T B C4  1 
HETATM 1255 C C8  . O7T B 2 .   ? -4.013  4.349   -0.111  1.00 31.89  ? 201 O7T B C8  1 
HETATM 1256 C C42 . O7T B 2 .   ? -7.583  8.053   -3.457  1.00 39.96  ? 201 O7T B C42 1 
HETATM 1257 C C6  . O7T B 2 .   ? -3.512  1.973   -0.110  1.00 30.37  ? 201 O7T B C6  1 
HETATM 1258 C C19 . O7T B 2 .   ? -4.162  -0.057  -3.022  1.00 35.87  ? 201 O7T B C19 1 
HETATM 1259 C C11 . O7T B 2 .   ? -1.150  -0.691  0.073   1.00 33.42  ? 201 O7T B C11 1 
HETATM 1260 C C35 . O7T B 2 .   ? -8.492  4.628   -3.151  1.00 37.40  ? 201 O7T B C35 1 
HETATM 1261 C C16 . O7T B 2 .   ? -1.332  -0.676  -1.316  1.00 32.05  ? 201 O7T B C16 1 
HETATM 1262 C C34 . O7T B 2 .   ? -8.382  4.881   -1.788  1.00 37.63  ? 201 O7T B C34 1 
HETATM 1263 C C3  . O7T B 2 .   ? -5.331  4.078   0.290   1.00 35.67  ? 201 O7T B C3  1 
HETATM 1264 C C9  . O7T B 2 .   ? -2.594  0.866   -0.318  1.00 32.76  ? 201 O7T B C9  1 
HETATM 1265 C C41 . O7T B 2 .   ? -7.866  6.686   -3.022  1.00 38.33  ? 201 O7T B C41 1 
HETATM 1266 C C28 . O7T B 2 .   ? -8.023  7.745   1.813   1.00 36.48  ? 201 O7T B C28 1 
HETATM 1267 C C32 . O7T B 2 .   ? -9.827  7.604   -0.006  1.00 34.59  ? 201 O7T B C32 1 
HETATM 1268 C C29 . O7T B 2 .   ? -9.147  7.918   2.848   1.00 38.55  ? 201 O7T B C29 1 
HETATM 1269 C C31 . O7T B 2 .   ? -10.875 7.778   1.092   1.00 35.76  ? 201 O7T B C31 1 
HETATM 1270 C C27 . O7T B 2 .   ? -8.525  6.979   0.562   1.00 36.98  ? 201 O7T B C27 1 
HETATM 1271 C C18 . O7T B 2 .   ? -2.844  0.637   -2.826  1.00 32.57  ? 201 O7T B C18 1 
HETATM 1272 C C1  . O7T B 2 .   ? -6.125  6.286   -0.162  1.00 38.91  ? 201 O7T B C1  1 
HETATM 1273 C C25 . O7T B 2 .   ? -7.486  6.897   -0.540  1.00 37.18  ? 201 O7T B C25 1 
HETATM 1274 N N10 . O7T B 2 .   ? -1.949  0.266   0.664   1.00 33.97  ? 201 O7T B N10 1 
HETATM 1275 N N40 . O7T B 2 .   ? -8.177  5.751   -3.889  1.00 34.85  ? 201 O7T B N40 1 
HETATM 1276 N N17 . O7T B 2 .   ? -2.273  0.311   -1.532  1.00 32.42  ? 201 O7T B N17 1 
HETATM 1277 N N33 . O7T B 2 .   ? -7.959  6.200   -1.737  1.00 38.20  ? 201 O7T B N33 1 
HETATM 1278 N N30 . O7T B 2 .   ? -10.332 8.558   2.220   1.00 37.47  ? 201 O7T B N30 1 
HETATM 1279 O O2  . O7T B 2 .   ? -6.311  5.056   0.555   1.00 38.97  ? 201 O7T B O2  1 
HETATM 1280 C C   . ACY C 3 .   ? -8.538  11.447  0.489   1.00 53.93  ? 202 ACY B C   1 
HETATM 1281 O O   . ACY C 3 .   ? -9.723  11.004  1.023   1.00 49.27  ? 202 ACY B O   1 
HETATM 1282 O OXT . ACY C 3 .   ? -7.581  10.682  0.420   1.00 55.64  ? 202 ACY B OXT 1 
HETATM 1283 C CH3 . ACY C 3 .   ? -8.591  12.872  0.022   1.00 55.17  ? 202 ACY B CH3 1 
HETATM 1284 O O   . HOH D 4 .   ? 20.561  0.231   -1.628  1.00 55.07  ? 301 HOH B O   1 
HETATM 1285 O O   . HOH D 4 .   ? 4.475   -3.040  -9.376  1.00 27.66  ? 302 HOH B O   1 
HETATM 1286 O O   . HOH D 4 .   ? 15.341  -5.025  -3.646  1.00 33.95  ? 303 HOH B O   1 
HETATM 1287 O O   . HOH D 4 .   ? 1.775   -1.684  -4.856  1.00 35.03  ? 304 HOH B O   1 
HETATM 1288 O O   . HOH D 4 .   ? 5.497   -12.144 -4.147  1.00 46.02  ? 305 HOH B O   1 
HETATM 1289 O O   . HOH D 4 .   ? 9.576   -11.062 -3.648  1.00 37.34  ? 306 HOH B O   1 
HETATM 1290 O O   . HOH D 4 .   ? 18.612  -6.894  9.635   1.00 56.02  ? 307 HOH B O   1 
HETATM 1291 O O   . HOH D 4 .   ? 8.092   -1.255  -9.999  1.00 40.59  ? 308 HOH B O   1 
HETATM 1292 O O   . HOH D 4 .   ? 7.118   -10.541 -3.049  1.00 64.66  ? 309 HOH B O   1 
HETATM 1293 O O   . HOH D 4 .   ? 16.538  6.245   1.313   1.00 46.51  ? 310 HOH B O   1 
HETATM 1294 O O   . HOH D 4 .   ? 5.877   6.453   -3.256  1.00 40.29  ? 311 HOH B O   1 
HETATM 1295 O O   . HOH D 4 .   ? 16.369  -13.833 0.705   1.00 35.32  ? 312 HOH B O   1 
HETATM 1296 O O   . HOH D 4 .   ? -1.773  -15.409 -0.492  1.00 55.15  ? 313 HOH B O   1 
HETATM 1297 O O   . HOH D 4 .   ? -8.901  -3.563  6.995   1.00 44.45  ? 314 HOH B O   1 
HETATM 1298 O O   . HOH D 4 .   ? -15.778 7.320   -16.251 1.00 26.94  ? 315 HOH B O   1 
HETATM 1299 O O   . HOH D 4 .   ? 6.993   -2.427  -3.826  1.00 88.55  ? 316 HOH B O   1 
HETATM 1300 O O   . HOH D 4 .   ? 7.406   -8.006  -3.380  1.00 50.53  ? 317 HOH B O   1 
HETATM 1301 O O   . HOH D 4 .   ? 12.982  8.201   2.403   1.00 58.10  ? 318 HOH B O   1 
HETATM 1302 O O   . HOH D 4 .   ? 14.861  -18.821 5.960   1.00 36.35  ? 319 HOH B O   1 
HETATM 1303 O O   . HOH D 4 .   ? 3.864   -16.535 2.432   1.00 47.79  ? 320 HOH B O   1 
HETATM 1304 O O   . HOH D 4 .   ? 19.093  -9.927  4.805   1.00 31.50  ? 321 HOH B O   1 
HETATM 1305 O O   . HOH D 4 .   ? 9.560   6.207   -7.751  1.00 52.99  ? 322 HOH B O   1 
HETATM 1306 O O   . HOH D 4 .   ? -0.189  -13.300 -2.321  1.00 38.75  ? 323 HOH B O   1 
HETATM 1307 O O   . HOH D 4 .   ? 7.592   5.600   6.135   1.00 32.84  ? 324 HOH B O   1 
HETATM 1308 O O   . HOH D 4 .   ? 17.619  -16.046 3.265   0.50 32.96  ? 325 HOH B O   1 
HETATM 1309 O O   . HOH D 4 .   ? 2.376   1.989   -13.960 1.00 48.33  ? 326 HOH B O   1 
HETATM 1310 O O   . HOH D 4 .   ? 1.475   -7.027  14.018  1.00 52.27  ? 327 HOH B O   1 
HETATM 1311 O O   . HOH D 4 .   ? 8.977   11.013  0.149   1.00 44.24  ? 328 HOH B O   1 
HETATM 1312 O O   . HOH D 4 .   ? -9.301  16.171  -5.697  1.00 40.03  ? 329 HOH B O   1 
HETATM 1313 O O   . HOH D 4 .   ? 7.802   -9.993  13.502  1.00 35.46  ? 330 HOH B O   1 
HETATM 1314 O O   . HOH D 4 .   ? -0.895  -15.547 5.925   1.00 46.59  ? 331 HOH B O   1 
HETATM 1315 O O   . HOH D 4 .   ? 1.275   12.416  4.997   1.00 58.29  ? 332 HOH B O   1 
HETATM 1316 O O   . HOH D 4 .   ? 15.906  -16.135 8.060   1.00 38.92  ? 333 HOH B O   1 
HETATM 1317 O O   . HOH D 4 .   ? 19.816  -13.332 -3.104  1.00 36.73  ? 334 HOH B O   1 
HETATM 1318 O O   . HOH D 4 .   ? 0.732   0.650   -4.399  1.00 26.67  ? 335 HOH B O   1 
HETATM 1319 O O   . HOH D 4 .   ? -0.607  -4.818  -16.156 1.00 57.63  ? 336 HOH B O   1 
HETATM 1320 O O   . HOH D 4 .   ? 24.575  1.740   -1.797  1.00 57.73  ? 337 HOH B O   1 
HETATM 1321 O O   . HOH D 4 .   ? -18.947 5.114   1.662   1.00 51.68  ? 338 HOH B O   1 
HETATM 1322 O O   . HOH D 4 .   ? 17.955  0.199   -2.462  1.00 55.20  ? 339 HOH B O   1 
HETATM 1323 O O   . HOH D 4 .   ? -9.650  -8.814  -5.126  1.00 52.39  ? 340 HOH B O   1 
HETATM 1324 O O   . HOH D 4 .   ? 18.162  -8.411  6.709   1.00 38.66  ? 341 HOH B O   1 
HETATM 1325 O O   . HOH D 4 .   ? 21.532  -9.985  -5.387  1.00 44.58  ? 342 HOH B O   1 
HETATM 1326 O O   . HOH D 4 .   ? 6.201   -17.420 8.601   1.00 51.61  ? 343 HOH B O   1 
HETATM 1327 O O   . HOH D 4 .   ? -1.427  -1.762  7.260   1.00 32.80  ? 344 HOH B O   1 
HETATM 1328 O O   . HOH D 4 .   ? 18.219  -0.821  6.744   1.00 41.42  ? 345 HOH B O   1 
HETATM 1329 O O   . HOH D 4 .   ? 8.333   -15.166 2.919   1.00 38.89  ? 346 HOH B O   1 
HETATM 1330 O O   . HOH D 4 .   ? -8.713  -5.395  -13.503 1.00 66.82  ? 347 HOH B O   1 
HETATM 1331 O O   . HOH D 4 .   ? -22.582 0.123   7.160   1.00 42.81  ? 348 HOH B O   1 
HETATM 1332 O O   . HOH D 4 .   ? -0.336  5.925   -16.748 1.00 56.47  ? 349 HOH B O   1 
HETATM 1333 O O   . HOH D 4 .   ? 3.401   15.467  -8.583  1.00 41.90  ? 350 HOH B O   1 
HETATM 1334 O O   . HOH D 4 .   ? 12.511  -11.094 3.403   1.00 23.91  ? 351 HOH B O   1 
HETATM 1335 O O   . HOH D 4 .   ? 3.705   -9.379  14.108  1.00 50.96  ? 352 HOH B O   1 
HETATM 1336 O O   . HOH D 4 .   ? -6.088  13.173  -20.199 1.00 44.43  ? 353 HOH B O   1 
HETATM 1337 O O   . HOH D 4 .   ? 17.625  -15.579 6.085   1.00 36.59  ? 354 HOH B O   1 
HETATM 1338 O O   . HOH D 4 .   ? 23.438  -2.912  -7.034  1.00 50.31  ? 355 HOH B O   1 
HETATM 1339 O O   . HOH D 4 .   ? -4.073  8.639   -16.879 1.00 39.02  ? 356 HOH B O   1 
HETATM 1340 O O   . HOH D 4 .   ? -14.775 -5.027  -3.359  1.00 47.84  ? 357 HOH B O   1 
HETATM 1341 O O   . HOH D 4 .   ? 1.580   6.812   10.148  1.00 53.33  ? 358 HOH B O   1 
HETATM 1342 O O   . HOH D 4 .   ? -17.737 9.661   -6.779  1.00 42.14  ? 359 HOH B O   1 
HETATM 1343 O O   . HOH D 4 .   ? -16.111 11.644  -15.680 1.00 29.23  ? 360 HOH B O   1 
HETATM 1344 O O   . HOH D 4 .   ? 7.321   -4.510  15.118  1.00 44.52  ? 361 HOH B O   1 
HETATM 1345 O O   . HOH D 4 .   ? -3.352  -6.961  -11.338 1.00 41.46  ? 362 HOH B O   1 
HETATM 1346 O O   . HOH D 4 .   ? 2.528   4.104   11.111  1.00 37.90  ? 363 HOH B O   1 
HETATM 1347 O O   . HOH D 4 .   ? -0.557  -3.539  13.389  1.00 44.62  ? 364 HOH B O   1 
HETATM 1348 O O   . HOH D 4 .   ? 0.544   -10.181 13.525  1.00 48.63  ? 365 HOH B O   1 
HETATM 1349 O O   . HOH D 4 .   ? 7.650   -7.938  15.260  1.00 43.24  ? 366 HOH B O   1 
HETATM 1350 O O   . HOH D 4 .   ? -16.728 5.122   -11.793 1.00 37.74  ? 367 HOH B O   1 
HETATM 1351 O O   . HOH D 4 .   ? -3.709  -15.190 7.622   1.00 53.73  ? 368 HOH B O   1 
HETATM 1352 O O   . HOH D 4 .   ? 4.108   -12.788 14.075  1.00 59.99  ? 369 HOH B O   1 
HETATM 1353 O O   . HOH D 4 .   ? -17.981 7.923   -4.590  1.00 39.94  ? 370 HOH B O   1 
HETATM 1354 O O   . HOH D 4 .   ? 5.217   -15.953 12.275  1.00 43.89  ? 371 HOH B O   1 
HETATM 1355 O O   . HOH D 4 .   ? -10.573 15.434  2.721   1.00 78.09  ? 372 HOH B O   1 
HETATM 1356 O O   . HOH D 4 .   ? 14.665  -15.812 1.007   1.00 37.03  ? 373 HOH B O   1 
HETATM 1357 O O   . HOH D 4 .   ? 2.394   17.163  -6.553  1.00 57.32  ? 374 HOH B O   1 
HETATM 1358 O O   . HOH D 4 .   ? -3.441  8.553   7.674   1.00 43.22  ? 375 HOH B O   1 
HETATM 1359 O O   . HOH D 4 .   ? -14.530 6.471   7.792   1.00 50.33  ? 376 HOH B O   1 
HETATM 1360 O O   . HOH D 4 .   ? -6.296  -6.737  -7.360  1.00 54.78  ? 377 HOH B O   1 
HETATM 1361 O O   . HOH D 4 .   ? -9.703  13.465  -5.844  1.00 38.43  ? 378 HOH B O   1 
HETATM 1362 O O   . HOH D 4 .   ? -7.391  -11.243 -5.064  1.00 53.67  ? 379 HOH B O   1 
HETATM 1363 O O   . HOH D 4 .   ? 17.738  -12.018 7.938   1.00 33.50  ? 380 HOH B O   1 
HETATM 1364 O O   . HOH D 4 .   ? 0.555   2.024   10.616  1.00 33.13  ? 381 HOH B O   1 
HETATM 1365 O O   . HOH D 4 .   ? -3.725  -7.916  -1.927  1.00 46.55  ? 382 HOH B O   1 
HETATM 1366 O O   . HOH D 4 .   ? -15.938 11.224  -4.925  1.00 55.99  ? 383 HOH B O   1 
HETATM 1367 O O   . HOH D 4 .   ? 17.938  2.896   -0.626  1.00 39.80  ? 384 HOH B O   1 
HETATM 1368 O O   . HOH D 4 .   ? -0.465  14.440  1.381   1.00 41.59  ? 385 HOH B O   1 
HETATM 1369 O O   . HOH D 4 .   ? 1.304   9.926   6.661   1.00 36.40  ? 386 HOH B O   1 
HETATM 1370 O O   . HOH D 4 .   ? 10.008  -2.037  16.368  1.00 39.11  ? 387 HOH B O   1 
HETATM 1371 O O   . HOH D 4 .   ? 12.782  0.160   -5.995  1.00 44.32  ? 388 HOH B O   1 
HETATM 1372 O O   . HOH D 4 .   ? -19.923 0.453   5.431   1.00 48.24  ? 389 HOH B O   1 
HETATM 1373 O O   . HOH D 4 .   ? 12.470  -16.842 -2.100  1.00 39.96  ? 390 HOH B O   1 
HETATM 1374 O O   . HOH D 4 .   ? -17.197 -6.881  6.901   1.00 46.57  ? 391 HOH B O   1 
HETATM 1375 O O   . HOH D 4 .   ? 3.338   -3.518  -16.524 1.00 49.68  ? 392 HOH B O   1 
HETATM 1376 O O   . HOH D 4 .   ? -1.337  8.537   -12.555 1.00 33.48  ? 393 HOH B O   1 
HETATM 1377 O O   . HOH D 4 .   ? 7.301   8.010   -1.543  1.00 52.74  ? 394 HOH B O   1 
HETATM 1378 O O   . HOH D 4 .   ? -2.654  15.859  -13.351 1.00 38.04  ? 395 HOH B O   1 
HETATM 1379 O O   . HOH D 4 .   ? -1.954  3.942   11.381  1.00 38.55  ? 396 HOH B O   1 
HETATM 1380 O O   . HOH D 4 .   ? 6.195   13.302  -6.576  1.00 59.55  ? 397 HOH B O   1 
HETATM 1381 O O   . HOH D 4 .   ? 25.500  -4.312  -5.800  1.00 35.77  ? 398 HOH B O   1 
HETATM 1382 O O   . HOH D 4 .   ? 29.626  -3.788  -4.329  1.00 33.98  ? 399 HOH B O   1 
HETATM 1383 O O   . HOH D 4 .   ? 11.720  -2.087  -7.126  1.00 35.98  ? 400 HOH B O   1 
HETATM 1384 O O   . HOH D 4 .   ? 26.751  -0.733  1.875   1.00 36.45  ? 401 HOH B O   1 
HETATM 1385 O O   . HOH D 4 .   ? -12.805 18.236  -6.418  1.00 47.07  ? 402 HOH B O   1 
HETATM 1386 O O   . HOH D 4 .   ? -13.149 -7.311  -2.922  1.00 40.26  ? 403 HOH B O   1 
HETATM 1387 O O   . HOH D 4 .   ? -0.856  -14.592 10.077  1.00 50.12  ? 404 HOH B O   1 
HETATM 1388 O O   . HOH D 4 .   ? -2.355  7.542   -15.015 1.00 32.57  ? 405 HOH B O   1 
HETATM 1389 O O   . HOH D 4 .   ? -18.860 9.316   -10.193 1.00 29.65  ? 406 HOH B O   1 
HETATM 1390 O O   . HOH D 4 .   ? -9.376  -6.089  -7.357  1.00 32.22  ? 407 HOH B O   1 
HETATM 1391 O O   . HOH D 4 .   ? 3.392   -2.389  14.607  1.00 56.73  ? 408 HOH B O   1 
HETATM 1392 O O   . HOH D 4 .   ? -19.801 1.410   -4.581  1.00 43.48  ? 409 HOH B O   1 
HETATM 1393 O O   . HOH D 4 .   ? 13.469  -20.774 -4.049  1.00 51.64  ? 410 HOH B O   1 
HETATM 1394 O O   . HOH D 4 .   ? -5.130  -8.268  -4.491  1.00 49.94  ? 411 HOH B O   1 
HETATM 1395 O O   . HOH D 4 .   ? -2.814  16.668  0.410   1.00 63.94  ? 412 HOH B O   1 
HETATM 1396 O O   . HOH D 4 .   ? -19.041 6.582   -11.438 1.00 49.36  ? 413 HOH B O   1 
HETATM 1397 O O   . HOH D 4 .   ? 20.410  2.470   4.098   1.00 47.17  ? 414 HOH B O   1 
HETATM 1398 O O   . HOH D 4 .   ? -3.795  -15.903 1.259   1.00 55.53  ? 415 HOH B O   1 
HETATM 1399 O O   . HOH D 4 .   ? -0.118  16.532  -14.464 1.00 54.08  ? 416 HOH B O   1 
HETATM 1400 O O   . HOH D 4 .   ? 6.641   -12.254 14.868  1.00 53.96  ? 417 HOH B O   1 
HETATM 1401 O O   . HOH D 4 .   ? -12.295 -8.121  -5.384  1.00 57.06  ? 418 HOH B O   1 
HETATM 1402 O O   . HOH D 4 .   ? 15.752  -18.026 3.514   0.50 67.89  ? 419 HOH B O   1 
HETATM 1403 O O   . HOH D 4 .   ? -0.682  8.812   8.067   1.00 71.18  ? 420 HOH B O   1 
HETATM 1404 O O   . HOH D 4 .   ? 20.046  -9.056  10.053  1.00 33.77  ? 421 HOH B O   1 
HETATM 1405 O O   . HOH D 4 .   ? 8.741   -16.614 5.934   1.00 40.94  ? 422 HOH B O   1 
HETATM 1406 O O   . HOH D 4 .   ? 21.957  2.150   -0.319  1.00 51.86  ? 423 HOH B O   1 
HETATM 1407 O O   . HOH D 4 .   ? 3.233   10.704  8.708   1.00 53.52  ? 424 HOH B O   1 
HETATM 1408 O O   . HOH D 4 .   ? -16.207 -5.456  -11.260 1.00 50.23  ? 425 HOH B O   1 
HETATM 1409 O O   . HOH D 4 .   ? 8.337   10.631  7.711   1.00 69.58  ? 426 HOH B O   1 
HETATM 1410 O O   . HOH D 4 .   ? 13.144  -4.779  -7.946  1.00 47.92  ? 427 HOH B O   1 
# 
